data_6EWQ
#
_entry.id   6EWQ
#
_cell.length_a   79.008
_cell.length_b   99.324
_cell.length_c   107.608
_cell.angle_alpha   90.00
_cell.angle_beta   97.74
_cell.angle_gamma   90.00
#
_symmetry.space_group_name_H-M   'P 1 21 1'
#
loop_
_entity.id
_entity.type
_entity.pdbx_description
1 polymer 'Putative capsular polysaccharide biosynthesis protein'
2 non-polymer "PYRIDOXAL-5'-PHOSPHATE"
3 water water
#
_entity_poly.entity_id   1
_entity_poly.type   'polypeptide(L)'
_entity_poly.pdbx_seq_one_letter_code
;MASMTGMPNYNIPFSPPDITEAEITEVVDTLRSGWITTGPKTKELERRLSLYTQTPKTVCLNSATAALELILRVLEVGPG
DEVIVPAMTYTASCSVITHVGATPVMVDIQADTFEMDYDLLEQAITEKTKVIIPVELAGIVCDYDRLFQVVEKKRDFFTA
SSKWQKAFNRIVIVSDSAHALGSTYKGQPSGSIADFTSFSFHAVKNFTTAEGGSATWKANPVIDDEEMYKEFQILSLHGQ
TKDALAKMQLGSWEYDIVTPAYKCNMTDIMASLGLVQLDRYPSLLQRRKDIVDRYDSGFAGSRIHPLAHKTETVESSRHL
YITRVEGASLEERNLIIQELAKAGIASNVHYKPLPLLTAYKNLGFDMTNYPKAYAFFENEITLPLHTKLSDEEVDYIIET
FKTVSEKVLTLSKKKLAAALEHHHHHH
;
_entity_poly.pdbx_strand_id   A,B,C,D
#
# COMPACT_ATOMS: atom_id res chain seq x y z
N TYR A 10 26.24 -14.27 -3.23
CA TYR A 10 24.86 -13.93 -3.42
C TYR A 10 24.89 -12.74 -4.29
N ASN A 11 23.82 -12.42 -4.97
CA ASN A 11 23.93 -11.52 -6.12
C ASN A 11 23.42 -10.14 -5.86
N ILE A 12 24.32 -9.20 -6.07
CA ILE A 12 24.15 -7.85 -5.61
C ILE A 12 23.87 -6.92 -6.78
N PRO A 13 22.72 -6.26 -6.80
CA PRO A 13 22.42 -5.40 -7.93
C PRO A 13 23.12 -4.06 -7.75
N PHE A 14 23.25 -3.35 -8.87
CA PHE A 14 23.95 -2.07 -8.89
C PHE A 14 23.17 -0.91 -8.29
N SER A 15 21.88 -0.89 -8.55
CA SER A 15 21.04 0.26 -8.17
C SER A 15 19.54 -0.12 -8.24
N PRO A 16 19.10 -1.04 -7.36
CA PRO A 16 17.66 -1.22 -7.23
C PRO A 16 16.99 0.00 -6.61
N PRO A 17 15.70 0.21 -6.88
CA PRO A 17 14.96 1.32 -6.31
C PRO A 17 14.62 1.03 -4.83
N ASP A 18 14.61 2.06 -3.99
CA ASP A 18 14.23 1.95 -2.58
C ASP A 18 12.84 2.56 -2.34
N ILE A 19 11.83 1.70 -2.46
CA ILE A 19 10.42 2.10 -2.37
C ILE A 19 9.78 1.35 -1.22
N THR A 20 9.04 2.07 -0.39
CA THR A 20 8.34 1.53 0.76
C THR A 20 6.84 1.78 0.61
N GLU A 21 6.06 1.31 1.57
CA GLU A 21 4.61 1.49 1.57
C GLU A 21 4.18 2.94 1.66
N ALA A 22 4.94 3.77 2.35
CA ALA A 22 4.59 5.17 2.43
C ALA A 22 4.48 5.81 1.05
N GLU A 23 5.39 5.47 0.13
CA GLU A 23 5.35 5.97 -1.26
C GLU A 23 4.13 5.48 -1.99
N ILE A 24 3.77 4.22 -1.73
CA ILE A 24 2.68 3.53 -2.41
C ILE A 24 1.33 4.13 -1.98
N THR A 25 1.17 4.38 -0.69
CA THR A 25 -0.04 5.02 -0.16
C THR A 25 -0.21 6.47 -0.65
N GLU A 26 0.91 7.16 -0.91
CA GLU A 26 0.84 8.53 -1.43
C GLU A 26 0.40 8.56 -2.90
N VAL A 27 0.92 7.62 -3.69
CA VAL A 27 0.53 7.44 -5.07
C VAL A 27 -0.91 6.98 -5.17
N VAL A 28 -1.31 5.98 -4.38
CA VAL A 28 -2.71 5.55 -4.34
C VAL A 28 -3.61 6.72 -4.07
N ASP A 29 -3.18 7.62 -3.19
CA ASP A 29 -3.99 8.78 -2.78
C ASP A 29 -4.25 9.72 -3.96
N THR A 30 -3.18 9.95 -4.73
CA THR A 30 -3.25 10.72 -5.97
C THR A 30 -4.17 10.04 -6.98
N LEU A 31 -4.09 8.72 -7.05
CA LEU A 31 -4.95 7.96 -7.99
C LEU A 31 -6.44 7.95 -7.65
N ARG A 32 -6.80 8.30 -6.42
CA ARG A 32 -8.19 8.52 -6.00
C ARG A 32 -8.61 9.97 -6.06
N SER A 33 -7.69 10.89 -6.34
CA SER A 33 -8.01 12.31 -6.41
C SER A 33 -8.51 12.66 -7.84
N GLY A 34 -8.84 13.93 -8.02
CA GLY A 34 -9.15 14.43 -9.37
C GLY A 34 -7.94 14.86 -10.19
N TRP A 35 -6.74 14.71 -9.63
CA TRP A 35 -5.53 15.19 -10.25
C TRP A 35 -4.56 14.01 -10.36
N ILE A 36 -4.47 13.39 -11.53
CA ILE A 36 -3.49 12.33 -11.78
C ILE A 36 -2.26 12.79 -12.60
N THR A 37 -2.40 13.85 -13.41
CA THR A 37 -1.20 14.54 -13.99
C THR A 37 -0.96 15.79 -13.13
N THR A 38 -0.26 16.79 -13.64
CA THR A 38 0.15 17.94 -12.84
C THR A 38 -0.98 18.58 -12.03
N GLY A 39 -0.71 18.79 -10.74
CA GLY A 39 -1.73 19.27 -9.81
C GLY A 39 -1.15 19.72 -8.47
N PRO A 40 -1.93 19.62 -7.38
CA PRO A 40 -1.48 20.14 -6.08
C PRO A 40 -0.19 19.54 -5.49
N LYS A 41 0.04 18.25 -5.67
CA LYS A 41 1.25 17.61 -5.12
C LYS A 41 2.56 17.97 -5.85
N THR A 42 2.48 18.27 -7.14
CA THR A 42 3.63 18.75 -7.86
C THR A 42 3.96 20.12 -7.34
N LYS A 43 2.97 20.99 -7.15
CA LYS A 43 3.26 22.35 -6.60
C LYS A 43 3.89 22.20 -5.21
N GLU A 44 3.32 21.31 -4.38
CA GLU A 44 3.84 21.09 -3.04
C GLU A 44 5.27 20.55 -3.08
N LEU A 45 5.53 19.60 -3.99
CA LEU A 45 6.91 19.10 -4.16
C LEU A 45 7.88 20.21 -4.50
N GLU A 46 7.50 21.07 -5.44
CA GLU A 46 8.35 22.17 -5.86
C GLU A 46 8.66 23.08 -4.69
N ARG A 47 7.62 23.43 -3.93
CA ARG A 47 7.77 24.23 -2.70
C ARG A 47 8.78 23.58 -1.76
N ARG A 48 8.56 22.31 -1.41
CA ARG A 48 9.45 21.62 -0.45
C ARG A 48 10.87 21.41 -0.95
N LEU A 49 11.06 21.16 -2.27
CA LEU A 49 12.41 21.05 -2.80
C LEU A 49 13.14 22.40 -2.75
N SER A 50 12.43 23.47 -3.09
CA SER A 50 12.98 24.87 -2.96
C SER A 50 13.56 25.13 -1.58
N LEU A 51 12.85 24.69 -0.54
CA LEU A 51 13.30 24.87 0.87
C LEU A 51 14.55 24.02 1.11
N TYR A 52 14.52 22.78 0.60
CA TYR A 52 15.64 21.88 0.74
C TYR A 52 16.93 22.29 0.03
N THR A 53 16.80 22.94 -1.11
CA THR A 53 17.96 23.38 -1.93
C THR A 53 18.26 24.85 -1.73
N GLN A 54 17.47 25.54 -0.92
CA GLN A 54 17.66 26.97 -0.65
C GLN A 54 17.59 27.82 -1.90
N THR A 55 16.54 27.54 -2.69
CA THR A 55 16.25 28.33 -3.87
C THR A 55 14.84 28.85 -3.72
N PRO A 56 14.53 29.99 -4.38
CA PRO A 56 13.19 30.55 -4.25
C PRO A 56 12.12 29.72 -4.94
N LYS A 57 12.44 29.14 -6.09
CA LYS A 57 11.45 28.39 -6.85
C LYS A 57 12.07 27.19 -7.52
N THR A 58 11.22 26.20 -7.79
CA THR A 58 11.66 24.96 -8.44
C THR A 58 10.59 24.54 -9.41
N VAL A 59 11.00 24.13 -10.59
CA VAL A 59 10.08 23.60 -11.61
C VAL A 59 10.29 22.10 -11.74
N CYS A 60 9.28 21.32 -11.41
CA CYS A 60 9.36 19.86 -11.46
C CYS A 60 8.92 19.43 -12.85
N LEU A 61 9.74 18.59 -13.46
CA LEU A 61 9.56 18.10 -14.85
C LEU A 61 9.69 16.59 -14.90
N ASN A 62 9.62 16.04 -16.12
CA ASN A 62 9.62 14.61 -16.30
C ASN A 62 11.00 13.97 -16.48
N SER A 63 12.04 14.78 -16.57
CA SER A 63 13.40 14.31 -16.55
C SER A 63 14.37 15.43 -16.24
N ALA A 64 15.57 15.08 -15.79
CA ALA A 64 16.66 16.06 -15.74
C ALA A 64 17.10 16.50 -17.13
N THR A 65 17.01 15.59 -18.10
CA THR A 65 17.26 15.97 -19.48
C THR A 65 16.30 17.05 -19.91
N ALA A 66 15.03 16.91 -19.64
CA ALA A 66 14.07 17.97 -19.88
C ALA A 66 14.43 19.28 -19.21
N ALA A 67 14.84 19.23 -17.93
CA ALA A 67 15.18 20.43 -17.16
C ALA A 67 16.35 21.21 -17.72
N LEU A 68 17.43 20.48 -17.96
CA LEU A 68 18.64 21.01 -18.52
C LEU A 68 18.34 21.66 -19.88
N GLU A 69 17.63 20.97 -20.75
CA GLU A 69 17.25 21.56 -22.03
C GLU A 69 16.38 22.80 -21.91
N LEU A 70 15.41 22.79 -20.98
CA LEU A 70 14.58 23.97 -20.80
C LEU A 70 15.37 25.16 -20.27
N ILE A 71 16.39 24.92 -19.45
CA ILE A 71 17.24 26.00 -18.96
C ILE A 71 17.89 26.67 -20.14
N LEU A 72 18.49 25.87 -21.00
CA LEU A 72 19.02 26.42 -22.22
C LEU A 72 17.98 27.18 -23.07
N ARG A 73 16.78 26.66 -23.19
CA ARG A 73 15.72 27.31 -23.97
C ARG A 73 15.24 28.61 -23.37
N VAL A 74 15.23 28.70 -22.04
CA VAL A 74 14.95 29.98 -21.35
C VAL A 74 16.08 31.02 -21.56
N LEU A 75 17.33 30.60 -21.43
CA LEU A 75 18.46 31.47 -21.76
C LEU A 75 18.57 31.73 -23.29
N GLU A 76 17.77 31.01 -24.07
CA GLU A 76 17.62 31.17 -25.52
C GLU A 76 18.91 30.89 -26.25
N VAL A 77 19.69 29.99 -25.65
CA VAL A 77 20.92 29.46 -26.22
C VAL A 77 20.49 28.70 -27.50
N GLY A 78 21.18 28.97 -28.61
CA GLY A 78 20.76 28.51 -29.91
C GLY A 78 21.86 28.42 -30.93
N PRO A 79 21.48 28.33 -32.22
CA PRO A 79 22.50 28.23 -33.27
C PRO A 79 23.56 29.35 -33.18
N GLY A 80 24.83 28.97 -33.35
CA GLY A 80 25.95 29.89 -33.29
C GLY A 80 26.50 30.14 -31.90
N ASP A 81 25.77 29.71 -30.87
CA ASP A 81 26.26 29.82 -29.50
C ASP A 81 27.08 28.58 -29.19
N GLU A 82 27.94 28.71 -28.19
CA GLU A 82 28.70 27.59 -27.69
C GLU A 82 28.38 27.32 -26.22
N VAL A 83 28.44 26.05 -25.85
CA VAL A 83 28.16 25.63 -24.49
C VAL A 83 29.27 24.67 -24.13
N ILE A 84 29.91 24.93 -22.98
CA ILE A 84 31.01 24.10 -22.52
C ILE A 84 30.56 22.99 -21.59
N VAL A 85 30.99 21.78 -21.88
CA VAL A 85 30.79 20.62 -21.02
C VAL A 85 32.11 19.91 -20.86
N PRO A 86 32.24 19.15 -19.78
CA PRO A 86 33.44 18.34 -19.66
C PRO A 86 33.33 17.20 -20.63
N ALA A 87 34.50 16.71 -21.07
CA ALA A 87 34.61 15.45 -21.83
C ALA A 87 34.21 14.17 -21.05
N MET A 88 34.35 14.23 -19.72
CA MET A 88 33.98 13.12 -18.78
C MET A 88 32.60 13.38 -18.17
N THR A 89 31.55 12.98 -18.86
CA THR A 89 30.22 13.21 -18.32
C THR A 89 29.24 12.28 -19.03
N TYR A 90 27.99 12.29 -18.58
CA TYR A 90 26.93 11.49 -19.20
C TYR A 90 26.47 12.23 -20.43
N THR A 91 26.09 11.43 -21.46
CA THR A 91 25.59 11.96 -22.72
C THR A 91 24.50 13.02 -22.58
N ALA A 92 23.59 12.85 -21.63
CA ALA A 92 22.51 13.84 -21.37
C ALA A 92 22.97 15.32 -21.18
N SER A 93 24.08 15.53 -20.48
CA SER A 93 24.62 16.89 -20.28
C SER A 93 24.95 17.56 -21.61
N CYS A 94 25.42 16.77 -22.57
CA CYS A 94 25.80 17.26 -23.87
C CYS A 94 24.69 17.24 -24.92
N SER A 95 23.88 16.19 -24.95
CA SER A 95 22.79 16.04 -25.95
C SER A 95 21.87 17.27 -26.09
N VAL A 96 21.48 17.82 -24.93
CA VAL A 96 20.61 19.00 -24.88
C VAL A 96 21.23 20.25 -25.58
N ILE A 97 22.55 20.35 -25.64
CA ILE A 97 23.22 21.40 -26.37
C ILE A 97 22.86 21.28 -27.85
N THR A 98 22.98 20.09 -28.38
CA THR A 98 22.67 19.86 -29.79
C THR A 98 21.16 20.02 -30.06
N HIS A 99 20.29 19.75 -29.06
CA HIS A 99 18.82 19.90 -29.23
C HIS A 99 18.38 21.32 -29.45
N VAL A 100 19.04 22.27 -28.82
CA VAL A 100 18.76 23.70 -29.10
C VAL A 100 19.52 24.28 -30.28
N GLY A 101 20.30 23.47 -31.02
CA GLY A 101 21.08 23.93 -32.17
C GLY A 101 22.40 24.60 -31.83
N ALA A 102 22.78 24.64 -30.54
CA ALA A 102 24.06 25.18 -30.12
C ALA A 102 25.17 24.18 -30.41
N THR A 103 26.40 24.64 -30.24
CA THR A 103 27.64 23.88 -30.55
C THR A 103 28.30 23.48 -29.24
N PRO A 104 28.46 22.17 -29.02
CA PRO A 104 29.14 21.79 -27.77
C PRO A 104 30.66 22.00 -27.87
N VAL A 105 31.26 22.39 -26.76
CA VAL A 105 32.71 22.52 -26.63
C VAL A 105 33.09 21.64 -25.45
N MET A 106 33.95 20.68 -25.72
CA MET A 106 34.38 19.74 -24.70
C MET A 106 35.70 20.18 -24.04
N VAL A 107 35.77 20.08 -22.71
CA VAL A 107 36.95 20.45 -21.97
C VAL A 107 37.45 19.24 -21.22
N ASP A 108 38.75 18.94 -21.43
CA ASP A 108 39.42 17.87 -20.68
C ASP A 108 39.53 18.15 -19.17
N ILE A 109 39.78 17.08 -18.43
CA ILE A 109 39.68 17.09 -16.97
C ILE A 109 41.05 17.08 -16.32
N GLN A 110 41.06 17.23 -14.99
CA GLN A 110 42.30 17.22 -14.24
C GLN A 110 42.81 15.77 -14.06
N ALA A 111 44.03 15.66 -13.51
CA ALA A 111 44.76 14.37 -13.41
C ALA A 111 44.27 13.47 -12.27
N ASP A 112 43.74 14.10 -11.23
CA ASP A 112 43.38 13.42 -9.99
C ASP A 112 41.94 13.64 -9.63
N THR A 113 41.13 14.10 -10.57
CA THR A 113 39.69 14.25 -10.31
C THR A 113 38.95 14.37 -11.64
N PHE A 114 37.63 14.21 -11.54
CA PHE A 114 36.74 14.28 -12.70
C PHE A 114 36.53 15.71 -13.17
N GLU A 115 36.76 16.68 -12.28
CA GLU A 115 36.48 18.09 -12.58
C GLU A 115 37.24 18.58 -13.82
N MET A 116 36.65 19.48 -14.58
CA MET A 116 37.36 20.04 -15.71
C MET A 116 38.68 20.67 -15.26
N ASP A 117 39.69 20.64 -16.15
CA ASP A 117 40.91 21.47 -15.99
C ASP A 117 40.45 22.93 -16.26
N TYR A 118 40.45 23.72 -15.19
CA TYR A 118 39.92 25.07 -15.22
C TYR A 118 40.85 26.07 -15.97
N ASP A 119 42.10 25.67 -16.22
CA ASP A 119 42.94 26.44 -17.15
C ASP A 119 42.45 26.22 -18.57
N LEU A 120 42.28 24.94 -18.94
CA LEU A 120 41.75 24.57 -20.27
C LEU A 120 40.35 25.15 -20.51
N LEU A 121 39.57 25.26 -19.43
CA LEU A 121 38.25 25.90 -19.48
C LEU A 121 38.37 27.37 -19.89
N GLU A 122 39.24 28.13 -19.22
CA GLU A 122 39.50 29.51 -19.62
C GLU A 122 39.85 29.58 -21.10
N GLN A 123 40.77 28.72 -21.52
CA GLN A 123 41.25 28.67 -22.91
C GLN A 123 40.16 28.30 -23.93
N ALA A 124 39.21 27.49 -23.51
CA ALA A 124 38.06 27.09 -24.33
C ALA A 124 37.04 28.22 -24.55
N ILE A 125 36.96 29.16 -23.60
CA ILE A 125 35.95 30.24 -23.66
C ILE A 125 36.17 31.15 -24.87
N THR A 126 35.07 31.50 -25.55
CA THR A 126 35.10 32.46 -26.67
C THR A 126 33.93 33.44 -26.57
N GLU A 127 33.87 34.37 -27.52
CA GLU A 127 32.74 35.28 -27.68
C GLU A 127 31.40 34.54 -27.93
N LYS A 128 31.45 33.32 -28.48
CA LYS A 128 30.25 32.47 -28.60
C LYS A 128 29.78 31.78 -27.30
N THR A 129 30.64 31.71 -26.30
CA THR A 129 30.36 30.95 -25.08
C THR A 129 29.23 31.56 -24.25
N LYS A 130 28.13 30.83 -24.12
CA LYS A 130 26.98 31.29 -23.35
C LYS A 130 26.78 30.60 -22.01
N VAL A 131 27.16 29.33 -21.91
CA VAL A 131 26.88 28.49 -20.73
C VAL A 131 28.06 27.52 -20.50
N ILE A 132 28.35 27.26 -19.22
CA ILE A 132 29.18 26.12 -18.81
C ILE A 132 28.30 25.17 -17.99
N ILE A 133 28.35 23.89 -18.35
CA ILE A 133 27.62 22.83 -17.64
C ILE A 133 28.60 21.90 -16.96
N PRO A 134 29.02 22.24 -15.72
CA PRO A 134 29.79 21.26 -14.96
C PRO A 134 28.88 20.14 -14.43
N VAL A 135 29.43 18.94 -14.24
CA VAL A 135 28.70 17.81 -13.69
C VAL A 135 29.19 17.54 -12.30
N GLU A 136 28.26 17.35 -11.37
CA GLU A 136 28.58 17.04 -9.99
C GLU A 136 28.61 15.49 -9.81
N LEU A 137 29.68 14.89 -10.32
CA LEU A 137 29.79 13.44 -10.52
C LEU A 137 29.84 12.73 -9.22
N ALA A 138 29.04 11.68 -9.12
CA ALA A 138 28.86 10.86 -7.92
C ALA A 138 28.24 11.57 -6.72
N GLY A 139 27.90 12.84 -6.91
CA GLY A 139 27.46 13.72 -5.81
C GLY A 139 28.46 14.77 -5.37
N ILE A 140 29.66 14.71 -5.94
CA ILE A 140 30.76 15.57 -5.55
C ILE A 140 30.62 16.85 -6.33
N VAL A 141 30.39 17.96 -5.62
CA VAL A 141 30.16 19.27 -6.24
C VAL A 141 31.49 19.85 -6.67
N CYS A 142 31.45 20.52 -7.80
CA CYS A 142 32.62 21.16 -8.39
C CYS A 142 33.15 22.36 -7.62
N ASP A 143 34.33 22.78 -8.05
CA ASP A 143 35.05 23.92 -7.47
C ASP A 143 34.44 25.22 -8.02
N TYR A 144 33.32 25.64 -7.42
CA TYR A 144 32.53 26.77 -7.92
C TYR A 144 33.17 28.17 -7.66
N ASP A 145 33.98 28.31 -6.61
CA ASP A 145 34.74 29.54 -6.43
C ASP A 145 35.59 29.77 -7.67
N ARG A 146 36.32 28.73 -8.06
CA ARG A 146 37.09 28.77 -9.29
C ARG A 146 36.23 29.06 -10.53
N LEU A 147 35.17 28.29 -10.74
CA LEU A 147 34.33 28.46 -11.95
C LEU A 147 33.81 29.91 -12.11
N PHE A 148 33.34 30.50 -11.01
CA PHE A 148 32.82 31.87 -11.01
C PHE A 148 33.94 32.89 -11.26
N GLN A 149 35.15 32.61 -10.76
CA GLN A 149 36.34 33.41 -11.08
C GLN A 149 36.62 33.38 -12.59
N VAL A 150 36.50 32.21 -13.22
CA VAL A 150 36.74 32.09 -14.66
C VAL A 150 35.77 32.95 -15.49
N VAL A 151 34.48 32.95 -15.16
CA VAL A 151 33.49 33.60 -16.03
C VAL A 151 33.54 35.13 -15.86
N GLU A 152 33.77 35.59 -14.63
CA GLU A 152 34.09 36.99 -14.34
C GLU A 152 35.35 37.45 -15.08
N LYS A 153 36.38 36.60 -15.06
CA LYS A 153 37.64 36.87 -15.71
C LYS A 153 37.51 37.00 -17.25
N LYS A 154 36.63 36.19 -17.85
CA LYS A 154 36.43 36.24 -19.31
C LYS A 154 35.18 37.05 -19.69
N ARG A 155 34.68 37.88 -18.78
CA ARG A 155 33.41 38.58 -18.92
C ARG A 155 33.34 39.54 -20.12
N ASP A 156 34.49 40.04 -20.58
CA ASP A 156 34.56 40.90 -21.79
C ASP A 156 34.37 40.13 -23.08
N PHE A 157 34.68 38.84 -23.09
CA PHE A 157 34.32 37.97 -24.22
C PHE A 157 32.80 37.90 -24.45
N PHE A 158 32.02 38.00 -23.38
CA PHE A 158 30.56 37.82 -23.45
C PHE A 158 29.77 38.99 -24.09
N THR A 159 28.82 38.64 -24.95
CA THR A 159 27.82 39.58 -25.44
C THR A 159 26.44 38.94 -25.40
N ALA A 160 25.51 39.64 -24.75
CA ALA A 160 24.16 39.12 -24.43
C ALA A 160 23.15 39.22 -25.59
N SER A 161 22.82 38.08 -26.21
CA SER A 161 21.86 38.06 -27.33
C SER A 161 20.47 37.53 -26.95
N SER A 162 20.05 37.73 -25.70
CA SER A 162 18.66 37.43 -25.31
C SER A 162 18.33 38.11 -24.01
N LYS A 163 17.04 38.14 -23.69
CA LYS A 163 16.57 38.75 -22.47
C LYS A 163 17.40 38.28 -21.25
N TRP A 164 17.36 36.98 -20.95
CA TRP A 164 18.00 36.46 -19.75
C TRP A 164 19.50 36.52 -19.83
N GLN A 165 20.08 36.44 -21.02
CA GLN A 165 21.52 36.68 -21.15
C GLN A 165 21.93 38.13 -20.85
N LYS A 166 21.00 39.09 -20.91
CA LYS A 166 21.26 40.48 -20.44
C LYS A 166 21.24 40.58 -18.94
N ALA A 167 20.29 39.88 -18.31
CA ALA A 167 20.17 39.84 -16.86
C ALA A 167 21.52 39.49 -16.24
N PHE A 168 22.07 38.36 -16.65
CA PHE A 168 23.48 38.03 -16.36
C PHE A 168 24.19 38.80 -17.41
N ASN A 169 25.38 39.30 -17.17
CA ASN A 169 26.12 39.86 -18.31
C ASN A 169 27.39 39.07 -18.44
N ARG A 170 27.20 37.75 -18.37
CA ARG A 170 28.32 36.82 -18.33
C ARG A 170 27.89 35.42 -18.77
N ILE A 171 28.87 34.54 -18.88
CA ILE A 171 28.58 33.14 -19.07
C ILE A 171 27.75 32.70 -17.88
N VAL A 172 26.62 32.05 -18.18
CA VAL A 172 25.78 31.44 -17.16
C VAL A 172 26.36 30.04 -16.81
N ILE A 173 26.51 29.74 -15.53
CA ILE A 173 26.92 28.39 -15.07
C ILE A 173 25.67 27.58 -14.68
N VAL A 174 25.47 26.44 -15.34
CA VAL A 174 24.27 25.56 -15.15
C VAL A 174 24.71 24.21 -14.67
N SER A 175 24.46 23.93 -13.41
CA SER A 175 24.91 22.69 -12.82
C SER A 175 24.04 21.47 -13.27
N ASP A 176 24.69 20.50 -13.88
CA ASP A 176 24.15 19.15 -13.96
C ASP A 176 24.33 18.43 -12.59
N SER A 177 23.35 18.58 -11.72
CA SER A 177 23.34 17.91 -10.41
C SER A 177 22.37 16.66 -10.44
N ALA A 178 22.38 15.90 -11.54
CA ALA A 178 21.64 14.66 -11.58
C ALA A 178 21.99 13.74 -10.37
N HIS A 179 23.23 13.78 -9.91
CA HIS A 179 23.68 12.94 -8.86
C HIS A 179 23.73 13.62 -7.49
N ALA A 180 23.36 14.89 -7.43
CA ALA A 180 23.82 15.74 -6.33
C ALA A 180 22.74 16.45 -5.55
N LEU A 181 21.51 16.00 -5.67
CA LEU A 181 20.49 16.48 -4.71
C LEU A 181 21.00 16.11 -3.30
N GLY A 182 21.10 17.10 -2.42
CA GLY A 182 21.63 16.91 -1.11
C GLY A 182 23.12 17.12 -0.88
N SER A 183 23.90 17.24 -1.94
CA SER A 183 25.30 17.57 -1.80
C SER A 183 25.42 19.05 -1.39
N THR A 184 26.56 19.38 -0.80
CA THR A 184 26.85 20.74 -0.35
C THR A 184 28.28 21.14 -0.68
N TYR A 185 28.45 22.42 -0.97
CA TYR A 185 29.72 23.01 -1.31
C TYR A 185 29.84 24.23 -0.38
N LYS A 186 30.83 24.16 0.53
CA LYS A 186 31.08 25.18 1.56
C LYS A 186 29.83 25.46 2.39
N GLY A 187 29.15 24.35 2.75
CA GLY A 187 27.90 24.36 3.49
C GLY A 187 26.60 24.70 2.80
N GLN A 188 26.63 25.14 1.53
CA GLN A 188 25.42 25.56 0.81
C GLN A 188 24.84 24.36 0.03
N PRO A 189 23.52 24.22 -0.05
CA PRO A 189 23.00 23.12 -0.85
C PRO A 189 23.23 23.24 -2.34
N SER A 190 23.41 22.10 -2.99
CA SER A 190 23.39 22.04 -4.45
C SER A 190 22.03 22.53 -4.91
N GLY A 191 22.06 23.40 -5.92
CA GLY A 191 20.89 24.15 -6.37
C GLY A 191 21.00 25.63 -6.11
N SER A 192 21.71 25.99 -5.03
CA SER A 192 21.92 27.39 -4.63
C SER A 192 23.32 27.87 -4.99
N ILE A 193 24.09 27.05 -5.72
CA ILE A 193 25.50 27.39 -5.99
C ILE A 193 25.64 27.96 -7.40
N ALA A 194 25.35 27.14 -8.42
CA ALA A 194 25.44 27.56 -9.81
C ALA A 194 24.29 28.51 -10.15
N ASP A 195 24.34 29.12 -11.34
CA ASP A 195 23.23 30.02 -11.74
C ASP A 195 21.91 29.24 -11.93
N PHE A 196 21.94 28.17 -12.72
CA PHE A 196 20.81 27.22 -12.77
C PHE A 196 21.27 25.84 -12.38
N THR A 197 20.34 25.02 -11.90
CA THR A 197 20.69 23.62 -11.59
C THR A 197 19.57 22.73 -12.01
N SER A 198 19.89 21.62 -12.69
CA SER A 198 18.94 20.53 -12.96
C SER A 198 19.22 19.30 -12.10
N PHE A 199 18.17 18.68 -11.59
CA PHE A 199 18.27 17.44 -10.80
C PHE A 199 17.53 16.28 -11.47
N SER A 200 17.94 15.04 -11.18
CA SER A 200 17.30 13.84 -11.75
C SER A 200 16.71 13.00 -10.65
N PHE A 201 15.49 12.56 -10.89
CA PHE A 201 14.78 11.66 -9.97
C PHE A 201 14.50 10.35 -10.68
N HIS A 202 15.38 10.01 -11.59
CA HIS A 202 15.29 8.76 -12.34
C HIS A 202 15.42 7.55 -11.38
N ALA A 203 14.86 6.40 -11.76
CA ALA A 203 14.86 5.19 -10.92
C ALA A 203 16.13 4.88 -10.16
N VAL A 204 17.29 5.03 -10.81
CA VAL A 204 18.61 4.67 -10.25
C VAL A 204 19.28 5.77 -9.43
N LYS A 205 18.67 6.95 -9.36
CA LYS A 205 19.24 8.11 -8.66
C LYS A 205 18.95 8.03 -7.13
N ASN A 206 19.62 8.87 -6.34
CA ASN A 206 19.47 8.86 -4.87
C ASN A 206 18.02 9.07 -4.41
N PHE A 207 17.36 10.01 -5.07
CA PHE A 207 16.00 10.44 -4.81
C PHE A 207 15.27 10.11 -6.10
N THR A 208 14.27 9.23 -6.04
CA THR A 208 13.61 8.80 -7.25
C THR A 208 12.10 9.05 -7.32
N THR A 209 11.63 9.39 -8.52
CA THR A 209 10.24 9.34 -8.88
C THR A 209 10.01 8.38 -10.01
N ALA A 210 10.93 7.38 -10.12
CA ALA A 210 11.09 6.51 -11.27
C ALA A 210 11.55 7.23 -12.53
N GLU A 211 10.77 8.20 -12.98
CA GLU A 211 11.20 9.18 -14.01
C GLU A 211 10.79 10.55 -13.49
N GLY A 212 11.74 11.50 -13.57
CA GLY A 212 11.48 12.85 -13.17
C GLY A 212 12.73 13.66 -13.02
N GLY A 213 12.51 14.93 -12.73
CA GLY A 213 13.57 15.86 -12.39
C GLY A 213 13.08 17.28 -12.19
N SER A 214 14.03 18.21 -12.07
CA SER A 214 13.67 19.60 -11.74
C SER A 214 14.70 20.57 -12.22
N ALA A 215 14.25 21.79 -12.50
CA ALA A 215 15.11 22.93 -12.75
C ALA A 215 14.89 23.88 -11.58
N THR A 216 15.98 24.50 -11.12
CA THR A 216 15.93 25.59 -10.13
C THR A 216 17.06 26.56 -10.42
N TRP A 217 17.13 27.63 -9.63
CA TRP A 217 18.13 28.68 -9.84
C TRP A 217 18.41 29.39 -8.55
N LYS A 218 19.63 29.85 -8.32
CA LYS A 218 19.92 30.55 -7.08
C LYS A 218 19.33 31.96 -7.10
N ALA A 219 19.07 32.47 -5.89
CA ALA A 219 18.54 33.82 -5.66
C ALA A 219 19.52 34.76 -6.29
N ASN A 220 18.98 35.64 -7.13
CA ASN A 220 19.76 36.64 -7.82
C ASN A 220 18.88 37.87 -8.01
N PRO A 221 19.32 39.06 -7.54
CA PRO A 221 18.50 40.29 -7.66
C PRO A 221 17.93 40.58 -9.06
N VAL A 222 18.67 40.18 -10.09
CA VAL A 222 18.31 40.40 -11.49
C VAL A 222 17.24 39.45 -12.05
N ILE A 223 16.80 38.44 -11.29
CA ILE A 223 15.72 37.55 -11.73
C ILE A 223 14.42 37.73 -10.95
N ASP A 224 13.36 38.03 -11.68
CA ASP A 224 12.03 37.95 -11.14
C ASP A 224 11.67 36.46 -11.13
N ASP A 225 11.49 35.91 -9.94
CA ASP A 225 11.38 34.47 -9.77
C ASP A 225 10.06 33.89 -10.31
N GLU A 226 8.97 34.61 -10.09
CA GLU A 226 7.67 34.25 -10.61
C GLU A 226 7.65 34.26 -12.14
N GLU A 227 8.26 35.29 -12.72
CA GLU A 227 8.35 35.40 -14.16
C GLU A 227 9.18 34.24 -14.74
N MET A 228 10.34 33.94 -14.15
CA MET A 228 11.16 32.79 -14.52
C MET A 228 10.39 31.47 -14.36
N TYR A 229 9.68 31.28 -13.26
CA TYR A 229 8.82 30.10 -13.13
C TYR A 229 7.78 29.98 -14.26
N LYS A 230 7.06 31.06 -14.52
CA LYS A 230 6.03 31.08 -15.56
C LYS A 230 6.60 30.67 -16.90
N GLU A 231 7.75 31.25 -17.23
CA GLU A 231 8.46 30.90 -18.47
C GLU A 231 8.79 29.40 -18.62
N PHE A 232 9.35 28.79 -17.56
CA PHE A 232 9.56 27.34 -17.53
C PHE A 232 8.22 26.57 -17.76
N GLN A 233 7.17 27.00 -17.07
CA GLN A 233 5.87 26.33 -17.09
C GLN A 233 5.27 26.33 -18.45
N ILE A 234 5.29 27.51 -19.05
CA ILE A 234 4.87 27.71 -20.42
C ILE A 234 5.59 26.78 -21.39
N LEU A 235 6.92 26.70 -21.31
CA LEU A 235 7.67 25.81 -22.20
C LEU A 235 7.45 24.31 -21.95
N SER A 236 7.04 23.93 -20.73
CA SER A 236 6.81 22.52 -20.36
C SER A 236 5.46 21.97 -20.78
N LEU A 237 4.53 22.88 -21.15
CA LEU A 237 3.12 22.53 -21.37
C LEU A 237 2.69 23.23 -22.64
N HIS A 238 3.36 22.89 -23.72
CA HIS A 238 2.98 23.27 -25.09
C HIS A 238 2.93 24.76 -25.38
N GLY A 239 3.48 25.60 -24.49
CA GLY A 239 3.41 27.04 -24.69
C GLY A 239 2.08 27.63 -24.28
N GLN A 240 1.27 26.88 -23.56
CA GLN A 240 -0.06 27.32 -23.29
C GLN A 240 -0.10 28.42 -22.22
N THR A 241 -0.92 29.46 -22.41
CA THR A 241 -1.18 30.48 -21.37
C THR A 241 -2.66 30.79 -21.28
N LYS A 242 -3.08 31.36 -20.16
CA LYS A 242 -4.46 31.84 -20.00
C LYS A 242 -4.39 33.16 -19.30
N ASP A 243 -5.11 34.14 -19.82
CA ASP A 243 -5.13 35.47 -19.24
C ASP A 243 -5.95 35.51 -17.95
N ALA A 244 -5.79 36.61 -17.22
CA ALA A 244 -6.52 36.84 -15.97
C ALA A 244 -8.04 36.70 -16.15
N LEU A 245 -8.55 37.28 -17.23
CA LEU A 245 -9.98 37.21 -17.52
C LEU A 245 -10.54 35.76 -17.62
N ALA A 246 -9.93 34.92 -18.46
CA ALA A 246 -10.43 33.57 -18.73
C ALA A 246 -10.33 32.68 -17.46
N LYS A 247 -9.22 32.81 -16.72
CA LYS A 247 -9.09 32.17 -15.39
C LYS A 247 -10.17 32.54 -14.38
N MET A 248 -10.60 33.81 -14.36
CA MET A 248 -11.68 34.24 -13.44
C MET A 248 -13.04 33.71 -13.84
N GLN A 249 -13.30 33.63 -15.14
CA GLN A 249 -14.58 33.15 -15.64
C GLN A 249 -14.85 31.74 -15.17
N LEU A 250 -16.13 31.46 -14.98
CA LEU A 250 -16.58 30.18 -14.47
C LEU A 250 -16.23 29.01 -15.45
N GLY A 251 -16.49 29.20 -16.75
CA GLY A 251 -15.94 28.32 -17.78
C GLY A 251 -14.64 28.87 -18.31
N SER A 252 -13.48 28.30 -17.91
CA SER A 252 -12.16 28.91 -18.23
C SER A 252 -11.50 28.25 -19.46
N TRP A 253 -12.26 28.04 -20.52
CA TRP A 253 -11.77 27.29 -21.67
C TRP A 253 -10.66 27.98 -22.44
N GLU A 254 -10.80 29.29 -22.63
CA GLU A 254 -9.94 30.04 -23.56
C GLU A 254 -8.42 30.05 -23.15
N TYR A 255 -7.55 29.71 -24.09
CA TYR A 255 -6.11 29.75 -23.89
C TYR A 255 -5.43 30.23 -25.13
N ASP A 256 -4.20 30.69 -25.02
CA ASP A 256 -3.38 31.01 -26.20
C ASP A 256 -2.15 30.10 -26.17
N ILE A 257 -1.49 29.96 -27.29
CA ILE A 257 -0.22 29.27 -27.35
C ILE A 257 0.78 30.30 -27.84
N VAL A 258 1.73 30.70 -26.98
CA VAL A 258 2.66 31.78 -27.31
C VAL A 258 3.86 31.33 -28.12
N THR A 259 4.18 30.05 -28.07
CA THR A 259 5.33 29.52 -28.75
C THR A 259 5.10 28.00 -28.87
N PRO A 260 5.43 27.37 -30.02
CA PRO A 260 5.14 25.96 -30.12
C PRO A 260 6.12 25.16 -29.30
N ALA A 261 5.80 24.98 -28.00
CA ALA A 261 6.76 24.45 -27.03
C ALA A 261 6.56 22.95 -26.75
N TYR A 262 6.89 22.50 -25.52
CA TYR A 262 7.32 21.12 -25.26
C TYR A 262 6.33 20.49 -24.30
N LYS A 263 6.65 19.29 -23.83
CA LYS A 263 5.69 18.48 -23.11
C LYS A 263 6.49 17.66 -22.17
N CYS A 264 6.74 18.22 -20.98
CA CYS A 264 7.61 17.59 -20.02
C CYS A 264 7.27 17.94 -18.61
N ASN A 265 5.99 18.14 -18.37
CA ASN A 265 5.45 18.35 -17.02
C ASN A 265 5.52 17.08 -16.19
N MET A 266 5.59 17.25 -14.87
CA MET A 266 5.55 16.12 -13.93
C MET A 266 4.09 15.85 -13.49
N THR A 267 3.73 14.56 -13.42
CA THR A 267 2.45 14.18 -12.92
C THR A 267 2.48 14.15 -11.40
N ASP A 268 1.30 14.21 -10.77
CA ASP A 268 1.17 14.11 -9.33
C ASP A 268 1.40 12.70 -8.82
N ILE A 269 1.38 11.74 -9.73
CA ILE A 269 1.81 10.37 -9.46
C ILE A 269 3.32 10.39 -9.09
N MET A 270 4.13 11.02 -9.92
CA MET A 270 5.59 11.14 -9.66
C MET A 270 5.86 12.03 -8.49
N ALA A 271 5.12 13.12 -8.41
CA ALA A 271 5.25 14.03 -7.26
C ALA A 271 4.94 13.35 -5.91
N SER A 272 4.00 12.40 -5.91
CA SER A 272 3.64 11.63 -4.69
C SER A 272 4.85 10.89 -4.19
N LEU A 273 5.50 10.21 -5.11
CA LEU A 273 6.78 9.52 -4.81
C LEU A 273 7.76 10.48 -4.20
N GLY A 274 7.98 11.60 -4.90
CA GLY A 274 8.90 12.64 -4.48
C GLY A 274 8.64 13.23 -3.10
N LEU A 275 7.39 13.47 -2.77
CA LEU A 275 7.07 13.95 -1.43
C LEU A 275 7.55 13.03 -0.32
N VAL A 276 7.29 11.74 -0.46
CA VAL A 276 7.68 10.73 0.52
C VAL A 276 9.19 10.51 0.55
N GLN A 277 9.81 10.40 -0.64
CA GLN A 277 11.28 10.28 -0.76
C GLN A 277 11.97 11.40 0.00
N LEU A 278 11.43 12.61 -0.14
CA LEU A 278 12.03 13.81 0.43
C LEU A 278 11.92 13.77 1.95
N ASP A 279 10.82 13.19 2.46
CA ASP A 279 10.70 12.95 3.93
C ASP A 279 11.78 11.94 4.35
N ARG A 280 11.90 10.85 3.61
CA ARG A 280 12.85 9.79 3.95
C ARG A 280 14.28 10.16 3.56
N TYR A 281 14.52 11.32 2.94
CA TYR A 281 15.81 11.57 2.33
C TYR A 281 16.99 11.71 3.27
N PRO A 282 16.86 12.51 4.36
CA PRO A 282 18.01 12.63 5.32
C PRO A 282 18.46 11.26 5.85
N SER A 283 17.49 10.37 6.10
CA SER A 283 17.80 8.99 6.47
C SER A 283 18.51 8.16 5.35
N LEU A 284 18.15 8.39 4.07
CA LEU A 284 18.78 7.68 2.97
C LEU A 284 20.21 8.15 2.77
N LEU A 285 20.40 9.45 2.84
CA LEU A 285 21.73 10.06 2.85
C LEU A 285 22.67 9.50 3.95
N GLN A 286 22.16 9.39 5.16
CA GLN A 286 22.93 8.89 6.30
C GLN A 286 23.41 7.47 6.03
N ARG A 287 22.51 6.60 5.61
CA ARG A 287 22.87 5.24 5.23
C ARG A 287 23.97 5.16 4.13
N ARG A 288 23.88 6.06 3.14
CA ARG A 288 24.85 6.12 2.08
C ARG A 288 26.19 6.65 2.62
N LYS A 289 26.14 7.53 3.62
CA LYS A 289 27.36 7.90 4.39
C LYS A 289 28.00 6.67 5.10
N ASP A 290 27.17 5.85 5.75
CA ASP A 290 27.68 4.67 6.47
C ASP A 290 28.31 3.67 5.51
N ILE A 291 27.65 3.39 4.39
CA ILE A 291 28.21 2.51 3.38
C ILE A 291 29.51 3.07 2.81
N VAL A 292 29.55 4.34 2.48
CA VAL A 292 30.77 4.92 1.88
C VAL A 292 31.95 4.82 2.86
N ASP A 293 31.70 5.08 4.16
CA ASP A 293 32.75 5.04 5.16
C ASP A 293 33.30 3.62 5.35
N ARG A 294 32.41 2.63 5.33
CA ARG A 294 32.82 1.23 5.41
C ARG A 294 33.66 0.87 4.20
N TYR A 295 33.18 1.20 3.02
CA TYR A 295 33.99 1.01 1.81
C TYR A 295 35.37 1.72 1.97
N ASP A 296 35.36 2.96 2.45
CA ASP A 296 36.57 3.77 2.50
C ASP A 296 37.61 3.05 3.38
N SER A 297 37.18 2.61 4.56
CA SER A 297 38.09 1.88 5.44
C SER A 297 38.60 0.62 4.74
N GLY A 298 37.70 -0.11 4.11
CA GLY A 298 38.08 -1.31 3.39
C GLY A 298 39.18 -1.16 2.36
N PHE A 299 39.19 -0.06 1.62
CA PHE A 299 40.14 0.09 0.52
C PHE A 299 41.38 0.86 0.90
N ALA A 300 41.44 1.37 2.12
CA ALA A 300 42.59 2.18 2.54
C ALA A 300 43.82 1.31 2.49
N GLY A 301 44.91 1.84 1.97
CA GLY A 301 46.16 1.06 1.78
C GLY A 301 46.24 0.20 0.53
N SER A 302 45.08 -0.07 -0.11
CA SER A 302 45.03 -0.91 -1.30
C SER A 302 45.28 -0.12 -2.59
N ARG A 303 45.29 -0.81 -3.72
CA ARG A 303 45.36 -0.17 -5.03
C ARG A 303 44.01 0.40 -5.55
N ILE A 304 42.92 0.11 -4.85
CA ILE A 304 41.60 0.65 -5.18
C ILE A 304 41.49 2.06 -4.57
N HIS A 305 41.35 3.09 -5.42
CA HIS A 305 41.31 4.49 -5.01
C HIS A 305 39.93 5.07 -5.30
N PRO A 306 39.11 5.23 -4.25
CA PRO A 306 37.81 5.85 -4.49
C PRO A 306 37.87 7.36 -4.64
N LEU A 307 36.95 7.94 -5.41
CA LEU A 307 36.71 9.38 -5.29
C LEU A 307 36.22 9.63 -3.88
N ALA A 308 36.62 10.78 -3.36
CA ALA A 308 36.40 11.16 -1.95
C ALA A 308 35.07 11.87 -1.88
N HIS A 309 34.18 11.38 -1.03
CA HIS A 309 32.85 12.00 -0.88
C HIS A 309 32.83 13.05 0.18
N LYS A 310 33.91 13.13 0.94
CA LYS A 310 34.05 14.15 1.97
C LYS A 310 35.39 14.86 1.72
N THR A 311 35.33 16.16 1.35
CA THR A 311 36.50 17.02 1.20
C THR A 311 36.36 18.22 2.13
N GLU A 312 37.31 19.14 2.07
CA GLU A 312 37.29 20.38 2.86
C GLU A 312 36.17 21.32 2.42
N THR A 313 35.85 21.29 1.14
CA THR A 313 34.72 22.06 0.58
C THR A 313 33.43 21.26 0.36
N VAL A 314 33.51 19.95 0.18
CA VAL A 314 32.33 19.20 -0.26
C VAL A 314 31.92 18.13 0.74
N GLU A 315 30.61 18.04 0.92
CA GLU A 315 29.96 16.88 1.51
C GLU A 315 29.04 16.37 0.39
N SER A 316 29.47 15.28 -0.27
CA SER A 316 28.70 14.68 -1.32
C SER A 316 27.39 14.02 -0.86
N SER A 317 26.39 14.02 -1.73
CA SER A 317 25.22 13.18 -1.56
C SER A 317 25.54 11.67 -1.56
N ARG A 318 26.69 11.28 -2.12
CA ARG A 318 27.16 9.90 -2.10
C ARG A 318 26.25 9.03 -2.93
N HIS A 319 26.20 9.40 -4.20
CA HIS A 319 25.35 8.72 -5.20
C HIS A 319 25.99 7.52 -5.84
N LEU A 320 27.26 7.66 -6.25
CA LEU A 320 28.06 6.58 -6.89
C LEU A 320 29.41 6.35 -6.20
N TYR A 321 29.77 5.08 -5.98
CA TYR A 321 31.10 4.78 -5.41
C TYR A 321 32.05 4.58 -6.55
N ILE A 322 32.49 5.72 -7.08
CA ILE A 322 33.42 5.71 -8.14
C ILE A 322 34.80 5.36 -7.55
N THR A 323 35.47 4.38 -8.17
CA THR A 323 36.82 4.00 -7.81
C THR A 323 37.69 3.99 -9.05
N ARG A 324 39.01 4.13 -8.86
CA ARG A 324 39.94 3.77 -9.93
C ARG A 324 40.96 2.83 -9.37
N VAL A 325 41.33 1.82 -10.17
CA VAL A 325 42.34 0.81 -9.74
C VAL A 325 43.76 1.17 -10.28
N GLU A 326 44.69 1.50 -9.36
CA GLU A 326 46.07 1.86 -9.68
C GLU A 326 46.74 0.80 -10.55
N GLY A 327 47.28 1.23 -11.69
CA GLY A 327 48.07 0.35 -12.55
C GLY A 327 47.28 -0.62 -13.42
N ALA A 328 45.96 -0.41 -13.56
CA ALA A 328 45.10 -1.24 -14.41
C ALA A 328 45.02 -0.59 -15.77
N SER A 329 45.18 -1.40 -16.81
CA SER A 329 44.90 -0.99 -18.19
C SER A 329 43.41 -1.18 -18.49
N LEU A 330 43.02 -0.79 -19.70
CA LEU A 330 41.65 -0.93 -20.19
C LEU A 330 41.16 -2.38 -20.14
N GLU A 331 42.00 -3.29 -20.61
CA GLU A 331 41.68 -4.72 -20.70
C GLU A 331 41.57 -5.30 -19.32
N GLU A 332 42.50 -4.92 -18.45
CA GLU A 332 42.50 -5.43 -17.07
C GLU A 332 41.28 -4.97 -16.27
N ARG A 333 40.88 -3.71 -16.48
CA ARG A 333 39.66 -3.18 -15.88
C ARG A 333 38.44 -3.97 -16.34
N ASN A 334 38.33 -4.19 -17.64
CA ASN A 334 37.15 -4.86 -18.19
C ASN A 334 37.07 -6.29 -17.69
N LEU A 335 38.24 -6.92 -17.52
CA LEU A 335 38.34 -8.24 -16.91
C LEU A 335 37.96 -8.22 -15.45
N ILE A 336 38.37 -7.19 -14.70
CA ILE A 336 38.00 -7.10 -13.26
C ILE A 336 36.49 -7.04 -13.10
N ILE A 337 35.84 -6.20 -13.90
CA ILE A 337 34.38 -6.07 -13.88
C ILE A 337 33.70 -7.41 -14.16
N GLN A 338 34.19 -8.19 -15.13
CA GLN A 338 33.56 -9.51 -15.41
C GLN A 338 33.84 -10.50 -14.30
N GLU A 339 35.04 -10.45 -13.73
CA GLU A 339 35.32 -11.24 -12.52
C GLU A 339 34.44 -10.84 -11.33
N LEU A 340 34.14 -9.55 -11.19
CA LEU A 340 33.18 -9.09 -10.15
C LEU A 340 31.79 -9.67 -10.31
N ALA A 341 31.35 -9.81 -11.54
CA ALA A 341 30.00 -10.33 -11.83
C ALA A 341 29.95 -11.86 -11.58
N LYS A 342 31.02 -12.57 -11.95
CA LYS A 342 31.19 -13.98 -11.57
C LYS A 342 31.10 -14.23 -10.07
N ALA A 343 31.53 -13.28 -9.25
CA ALA A 343 31.34 -13.31 -7.78
C ALA A 343 30.01 -12.78 -7.26
N GLY A 344 29.08 -12.52 -8.17
CA GLY A 344 27.77 -11.94 -7.82
C GLY A 344 27.72 -10.45 -7.52
N ILE A 345 28.68 -9.70 -8.05
CA ILE A 345 28.77 -8.24 -7.80
C ILE A 345 28.61 -7.46 -9.10
N ALA A 346 27.48 -6.79 -9.21
CA ALA A 346 27.22 -5.92 -10.33
C ALA A 346 28.12 -4.67 -10.14
N SER A 347 28.60 -4.14 -11.25
CA SER A 347 29.45 -2.95 -11.22
C SER A 347 29.21 -2.19 -12.50
N ASN A 348 29.81 -1.02 -12.61
CA ASN A 348 29.54 -0.17 -13.73
C ASN A 348 30.74 0.71 -14.03
N VAL A 349 30.64 1.47 -15.13
CA VAL A 349 31.66 2.42 -15.52
C VAL A 349 31.00 3.78 -15.75
N HIS A 350 31.44 4.77 -14.99
CA HIS A 350 31.06 6.17 -15.14
C HIS A 350 32.34 6.97 -15.34
N TYR A 351 32.70 7.33 -16.58
CA TYR A 351 31.97 7.09 -17.80
C TYR A 351 32.94 6.90 -18.93
N LYS A 352 32.49 6.28 -20.02
CA LYS A 352 33.14 6.51 -21.30
C LYS A 352 33.20 8.00 -21.57
N PRO A 353 34.40 8.54 -21.87
CA PRO A 353 34.42 9.95 -22.25
C PRO A 353 33.55 10.16 -23.47
N LEU A 354 32.89 11.30 -23.55
CA LEU A 354 31.95 11.54 -24.66
C LEU A 354 32.58 11.21 -26.02
N PRO A 355 33.86 11.56 -26.25
CA PRO A 355 34.40 11.31 -27.58
C PRO A 355 34.55 9.86 -27.96
N LEU A 356 34.44 8.93 -27.01
CA LEU A 356 34.37 7.54 -27.38
C LEU A 356 33.07 7.13 -27.99
N LEU A 357 32.02 7.93 -27.81
CA LEU A 357 30.66 7.59 -28.23
C LEU A 357 30.45 7.99 -29.70
N THR A 358 29.82 7.08 -30.46
CA THR A 358 29.61 7.26 -31.93
C THR A 358 28.99 8.60 -32.29
N ALA A 359 27.99 9.04 -31.49
CA ALA A 359 27.29 10.31 -31.68
C ALA A 359 28.24 11.52 -31.67
N TYR A 360 29.21 11.52 -30.74
CA TYR A 360 30.13 12.65 -30.60
C TYR A 360 31.36 12.56 -31.54
N LYS A 361 31.78 11.34 -31.90
CA LYS A 361 32.78 11.18 -33.00
C LYS A 361 32.21 11.75 -34.28
N ASN A 362 30.98 11.33 -34.62
CA ASN A 362 30.30 11.85 -35.81
C ASN A 362 30.14 13.37 -35.85
N LEU A 363 30.22 14.03 -34.71
CA LEU A 363 30.21 15.48 -34.66
C LEU A 363 31.65 16.06 -34.62
N GLY A 364 32.66 15.23 -34.85
CA GLY A 364 34.05 15.68 -34.93
C GLY A 364 34.87 15.70 -33.66
N PHE A 365 34.33 15.23 -32.54
CA PHE A 365 35.13 15.18 -31.28
C PHE A 365 36.06 13.99 -31.33
N ASP A 366 37.31 14.18 -30.92
CA ASP A 366 38.33 13.14 -30.99
C ASP A 366 38.95 12.92 -29.63
N MET A 367 38.95 11.66 -29.23
CA MET A 367 39.42 11.24 -27.91
C MET A 367 40.87 11.69 -27.55
N THR A 368 41.75 11.75 -28.55
CA THR A 368 43.15 12.12 -28.30
C THR A 368 43.28 13.56 -27.80
N ASN A 369 42.29 14.42 -28.04
CA ASN A 369 42.28 15.79 -27.46
C ASN A 369 41.95 15.87 -25.97
N TYR A 370 41.49 14.76 -25.36
CA TYR A 370 41.07 14.73 -23.94
C TYR A 370 41.74 13.54 -23.28
N PRO A 371 43.10 13.54 -23.28
CA PRO A 371 43.84 12.41 -22.69
C PRO A 371 43.55 12.16 -21.20
N LYS A 372 43.29 13.19 -20.42
CA LYS A 372 43.00 12.98 -18.98
C LYS A 372 41.65 12.31 -18.74
N ALA A 373 40.64 12.74 -19.51
CA ALA A 373 39.33 12.09 -19.51
C ALA A 373 39.44 10.60 -19.80
N TYR A 374 40.23 10.27 -20.84
CA TYR A 374 40.45 8.89 -21.21
C TYR A 374 41.14 8.13 -20.07
N ALA A 375 42.15 8.75 -19.47
CA ALA A 375 42.89 8.14 -18.37
C ALA A 375 42.03 7.93 -17.12
N PHE A 376 41.10 8.83 -16.85
CA PHE A 376 40.11 8.58 -15.77
C PHE A 376 39.26 7.34 -16.05
N PHE A 377 38.70 7.27 -17.26
CA PHE A 377 37.87 6.17 -17.70
C PHE A 377 38.55 4.79 -17.68
N GLU A 378 39.78 4.73 -18.17
CA GLU A 378 40.50 3.48 -18.40
C GLU A 378 40.50 2.52 -17.23
N ASN A 379 40.69 3.06 -16.03
CA ASN A 379 40.78 2.21 -14.86
C ASN A 379 39.67 2.46 -13.82
N GLU A 380 38.58 3.04 -14.25
CA GLU A 380 37.51 3.41 -13.32
C GLU A 380 36.56 2.20 -13.15
N ILE A 381 36.15 1.93 -11.92
CA ILE A 381 35.12 0.96 -11.67
C ILE A 381 34.19 1.53 -10.59
N THR A 382 32.89 1.43 -10.83
CA THR A 382 31.89 1.96 -9.91
C THR A 382 31.25 0.79 -9.24
N LEU A 383 31.30 0.80 -7.91
CA LEU A 383 30.74 -0.28 -7.09
C LEU A 383 29.35 0.14 -6.71
N PRO A 384 28.49 -0.83 -6.37
CA PRO A 384 27.15 -0.54 -5.87
C PRO A 384 27.14 0.40 -4.70
N LEU A 385 26.32 1.43 -4.78
CA LEU A 385 26.10 2.32 -3.67
C LEU A 385 24.66 2.75 -3.66
N HIS A 386 23.87 2.00 -2.90
CA HIS A 386 22.44 2.22 -2.75
C HIS A 386 21.96 1.71 -1.40
N THR A 387 20.76 2.13 -0.99
CA THR A 387 20.27 1.93 0.37
C THR A 387 19.57 0.59 0.64
N LYS A 388 19.62 -0.33 -0.32
CA LYS A 388 19.29 -1.73 -0.09
C LYS A 388 20.51 -2.66 0.17
N LEU A 389 21.73 -2.13 0.14
CA LEU A 389 22.91 -2.92 0.46
C LEU A 389 23.01 -3.16 1.98
N SER A 390 23.30 -4.39 2.38
CA SER A 390 23.53 -4.73 3.77
C SER A 390 25.01 -4.54 4.07
N ASP A 391 25.37 -4.31 5.32
CA ASP A 391 26.79 -4.23 5.70
C ASP A 391 27.65 -5.44 5.31
N GLU A 392 27.04 -6.63 5.34
CA GLU A 392 27.69 -7.88 4.91
C GLU A 392 27.95 -7.92 3.43
N GLU A 393 27.03 -7.39 2.64
CA GLU A 393 27.26 -7.29 1.19
C GLU A 393 28.41 -6.33 0.91
N VAL A 394 28.48 -5.22 1.64
CA VAL A 394 29.57 -4.26 1.46
C VAL A 394 30.91 -4.96 1.81
N ASP A 395 30.95 -5.57 3.01
CA ASP A 395 32.12 -6.36 3.45
C ASP A 395 32.55 -7.33 2.35
N TYR A 396 31.59 -8.05 1.78
CA TYR A 396 31.87 -8.98 0.68
C TYR A 396 32.45 -8.31 -0.56
N ILE A 397 31.91 -7.14 -0.92
CA ILE A 397 32.39 -6.39 -2.09
C ILE A 397 33.82 -5.95 -1.88
N ILE A 398 34.07 -5.34 -0.73
CA ILE A 398 35.41 -4.90 -0.35
C ILE A 398 36.42 -6.03 -0.54
N GLU A 399 36.14 -7.16 0.08
CA GLU A 399 37.09 -8.27 0.05
C GLU A 399 37.26 -8.84 -1.37
N THR A 400 36.15 -9.09 -2.05
CA THR A 400 36.21 -9.68 -3.38
C THR A 400 36.94 -8.75 -4.35
N PHE A 401 36.60 -7.48 -4.32
CA PHE A 401 37.21 -6.48 -5.23
C PHE A 401 38.72 -6.42 -5.07
N LYS A 402 39.15 -6.42 -3.81
CA LYS A 402 40.57 -6.52 -3.47
C LYS A 402 41.21 -7.81 -3.97
N THR A 403 40.62 -8.96 -3.68
CA THR A 403 41.16 -10.23 -4.17
C THR A 403 41.15 -10.32 -5.69
N VAL A 404 40.06 -9.91 -6.34
CA VAL A 404 39.92 -9.98 -7.81
C VAL A 404 40.92 -9.08 -8.53
N SER A 405 41.12 -7.86 -8.01
CA SER A 405 42.10 -6.91 -8.58
C SER A 405 43.53 -7.47 -8.59
N GLU A 406 43.98 -7.92 -7.41
CA GLU A 406 45.30 -8.58 -7.25
C GLU A 406 45.40 -9.82 -8.16
N LYS A 407 44.36 -10.64 -8.17
CA LYS A 407 44.28 -11.79 -9.07
C LYS A 407 44.53 -11.39 -10.54
N VAL A 408 43.90 -10.30 -11.01
CA VAL A 408 44.08 -9.88 -12.41
C VAL A 408 45.50 -9.39 -12.76
N LEU A 409 47.68 -11.35 -11.77
CA LEU A 409 48.80 -10.45 -11.85
C LEU A 409 49.83 -11.17 -12.78
N THR A 410 51.14 -11.03 -12.49
CA THR A 410 52.20 -11.71 -13.25
C THR A 410 53.36 -12.18 -12.40
N TYR B 10 -26.40 19.87 -9.70
CA TYR B 10 -25.47 19.37 -10.67
C TYR B 10 -24.20 20.21 -10.79
N ASN B 11 -23.06 19.58 -10.61
CA ASN B 11 -21.79 20.15 -10.99
C ASN B 11 -21.04 19.14 -11.81
N ILE B 12 -21.15 19.29 -13.09
CA ILE B 12 -20.68 18.30 -13.98
C ILE B 12 -19.35 18.72 -14.49
N PRO B 13 -18.31 17.86 -14.16
CA PRO B 13 -17.04 18.20 -14.78
C PRO B 13 -16.91 17.71 -16.21
N PHE B 14 -15.92 18.25 -16.89
CA PHE B 14 -15.70 17.98 -18.27
C PHE B 14 -15.05 16.65 -18.61
N SER B 15 -14.06 16.29 -17.88
CA SER B 15 -13.30 15.07 -18.17
C SER B 15 -12.52 14.61 -16.92
N PRO B 16 -13.24 14.24 -15.85
CA PRO B 16 -12.52 13.59 -14.77
C PRO B 16 -11.94 12.26 -15.22
N PRO B 17 -10.84 11.84 -14.60
CA PRO B 17 -10.27 10.54 -14.85
C PRO B 17 -11.14 9.40 -14.26
N ASP B 18 -11.20 8.27 -14.96
CA ASP B 18 -11.95 7.08 -14.51
C ASP B 18 -10.94 6.02 -14.01
N ILE B 19 -10.63 6.09 -12.71
CA ILE B 19 -9.64 5.23 -12.08
C ILE B 19 -10.34 4.44 -10.98
N THR B 20 -10.12 3.14 -10.97
CA THR B 20 -10.68 2.25 -9.98
C THR B 20 -9.55 1.60 -9.19
N GLU B 21 -9.92 0.72 -8.24
CA GLU B 21 -8.93 0.02 -7.42
C GLU B 21 -8.06 -0.94 -8.20
N ALA B 22 -8.59 -1.53 -9.26
CA ALA B 22 -7.79 -2.44 -10.05
C ALA B 22 -6.52 -1.73 -10.59
N GLU B 23 -6.65 -0.47 -11.04
CA GLU B 23 -5.50 0.32 -11.50
C GLU B 23 -4.50 0.63 -10.41
N ILE B 24 -5.00 0.90 -9.21
CA ILE B 24 -4.22 1.23 -8.04
C ILE B 24 -3.43 0.02 -7.54
N THR B 25 -4.05 -1.15 -7.49
CA THR B 25 -3.35 -2.37 -7.13
C THR B 25 -2.26 -2.77 -8.15
N GLU B 26 -2.47 -2.46 -9.42
CA GLU B 26 -1.48 -2.79 -10.46
C GLU B 26 -0.25 -1.87 -10.33
N VAL B 27 -0.50 -0.61 -10.01
CA VAL B 27 0.57 0.36 -9.78
C VAL B 27 1.32 0.05 -8.49
N VAL B 28 0.59 -0.21 -7.41
CA VAL B 28 1.21 -0.71 -6.16
C VAL B 28 2.10 -1.92 -6.39
N ASP B 29 1.68 -2.84 -7.25
CA ASP B 29 2.45 -4.02 -7.57
C ASP B 29 3.79 -3.67 -8.21
N THR B 30 3.74 -2.73 -9.17
CA THR B 30 4.95 -2.20 -9.85
C THR B 30 5.88 -1.52 -8.84
N LEU B 31 5.29 -0.82 -7.88
CA LEU B 31 6.08 -0.13 -6.87
C LEU B 31 6.75 -1.04 -5.85
N ARG B 32 6.31 -2.30 -5.76
CA ARG B 32 7.01 -3.34 -4.98
C ARG B 32 7.96 -4.19 -5.81
N SER B 33 7.99 -4.01 -7.13
CA SER B 33 8.87 -4.77 -8.00
C SER B 33 10.25 -4.10 -8.09
N GLY B 34 11.13 -4.73 -8.84
CA GLY B 34 12.43 -4.13 -9.18
C GLY B 34 12.41 -3.19 -10.39
N TRP B 35 11.25 -2.97 -10.96
CA TRP B 35 11.12 -2.18 -12.15
C TRP B 35 10.08 -1.10 -11.92
N ILE B 36 10.51 0.09 -11.58
CA ILE B 36 9.60 1.24 -11.48
C ILE B 36 9.58 2.16 -12.74
N THR B 37 10.65 2.15 -13.54
CA THR B 37 10.64 2.84 -14.88
C THR B 37 10.48 1.75 -15.86
N THR B 38 10.87 1.97 -17.11
CA THR B 38 10.63 0.99 -18.22
C THR B 38 11.10 -0.42 -17.90
N GLY B 39 10.19 -1.38 -18.10
CA GLY B 39 10.44 -2.77 -17.67
C GLY B 39 9.43 -3.74 -18.26
N PRO B 40 9.17 -4.86 -17.56
CA PRO B 40 8.24 -5.88 -18.13
C PRO B 40 6.80 -5.45 -18.47
N LYS B 41 6.17 -4.60 -17.66
CA LYS B 41 4.79 -4.18 -17.89
C LYS B 41 4.62 -3.22 -19.05
N THR B 42 5.62 -2.39 -19.34
CA THR B 42 5.60 -1.58 -20.56
C THR B 42 5.71 -2.50 -21.78
N LYS B 43 6.60 -3.50 -21.77
CA LYS B 43 6.69 -4.41 -22.92
C LYS B 43 5.35 -5.14 -23.09
N GLU B 44 4.76 -5.59 -21.99
CA GLU B 44 3.49 -6.29 -22.04
C GLU B 44 2.40 -5.36 -22.57
N LEU B 45 2.39 -4.11 -22.11
CA LEU B 45 1.42 -3.13 -22.63
C LEU B 45 1.52 -2.96 -24.14
N GLU B 46 2.75 -2.81 -24.61
CA GLU B 46 3.01 -2.65 -26.04
C GLU B 46 2.48 -3.86 -26.83
N ARG B 47 2.77 -5.08 -26.35
CA ARG B 47 2.26 -6.30 -26.94
C ARG B 47 0.74 -6.27 -27.03
N ARG B 48 0.06 -6.03 -25.91
CA ARG B 48 -1.39 -6.04 -25.89
C ARG B 48 -2.02 -4.92 -26.74
N LEU B 49 -1.39 -3.74 -26.81
CA LEU B 49 -1.92 -2.66 -27.64
C LEU B 49 -1.78 -2.99 -29.11
N SER B 50 -0.65 -3.58 -29.49
CA SER B 50 -0.42 -4.12 -30.84
C SER B 50 -1.54 -5.07 -31.33
N LEU B 51 -1.99 -5.96 -30.44
CA LEU B 51 -3.09 -6.87 -30.74
C LEU B 51 -4.39 -6.09 -30.92
N TYR B 52 -4.62 -5.14 -30.04
CA TYR B 52 -5.82 -4.33 -30.06
C TYR B 52 -5.95 -3.45 -31.31
N THR B 53 -4.83 -2.95 -31.80
CA THR B 53 -4.81 -2.03 -32.93
C THR B 53 -4.45 -2.72 -34.23
N GLN B 54 -4.19 -4.01 -34.16
CA GLN B 54 -3.82 -4.81 -35.32
C GLN B 54 -2.58 -4.26 -36.01
N THR B 55 -1.57 -3.99 -35.18
CA THR B 55 -0.25 -3.60 -35.66
C THR B 55 0.77 -4.62 -35.11
N PRO B 56 1.88 -4.84 -35.85
CA PRO B 56 2.91 -5.76 -35.38
C PRO B 56 3.63 -5.32 -34.10
N LYS B 57 3.92 -4.02 -33.98
CA LYS B 57 4.64 -3.49 -32.81
C LYS B 57 4.11 -2.12 -32.39
N THR B 58 4.31 -1.81 -31.13
CA THR B 58 3.89 -0.55 -30.54
C THR B 58 4.98 -0.06 -29.60
N VAL B 59 5.32 1.21 -29.69
CA VAL B 59 6.31 1.82 -28.80
C VAL B 59 5.55 2.72 -27.81
N CYS B 60 5.62 2.36 -26.53
CA CYS B 60 4.95 3.13 -25.49
C CYS B 60 5.91 4.20 -25.00
N LEU B 61 5.39 5.43 -24.92
CA LEU B 61 6.21 6.61 -24.59
C LEU B 61 5.50 7.45 -23.52
N ASN B 62 6.09 8.60 -23.20
CA ASN B 62 5.54 9.49 -22.13
C ASN B 62 4.47 10.47 -22.55
N SER B 63 4.25 10.61 -23.84
CA SER B 63 3.22 11.45 -24.38
C SER B 63 2.95 11.14 -25.86
N ALA B 64 1.76 11.45 -26.34
CA ALA B 64 1.52 11.46 -27.79
C ALA B 64 2.33 12.51 -28.52
N THR B 65 2.59 13.63 -27.86
CA THR B 65 3.52 14.61 -28.43
C THR B 65 4.90 14.02 -28.67
N ALA B 66 5.45 13.32 -27.71
CA ALA B 66 6.68 12.58 -27.89
C ALA B 66 6.60 11.58 -29.05
N ALA B 67 5.52 10.81 -29.15
CA ALA B 67 5.38 9.78 -30.20
C ALA B 67 5.38 10.38 -31.55
N LEU B 68 4.52 11.39 -31.72
CA LEU B 68 4.39 12.08 -33.02
C LEU B 68 5.73 12.66 -33.45
N GLU B 69 6.42 13.29 -32.53
CA GLU B 69 7.73 13.86 -32.86
C GLU B 69 8.73 12.78 -33.25
N LEU B 70 8.67 11.66 -32.55
CA LEU B 70 9.59 10.58 -32.75
C LEU B 70 9.41 9.97 -34.09
N ILE B 71 8.16 9.94 -34.55
CA ILE B 71 7.81 9.44 -35.87
C ILE B 71 8.48 10.29 -36.96
N LEU B 72 8.32 11.58 -36.86
CA LEU B 72 9.05 12.47 -37.72
C LEU B 72 10.58 12.25 -37.69
N ARG B 73 11.12 12.02 -36.52
CA ARG B 73 12.52 11.86 -36.32
C ARG B 73 13.11 10.59 -36.94
N VAL B 74 12.30 9.54 -36.88
CA VAL B 74 12.53 8.30 -37.58
C VAL B 74 12.50 8.54 -39.08
N LEU B 75 11.48 9.20 -39.62
CA LEU B 75 11.43 9.48 -41.03
C LEU B 75 12.48 10.53 -41.41
N GLU B 76 13.19 11.01 -40.41
CA GLU B 76 14.18 12.06 -40.52
C GLU B 76 13.74 13.33 -41.21
N VAL B 77 12.48 13.67 -41.05
CA VAL B 77 11.86 14.91 -41.52
C VAL B 77 12.60 16.04 -40.79
N GLY B 78 13.02 17.06 -41.55
CA GLY B 78 13.90 18.09 -41.03
C GLY B 78 13.88 19.39 -41.81
N PRO B 79 14.90 20.24 -41.59
CA PRO B 79 14.86 21.58 -42.24
C PRO B 79 14.68 21.50 -43.77
N GLY B 80 13.80 22.36 -44.31
CA GLY B 80 13.48 22.38 -45.74
C GLY B 80 12.37 21.43 -46.18
N ASP B 81 11.96 20.51 -45.29
CA ASP B 81 10.88 19.60 -45.59
C ASP B 81 9.61 20.29 -45.16
N GLU B 82 8.49 19.84 -45.71
CA GLU B 82 7.18 20.36 -45.34
C GLU B 82 6.32 19.23 -44.81
N VAL B 83 5.47 19.57 -43.85
CA VAL B 83 4.57 18.64 -43.25
C VAL B 83 3.22 19.31 -43.19
N ILE B 84 2.21 18.60 -43.70
CA ILE B 84 0.86 19.13 -43.80
C ILE B 84 -0.02 18.74 -42.60
N VAL B 85 -0.66 19.75 -42.00
CA VAL B 85 -1.61 19.57 -40.92
C VAL B 85 -2.83 20.38 -41.24
N PRO B 86 -3.96 19.97 -40.66
CA PRO B 86 -5.13 20.81 -40.81
C PRO B 86 -5.01 22.01 -39.97
N ALA B 87 -5.62 23.10 -40.41
CA ALA B 87 -5.76 24.31 -39.62
C ALA B 87 -6.56 24.11 -38.32
N MET B 88 -7.49 23.15 -38.34
CA MET B 88 -8.38 22.84 -37.22
C MET B 88 -7.81 21.63 -36.49
N THR B 89 -6.91 21.88 -35.55
CA THR B 89 -6.37 20.78 -34.78
C THR B 89 -5.76 21.31 -33.51
N TYR B 90 -5.30 20.39 -32.66
CA TYR B 90 -4.61 20.78 -31.43
C TYR B 90 -3.19 21.19 -31.78
N THR B 91 -2.68 22.17 -31.01
CA THR B 91 -1.30 22.66 -31.19
C THR B 91 -0.24 21.57 -31.25
N ALA B 92 -0.39 20.50 -30.48
CA ALA B 92 0.57 19.38 -30.46
C ALA B 92 0.85 18.74 -31.85
N SER B 93 -0.18 18.58 -32.68
CA SER B 93 -0.01 18.04 -34.03
C SER B 93 0.93 18.88 -34.90
N CYS B 94 0.90 20.20 -34.70
CA CYS B 94 1.75 21.11 -35.40
C CYS B 94 3.11 21.43 -34.74
N SER B 95 3.13 21.60 -33.42
CA SER B 95 4.38 21.96 -32.68
C SER B 95 5.60 21.08 -33.04
N VAL B 96 5.35 19.79 -33.10
CA VAL B 96 6.38 18.80 -33.39
C VAL B 96 7.05 19.01 -34.76
N ILE B 97 6.32 19.59 -35.72
CA ILE B 97 6.87 19.90 -37.05
C ILE B 97 7.97 20.94 -36.87
N THR B 98 7.67 21.97 -36.07
CA THR B 98 8.66 23.00 -35.77
C THR B 98 9.84 22.49 -34.91
N HIS B 99 9.60 21.51 -34.03
CA HIS B 99 10.70 20.92 -33.25
C HIS B 99 11.76 20.24 -34.09
N VAL B 100 11.39 19.58 -35.19
CA VAL B 100 12.37 18.92 -36.05
C VAL B 100 12.95 19.87 -37.09
N GLY B 101 12.56 21.14 -37.05
CA GLY B 101 13.05 22.13 -38.00
C GLY B 101 12.34 22.13 -39.34
N ALA B 102 11.30 21.31 -39.50
CA ALA B 102 10.49 21.30 -40.72
C ALA B 102 9.53 22.48 -40.73
N THR B 103 8.89 22.68 -41.89
CA THR B 103 7.99 23.82 -42.13
C THR B 103 6.57 23.32 -42.16
N PRO B 104 5.71 23.86 -41.28
CA PRO B 104 4.32 23.41 -41.32
C PRO B 104 3.56 24.06 -42.45
N VAL B 105 2.67 23.29 -43.05
CA VAL B 105 1.76 23.78 -44.09
C VAL B 105 0.37 23.48 -43.56
N MET B 106 -0.44 24.52 -43.46
CA MET B 106 -1.79 24.37 -42.96
C MET B 106 -2.78 24.23 -44.12
N VAL B 107 -3.75 23.33 -43.96
CA VAL B 107 -4.79 23.13 -44.94
C VAL B 107 -6.15 23.35 -44.29
N ASP B 108 -6.94 24.23 -44.91
CA ASP B 108 -8.31 24.48 -44.49
C ASP B 108 -9.23 23.23 -44.61
N ILE B 109 -10.36 23.28 -43.92
CA ILE B 109 -11.23 22.14 -43.76
C ILE B 109 -12.48 22.24 -44.63
N GLN B 110 -13.28 21.18 -44.62
CA GLN B 110 -14.55 21.18 -45.34
C GLN B 110 -15.63 21.99 -44.60
N ALA B 111 -16.78 22.17 -45.26
CA ALA B 111 -17.89 23.01 -44.73
C ALA B 111 -18.75 22.34 -43.63
N ASP B 112 -18.82 21.01 -43.67
CA ASP B 112 -19.71 20.24 -42.83
C ASP B 112 -18.95 19.18 -42.03
N THR B 113 -17.63 19.34 -41.90
CA THR B 113 -16.84 18.46 -41.06
C THR B 113 -15.50 19.09 -40.76
N PHE B 114 -14.83 18.51 -39.77
CA PHE B 114 -13.49 18.93 -39.33
C PHE B 114 -12.41 18.48 -40.30
N GLU B 115 -12.69 17.49 -41.14
CA GLU B 115 -11.68 16.93 -42.03
C GLU B 115 -11.11 17.96 -43.01
N MET B 116 -9.86 17.83 -43.38
CA MET B 116 -9.29 18.75 -44.37
C MET B 116 -10.12 18.71 -45.65
N ASP B 117 -10.19 19.85 -46.35
CA ASP B 117 -10.60 19.88 -47.78
C ASP B 117 -9.50 19.19 -48.60
N TYR B 118 -9.84 18.01 -49.11
CA TYR B 118 -8.86 17.16 -49.77
C TYR B 118 -8.46 17.67 -51.17
N ASP B 119 -9.24 18.59 -51.72
CA ASP B 119 -8.78 19.30 -52.92
C ASP B 119 -7.67 20.27 -52.55
N LEU B 120 -7.90 21.07 -51.49
CA LEU B 120 -6.88 22.02 -50.97
C LEU B 120 -5.62 21.29 -50.49
N LEU B 121 -5.78 20.07 -49.99
CA LEU B 121 -4.66 19.21 -49.65
C LEU B 121 -3.81 18.86 -50.86
N GLU B 122 -4.43 18.40 -51.94
CA GLU B 122 -3.68 18.16 -53.20
C GLU B 122 -2.89 19.40 -53.60
N GLN B 123 -3.56 20.55 -53.57
CA GLN B 123 -2.99 21.84 -53.96
C GLN B 123 -1.85 22.32 -53.04
N ALA B 124 -1.91 21.94 -51.77
CA ALA B 124 -0.88 22.22 -50.81
C ALA B 124 0.42 21.38 -51.03
N ILE B 125 0.29 20.18 -51.62
CA ILE B 125 1.43 19.27 -51.76
C ILE B 125 2.51 19.85 -52.69
N THR B 126 3.78 19.70 -52.29
CA THR B 126 4.94 20.09 -53.12
C THR B 126 6.00 19.03 -53.09
N GLU B 127 7.07 19.28 -53.81
CA GLU B 127 8.32 18.47 -53.76
C GLU B 127 8.95 18.40 -52.35
N LYS B 128 8.73 19.43 -51.53
CA LYS B 128 9.13 19.39 -50.11
C LYS B 128 8.27 18.50 -49.18
N THR B 129 7.05 18.13 -49.61
CA THR B 129 6.08 17.50 -48.73
C THR B 129 6.49 16.07 -48.37
N LYS B 130 6.74 15.86 -47.07
CA LYS B 130 7.14 14.54 -46.61
C LYS B 130 6.09 13.77 -45.86
N VAL B 131 5.21 14.48 -45.15
CA VAL B 131 4.24 13.86 -44.24
C VAL B 131 2.93 14.67 -44.23
N ILE B 132 1.82 13.95 -44.11
CA ILE B 132 0.49 14.54 -43.80
C ILE B 132 0.07 13.98 -42.43
N ILE B 133 -0.33 14.87 -41.53
CA ILE B 133 -0.82 14.51 -40.21
C ILE B 133 -2.30 14.88 -40.09
N PRO B 134 -3.19 13.98 -40.51
CA PRO B 134 -4.59 14.23 -40.22
C PRO B 134 -4.85 14.02 -38.74
N VAL B 135 -5.87 14.69 -38.20
CA VAL B 135 -6.34 14.44 -36.82
C VAL B 135 -7.69 13.72 -36.79
N GLU B 136 -7.81 12.70 -35.94
CA GLU B 136 -9.02 11.90 -35.83
C GLU B 136 -9.85 12.51 -34.70
N LEU B 137 -10.44 13.64 -35.00
CA LEU B 137 -11.06 14.51 -34.01
C LEU B 137 -12.28 13.87 -33.38
N ALA B 138 -12.37 13.94 -32.07
CA ALA B 138 -13.40 13.34 -31.24
C ALA B 138 -13.49 11.81 -31.26
N GLY B 139 -12.57 11.19 -31.99
CA GLY B 139 -12.59 9.73 -32.26
C GLY B 139 -12.99 9.39 -33.67
N ILE B 140 -13.38 10.39 -34.44
CA ILE B 140 -13.89 10.17 -35.76
C ILE B 140 -12.69 10.06 -36.71
N VAL B 141 -12.50 8.90 -37.33
CA VAL B 141 -11.36 8.67 -38.21
C VAL B 141 -11.63 9.33 -39.56
N CYS B 142 -10.56 9.84 -40.16
CA CYS B 142 -10.62 10.54 -41.45
C CYS B 142 -10.87 9.61 -42.64
N ASP B 143 -11.15 10.26 -43.77
CA ASP B 143 -11.45 9.63 -45.03
C ASP B 143 -10.12 9.17 -45.65
N TYR B 144 -9.62 8.00 -45.17
CA TYR B 144 -8.30 7.50 -45.55
C TYR B 144 -8.21 6.94 -46.99
N ASP B 145 -9.32 6.43 -47.53
CA ASP B 145 -9.34 6.04 -48.94
C ASP B 145 -8.96 7.24 -49.80
N ARG B 146 -9.63 8.34 -49.56
CA ARG B 146 -9.25 9.60 -50.18
C ARG B 146 -7.79 10.00 -49.93
N LEU B 147 -7.36 10.07 -48.67
CA LEU B 147 -5.99 10.51 -48.33
C LEU B 147 -4.91 9.70 -49.02
N PHE B 148 -5.06 8.39 -49.06
CA PHE B 148 -4.14 7.52 -49.78
C PHE B 148 -4.19 7.73 -51.30
N GLN B 149 -5.35 8.04 -51.85
CA GLN B 149 -5.48 8.41 -53.26
C GLN B 149 -4.68 9.68 -53.54
N VAL B 150 -4.75 10.66 -52.65
CA VAL B 150 -4.02 11.93 -52.83
C VAL B 150 -2.50 11.73 -52.91
N VAL B 151 -1.93 10.89 -52.05
CA VAL B 151 -0.48 10.79 -51.98
C VAL B 151 0.08 9.95 -53.15
N GLU B 152 -0.64 8.90 -53.54
CA GLU B 152 -0.38 8.16 -54.78
C GLU B 152 -0.44 9.08 -55.99
N LYS B 153 -1.46 9.94 -56.01
CA LYS B 153 -1.71 10.86 -57.12
C LYS B 153 -0.59 11.88 -57.27
N LYS B 154 -0.03 12.34 -56.15
CA LYS B 154 1.08 13.32 -56.17
C LYS B 154 2.46 12.66 -55.99
N ARG B 155 2.54 11.35 -56.21
CA ARG B 155 3.73 10.54 -55.91
C ARG B 155 4.98 10.94 -56.68
N ASP B 156 4.81 11.54 -57.86
CA ASP B 156 5.96 12.06 -58.64
C ASP B 156 6.57 13.33 -58.04
N PHE B 157 5.79 14.10 -57.29
CA PHE B 157 6.34 15.24 -56.52
C PHE B 157 7.39 14.75 -55.49
N PHE B 158 7.21 13.55 -54.96
CA PHE B 158 8.04 13.05 -53.86
C PHE B 158 9.46 12.60 -54.25
N THR B 159 10.43 12.99 -53.43
CA THR B 159 11.79 12.46 -53.52
C THR B 159 12.30 12.11 -52.11
N ALA B 160 12.76 10.87 -51.97
CA ALA B 160 13.15 10.31 -50.68
C ALA B 160 14.56 10.68 -50.19
N SER B 161 14.64 11.55 -49.16
CA SER B 161 15.92 11.98 -48.63
C SER B 161 16.25 11.34 -47.29
N SER B 162 15.80 10.12 -47.06
CA SER B 162 16.27 9.37 -45.89
C SER B 162 15.95 7.90 -46.06
N LYS B 163 16.56 7.07 -45.24
CA LYS B 163 16.33 5.63 -45.26
C LYS B 163 14.84 5.28 -45.32
N TRP B 164 14.09 5.68 -44.29
CA TRP B 164 12.67 5.31 -44.23
C TRP B 164 11.82 6.02 -45.26
N GLN B 165 12.22 7.20 -45.69
CA GLN B 165 11.52 7.82 -46.82
C GLN B 165 11.71 7.05 -48.15
N LYS B 166 12.76 6.22 -48.27
CA LYS B 166 12.97 5.33 -49.44
C LYS B 166 12.05 4.14 -49.38
N ALA B 167 11.89 3.59 -48.17
CA ALA B 167 11.00 2.48 -47.96
C ALA B 167 9.61 2.77 -48.53
N PHE B 168 9.02 3.88 -48.08
CA PHE B 168 7.83 4.44 -48.72
C PHE B 168 8.43 5.18 -49.87
N ASN B 169 7.78 5.28 -51.00
CA ASN B 169 8.33 6.22 -52.00
C ASN B 169 7.29 7.26 -52.26
N ARG B 170 6.75 7.76 -51.15
CA ARG B 170 5.64 8.64 -51.18
C ARG B 170 5.54 9.47 -49.89
N ILE B 171 4.61 10.42 -49.87
CA ILE B 171 4.25 11.12 -48.64
C ILE B 171 3.77 10.08 -47.65
N VAL B 172 4.35 10.10 -46.46
CA VAL B 172 3.92 9.24 -45.36
C VAL B 172 2.71 9.89 -44.66
N ILE B 173 1.66 9.13 -44.44
CA ILE B 173 0.51 9.62 -43.69
C ILE B 173 0.65 9.16 -42.24
N VAL B 174 0.67 10.12 -41.30
CA VAL B 174 0.85 9.85 -39.86
C VAL B 174 -0.38 10.31 -39.11
N SER B 175 -1.14 9.37 -38.58
CA SER B 175 -2.36 9.71 -37.91
C SER B 175 -2.13 10.25 -36.47
N ASP B 176 -2.60 11.46 -36.23
CA ASP B 176 -2.84 11.94 -34.86
C ASP B 176 -4.15 11.31 -34.33
N SER B 177 -4.06 10.14 -33.73
CA SER B 177 -5.17 9.49 -33.09
C SER B 177 -5.13 9.66 -31.55
N ALA B 178 -4.76 10.83 -31.09
CA ALA B 178 -4.86 11.13 -29.64
C ALA B 178 -6.26 10.84 -29.06
N HIS B 179 -7.29 11.05 -29.86
CA HIS B 179 -8.67 10.82 -29.45
C HIS B 179 -9.27 9.45 -29.91
N ALA B 180 -8.49 8.59 -30.60
CA ALA B 180 -9.09 7.58 -31.44
C ALA B 180 -8.66 6.16 -31.16
N LEU B 181 -8.05 5.92 -30.02
CA LEU B 181 -7.77 4.52 -29.63
C LEU B 181 -9.13 3.83 -29.58
N GLY B 182 -9.28 2.75 -30.36
CA GLY B 182 -10.56 2.04 -30.43
C GLY B 182 -11.53 2.43 -31.53
N SER B 183 -11.29 3.55 -32.22
CA SER B 183 -12.08 3.92 -33.40
C SER B 183 -11.73 2.98 -34.55
N THR B 184 -12.63 2.89 -35.50
CA THR B 184 -12.48 2.04 -36.66
C THR B 184 -12.95 2.73 -37.91
N TYR B 185 -12.29 2.41 -39.01
CA TYR B 185 -12.60 2.95 -40.30
C TYR B 185 -12.69 1.72 -41.22
N LYS B 186 -13.88 1.54 -41.77
CA LYS B 186 -14.23 0.39 -42.62
C LYS B 186 -13.88 -0.93 -41.94
N GLY B 187 -14.19 -0.98 -40.64
CA GLY B 187 -13.92 -2.13 -39.80
C GLY B 187 -12.52 -2.34 -39.25
N GLN B 188 -11.53 -1.58 -39.69
CA GLN B 188 -10.14 -1.76 -39.26
C GLN B 188 -9.83 -0.87 -38.06
N PRO B 189 -9.03 -1.34 -37.10
CA PRO B 189 -8.71 -0.45 -35.98
C PRO B 189 -7.82 0.73 -36.34
N SER B 190 -8.04 1.83 -35.64
CA SER B 190 -7.13 2.98 -35.70
C SER B 190 -5.79 2.49 -35.22
N GLY B 191 -4.76 2.86 -35.97
CA GLY B 191 -3.40 2.34 -35.80
C GLY B 191 -2.96 1.49 -36.98
N SER B 192 -3.93 0.82 -37.63
CA SER B 192 -3.67 -0.04 -38.78
C SER B 192 -4.05 0.62 -40.09
N ILE B 193 -4.42 1.89 -40.05
CA ILE B 193 -4.97 2.55 -41.25
C ILE B 193 -3.89 3.43 -41.87
N ALA B 194 -3.42 4.45 -41.13
CA ALA B 194 -2.38 5.36 -41.63
C ALA B 194 -1.00 4.68 -41.60
N ASP B 195 0.01 5.32 -42.16
CA ASP B 195 1.36 4.69 -42.18
C ASP B 195 1.94 4.61 -40.76
N PHE B 196 1.89 5.71 -40.04
CA PHE B 196 2.17 5.71 -38.60
C PHE B 196 1.00 6.31 -37.82
N THR B 197 0.88 5.92 -36.57
CA THR B 197 -0.16 6.48 -35.73
C THR B 197 0.39 6.71 -34.36
N SER B 198 0.09 7.87 -33.79
CA SER B 198 0.34 8.17 -32.38
C SER B 198 -0.92 8.26 -31.59
N PHE B 199 -0.85 7.76 -30.37
CA PHE B 199 -2.02 7.75 -29.44
C PHE B 199 -1.65 8.49 -28.16
N SER B 200 -2.65 9.06 -27.53
CA SER B 200 -2.47 9.74 -26.23
C SER B 200 -3.22 9.07 -25.12
N PHE B 201 -2.53 8.92 -23.99
CA PHE B 201 -3.07 8.33 -22.77
C PHE B 201 -3.06 9.38 -21.66
N HIS B 202 -3.16 10.64 -22.06
CA HIS B 202 -3.20 11.74 -21.14
C HIS B 202 -4.44 11.63 -20.22
N ALA B 203 -4.35 12.19 -19.02
CA ALA B 203 -5.43 12.15 -18.03
C ALA B 203 -6.86 12.30 -18.57
N VAL B 204 -7.10 13.27 -19.48
CA VAL B 204 -8.44 13.56 -20.05
C VAL B 204 -8.89 12.70 -21.27
N LYS B 205 -8.02 11.82 -21.74
CA LYS B 205 -8.29 11.00 -22.92
C LYS B 205 -9.14 9.73 -22.52
N ASN B 206 -9.66 9.02 -23.52
CA ASN B 206 -10.52 7.80 -23.28
C ASN B 206 -9.85 6.71 -22.46
N PHE B 207 -8.58 6.49 -22.78
CA PHE B 207 -7.69 5.51 -22.21
C PHE B 207 -6.57 6.33 -21.58
N THR B 208 -6.41 6.28 -20.26
CA THR B 208 -5.41 7.11 -19.64
C THR B 208 -4.34 6.37 -18.82
N THR B 209 -3.13 6.94 -18.86
CA THR B 209 -2.05 6.59 -17.95
C THR B 209 -1.60 7.83 -17.18
N ALA B 210 -2.53 8.79 -17.04
CA ALA B 210 -2.29 10.16 -16.59
C ALA B 210 -1.42 11.00 -17.53
N GLU B 211 -0.21 10.53 -17.82
CA GLU B 211 0.60 11.03 -18.92
C GLU B 211 1.14 9.79 -19.65
N GLY B 212 1.02 9.80 -20.96
CA GLY B 212 1.55 8.75 -21.78
C GLY B 212 1.06 8.79 -23.19
N GLY B 213 1.59 7.88 -23.98
CA GLY B 213 1.12 7.63 -25.34
C GLY B 213 1.88 6.53 -26.05
N SER B 214 1.66 6.41 -27.33
CA SER B 214 2.36 5.40 -28.10
C SER B 214 2.50 5.77 -29.55
N ALA B 215 3.51 5.18 -30.20
CA ALA B 215 3.66 5.20 -31.65
C ALA B 215 3.52 3.78 -32.14
N THR B 216 2.84 3.62 -33.28
CA THR B 216 2.69 2.32 -33.96
C THR B 216 2.60 2.60 -35.47
N TRP B 217 2.54 1.53 -36.24
CA TRP B 217 2.59 1.62 -37.70
C TRP B 217 1.97 0.39 -38.31
N LYS B 218 1.29 0.54 -39.42
CA LYS B 218 0.61 -0.61 -39.99
C LYS B 218 1.65 -1.53 -40.61
N ALA B 219 1.24 -2.80 -40.73
CA ALA B 219 2.01 -3.83 -41.41
C ALA B 219 2.25 -3.40 -42.84
N ASN B 220 3.51 -3.45 -43.21
CA ASN B 220 3.95 -3.04 -44.54
C ASN B 220 5.19 -3.88 -44.87
N PRO B 221 5.17 -4.60 -46.00
CA PRO B 221 6.30 -5.47 -46.37
C PRO B 221 7.68 -4.81 -46.34
N VAL B 222 7.72 -3.51 -46.66
CA VAL B 222 8.96 -2.73 -46.70
C VAL B 222 9.57 -2.35 -45.33
N ILE B 223 8.87 -2.62 -44.22
CA ILE B 223 9.39 -2.28 -42.89
C ILE B 223 9.76 -3.53 -42.12
N ASP B 224 11.02 -3.58 -41.71
CA ASP B 224 11.46 -4.54 -40.72
C ASP B 224 10.96 -3.97 -39.38
N ASP B 225 10.05 -4.70 -38.74
CA ASP B 225 9.33 -4.19 -37.56
C ASP B 225 10.22 -4.08 -36.31
N GLU B 226 11.08 -5.08 -36.12
CA GLU B 226 12.02 -5.09 -35.03
C GLU B 226 12.99 -3.92 -35.18
N GLU B 227 13.46 -3.70 -36.40
CA GLU B 227 14.41 -2.64 -36.67
C GLU B 227 13.75 -1.31 -36.37
N MET B 228 12.54 -1.11 -36.86
CA MET B 228 11.75 0.11 -36.56
C MET B 228 11.50 0.28 -35.05
N TYR B 229 11.14 -0.77 -34.36
CA TYR B 229 11.01 -0.72 -32.91
C TYR B 229 12.33 -0.29 -32.23
N LYS B 230 13.44 -0.93 -32.59
CA LYS B 230 14.76 -0.58 -32.02
C LYS B 230 15.05 0.92 -32.23
N GLU B 231 14.78 1.41 -33.43
CA GLU B 231 15.02 2.82 -33.77
C GLU B 231 14.26 3.79 -32.86
N PHE B 232 12.98 3.50 -32.63
CA PHE B 232 12.16 4.27 -31.70
C PHE B 232 12.76 4.21 -30.31
N GLN B 233 13.14 3.00 -29.89
CA GLN B 233 13.67 2.79 -28.54
C GLN B 233 14.95 3.58 -28.30
N ILE B 234 15.84 3.48 -29.28
CA ILE B 234 17.09 4.24 -29.29
C ILE B 234 16.88 5.74 -29.12
N LEU B 235 15.96 6.29 -29.91
CA LEU B 235 15.64 7.73 -29.79
C LEU B 235 14.95 8.15 -28.48
N SER B 236 14.22 7.23 -27.83
CA SER B 236 13.50 7.53 -26.60
C SER B 236 14.38 7.49 -25.31
N LEU B 237 15.57 6.91 -25.43
CA LEU B 237 16.43 6.61 -24.30
C LEU B 237 17.86 7.04 -24.64
N HIS B 238 17.99 8.33 -24.92
CA HIS B 238 19.28 9.02 -25.10
C HIS B 238 20.16 8.50 -26.24
N GLY B 239 19.63 7.69 -27.16
CA GLY B 239 20.44 7.13 -28.23
C GLY B 239 21.26 5.94 -27.82
N GLN B 240 20.98 5.39 -26.65
CA GLN B 240 21.81 4.33 -26.11
C GLN B 240 21.63 2.98 -26.82
N THR B 241 22.72 2.27 -27.13
CA THR B 241 22.66 0.89 -27.66
C THR B 241 23.65 -0.01 -26.96
N GLY B 251 27.53 -9.88 -17.28
CA GLY B 251 28.28 -8.67 -16.94
C GLY B 251 28.37 -7.69 -18.12
N SER B 252 27.42 -6.76 -18.21
CA SER B 252 27.16 -5.99 -19.44
C SER B 252 27.18 -4.44 -19.36
N TRP B 253 28.24 -3.86 -18.81
CA TRP B 253 28.29 -2.38 -18.62
C TRP B 253 28.31 -1.56 -19.91
N GLU B 254 29.06 -2.06 -20.90
CA GLU B 254 29.36 -1.31 -22.12
C GLU B 254 28.13 -0.93 -22.98
N TYR B 255 28.05 0.35 -23.35
CA TYR B 255 27.01 0.86 -24.24
C TYR B 255 27.62 1.91 -25.13
N ASP B 256 26.98 2.19 -26.26
CA ASP B 256 27.38 3.31 -27.11
C ASP B 256 26.20 4.26 -27.21
N ILE B 257 26.45 5.48 -27.65
CA ILE B 257 25.39 6.43 -27.88
C ILE B 257 25.55 6.78 -29.34
N VAL B 258 24.57 6.38 -30.18
CA VAL B 258 24.68 6.56 -31.62
C VAL B 258 24.24 7.94 -32.12
N THR B 259 23.43 8.65 -31.34
CA THR B 259 22.90 9.96 -31.73
C THR B 259 22.41 10.67 -30.46
N PRO B 260 22.63 11.98 -30.31
CA PRO B 260 22.37 12.56 -29.00
C PRO B 260 20.87 12.78 -28.92
N ALA B 261 20.18 11.74 -28.48
CA ALA B 261 18.72 11.64 -28.61
C ALA B 261 17.98 12.05 -27.34
N TYR B 262 16.77 11.48 -27.11
CA TYR B 262 15.72 12.13 -26.32
C TYR B 262 15.42 11.28 -25.14
N LYS B 263 14.37 11.62 -24.38
CA LYS B 263 14.12 11.02 -23.10
C LYS B 263 12.65 11.07 -22.95
N CYS B 264 12.00 10.01 -23.40
CA CYS B 264 10.54 9.96 -23.38
C CYS B 264 9.99 8.56 -23.29
N ASN B 265 10.70 7.71 -22.58
CA ASN B 265 10.25 6.38 -22.28
C ASN B 265 9.11 6.38 -21.34
N MET B 266 8.30 5.30 -21.38
CA MET B 266 7.19 5.13 -20.42
C MET B 266 7.65 4.26 -19.21
N THR B 267 7.21 4.63 -18.01
CA THR B 267 7.53 3.89 -16.84
C THR B 267 6.51 2.77 -16.68
N ASP B 268 6.88 1.75 -15.90
CA ASP B 268 5.98 0.63 -15.59
C ASP B 268 4.87 1.06 -14.63
N ILE B 269 5.04 2.24 -14.02
CA ILE B 269 3.98 2.86 -13.25
C ILE B 269 2.83 3.25 -14.19
N MET B 270 3.14 3.95 -15.28
CA MET B 270 2.14 4.30 -16.29
C MET B 270 1.61 3.08 -17.04
N ALA B 271 2.50 2.16 -17.39
CA ALA B 271 2.08 0.95 -18.04
C ALA B 271 1.10 0.11 -17.20
N SER B 272 1.26 0.13 -15.86
CA SER B 272 0.35 -0.59 -14.96
C SER B 272 -1.08 -0.07 -15.13
N LEU B 273 -1.21 1.24 -15.14
CA LEU B 273 -2.48 1.90 -15.40
C LEU B 273 -3.04 1.42 -16.71
N GLY B 274 -2.22 1.53 -17.76
CA GLY B 274 -2.57 1.10 -19.11
C GLY B 274 -3.05 -0.34 -19.23
N LEU B 275 -2.39 -1.26 -18.53
CA LEU B 275 -2.80 -2.66 -18.61
C LEU B 275 -4.24 -2.84 -18.17
N VAL B 276 -4.57 -2.24 -17.02
CA VAL B 276 -5.89 -2.32 -16.43
C VAL B 276 -6.92 -1.56 -17.27
N GLN B 277 -6.61 -0.34 -17.70
CA GLN B 277 -7.49 0.46 -18.61
C GLN B 277 -7.88 -0.31 -19.86
N LEU B 278 -6.91 -1.00 -20.42
CA LEU B 278 -7.11 -1.81 -21.62
C LEU B 278 -8.03 -3.00 -21.35
N ASP B 279 -7.97 -3.60 -20.15
CA ASP B 279 -8.94 -4.65 -19.77
C ASP B 279 -10.33 -4.07 -19.64
N ARG B 280 -10.43 -2.92 -19.01
CA ARG B 280 -11.74 -2.27 -18.83
C ARG B 280 -12.22 -1.56 -20.10
N TYR B 281 -11.43 -1.52 -21.17
CA TYR B 281 -11.68 -0.55 -22.26
C TYR B 281 -12.94 -0.81 -23.09
N PRO B 282 -13.19 -2.08 -23.50
CA PRO B 282 -14.43 -2.40 -24.21
C PRO B 282 -15.70 -1.95 -23.45
N SER B 283 -15.69 -2.14 -22.13
CA SER B 283 -16.77 -1.63 -21.28
C SER B 283 -16.86 -0.08 -21.19
N LEU B 284 -15.72 0.63 -21.23
CA LEU B 284 -15.72 2.10 -21.22
C LEU B 284 -16.27 2.62 -22.55
N LEU B 285 -15.81 2.03 -23.65
CA LEU B 285 -16.34 2.33 -24.99
C LEU B 285 -17.85 2.19 -25.12
N GLN B 286 -18.38 1.06 -24.59
CA GLN B 286 -19.81 0.78 -24.63
C GLN B 286 -20.61 1.87 -23.90
N ARG B 287 -20.17 2.23 -22.69
CA ARG B 287 -20.77 3.33 -21.94
C ARG B 287 -20.75 4.66 -22.69
N ARG B 288 -19.67 4.95 -23.40
CA ARG B 288 -19.55 6.17 -24.18
C ARG B 288 -20.50 6.11 -25.41
N LYS B 289 -20.69 4.92 -25.95
CA LYS B 289 -21.75 4.68 -26.98
C LYS B 289 -23.16 5.00 -26.42
N ASP B 290 -23.45 4.51 -25.22
CA ASP B 290 -24.75 4.77 -24.60
C ASP B 290 -24.99 6.25 -24.34
N ILE B 291 -24.00 6.95 -23.78
CA ILE B 291 -24.11 8.40 -23.58
C ILE B 291 -24.28 9.15 -24.90
N VAL B 292 -23.48 8.80 -25.93
CA VAL B 292 -23.59 9.51 -27.22
C VAL B 292 -24.95 9.34 -27.85
N ASP B 293 -25.53 8.11 -27.76
CA ASP B 293 -26.85 7.85 -28.33
C ASP B 293 -27.99 8.61 -27.61
N ARG B 294 -27.93 8.67 -26.27
CA ARG B 294 -28.83 9.50 -25.50
C ARG B 294 -28.72 10.98 -25.91
N TYR B 295 -27.50 11.51 -25.97
CA TYR B 295 -27.28 12.89 -26.45
C TYR B 295 -27.88 13.09 -27.85
N ASP B 296 -27.61 12.12 -28.73
CA ASP B 296 -28.03 12.21 -30.12
C ASP B 296 -29.55 12.34 -30.22
N SER B 297 -30.26 11.47 -29.52
CA SER B 297 -31.73 11.57 -29.47
C SER B 297 -32.15 12.90 -28.91
N GLY B 298 -31.53 13.34 -27.82
CA GLY B 298 -31.88 14.64 -27.22
C GLY B 298 -31.84 15.83 -28.18
N PHE B 299 -30.85 15.87 -29.06
CA PHE B 299 -30.59 17.09 -29.87
C PHE B 299 -31.22 16.98 -31.22
N ALA B 300 -31.80 15.83 -31.54
CA ALA B 300 -32.45 15.65 -32.84
C ALA B 300 -33.57 16.65 -33.00
N GLY B 301 -33.64 17.29 -34.17
CA GLY B 301 -34.63 18.36 -34.40
C GLY B 301 -34.25 19.76 -33.92
N SER B 302 -33.28 19.86 -33.00
CA SER B 302 -32.85 21.16 -32.42
C SER B 302 -31.78 21.85 -33.28
N ARG B 303 -31.37 23.03 -32.82
CA ARG B 303 -30.29 23.78 -33.48
C ARG B 303 -28.88 23.26 -33.09
N ILE B 304 -28.80 22.37 -32.10
CA ILE B 304 -27.54 21.81 -31.68
C ILE B 304 -27.21 20.64 -32.60
N HIS B 305 -26.10 20.73 -33.33
CA HIS B 305 -25.70 19.73 -34.37
C HIS B 305 -24.40 19.03 -33.97
N PRO B 306 -24.49 17.83 -33.45
CA PRO B 306 -23.27 17.12 -33.06
C PRO B 306 -22.54 16.52 -34.26
N LEU B 307 -21.23 16.41 -34.17
CA LEU B 307 -20.51 15.56 -35.06
C LEU B 307 -21.01 14.17 -34.82
N ALA B 308 -21.03 13.40 -35.90
CA ALA B 308 -21.65 12.05 -35.92
C ALA B 308 -20.60 11.01 -35.57
N HIS B 309 -20.84 10.18 -34.55
CA HIS B 309 -19.83 9.21 -34.11
C HIS B 309 -20.02 7.88 -34.78
N LYS B 310 -21.12 7.77 -35.51
CA LYS B 310 -21.40 6.58 -36.26
C LYS B 310 -21.74 7.03 -37.66
N THR B 311 -20.87 6.67 -38.61
CA THR B 311 -21.10 6.88 -40.06
C THR B 311 -21.03 5.53 -40.78
N GLU B 312 -21.16 5.55 -42.11
CA GLU B 312 -21.07 4.33 -42.94
C GLU B 312 -19.69 3.73 -42.94
N THR B 313 -18.69 4.61 -42.85
CA THR B 313 -17.28 4.19 -42.72
C THR B 313 -16.69 4.17 -41.29
N VAL B 314 -17.23 4.94 -40.35
CA VAL B 314 -16.58 5.10 -39.09
C VAL B 314 -17.47 4.67 -37.94
N GLU B 315 -16.86 3.98 -36.99
CA GLU B 315 -17.37 3.81 -35.64
C GLU B 315 -16.32 4.49 -34.75
N SER B 316 -16.67 5.69 -34.27
CA SER B 316 -15.78 6.43 -33.42
C SER B 316 -15.57 5.78 -32.04
N SER B 317 -14.39 5.99 -31.47
CA SER B 317 -14.17 5.76 -30.03
C SER B 317 -15.06 6.61 -29.11
N ARG B 318 -15.60 7.74 -29.62
CA ARG B 318 -16.53 8.59 -28.88
C ARG B 318 -15.84 9.21 -27.68
N HIS B 319 -14.81 9.96 -28.04
CA HIS B 319 -14.00 10.68 -27.09
C HIS B 319 -14.57 12.03 -26.66
N LEU B 320 -15.00 12.85 -27.63
CA LEU B 320 -15.53 14.19 -27.39
C LEU B 320 -16.91 14.33 -28.02
N TYR B 321 -17.85 14.95 -27.30
CA TYR B 321 -19.11 15.27 -27.92
C TYR B 321 -19.03 16.66 -28.50
N ILE B 322 -18.46 16.72 -29.68
CA ILE B 322 -18.35 17.99 -30.37
C ILE B 322 -19.72 18.35 -30.97
N THR B 323 -20.21 19.56 -30.68
CA THR B 323 -21.43 20.10 -31.26
C THR B 323 -21.15 21.45 -31.92
N ARG B 324 -21.96 21.82 -32.90
CA ARG B 324 -22.02 23.25 -33.35
C ARG B 324 -23.44 23.74 -33.29
N VAL B 325 -23.63 24.98 -32.82
CA VAL B 325 -24.97 25.56 -32.64
C VAL B 325 -25.32 26.43 -33.85
N GLU B 326 -26.32 26.00 -34.62
CA GLU B 326 -26.80 26.73 -35.82
C GLU B 326 -27.14 28.18 -35.51
N GLY B 327 -26.55 29.10 -36.27
CA GLY B 327 -26.88 30.51 -36.17
C GLY B 327 -26.29 31.25 -34.98
N ALA B 328 -25.28 30.66 -34.30
CA ALA B 328 -24.55 31.31 -33.21
C ALA B 328 -23.30 32.00 -33.76
N SER B 329 -23.11 33.24 -33.35
CA SER B 329 -21.86 33.97 -33.60
C SER B 329 -20.82 33.61 -32.50
N LEU B 330 -19.62 34.16 -32.63
CA LEU B 330 -18.53 33.96 -31.68
C LEU B 330 -18.92 34.38 -30.25
N GLU B 331 -19.53 35.55 -30.15
CA GLU B 331 -19.93 36.13 -28.88
C GLU B 331 -21.00 35.29 -28.28
N GLU B 332 -21.96 34.89 -29.11
CA GLU B 332 -23.11 34.10 -28.61
C GLU B 332 -22.66 32.73 -28.08
N ARG B 333 -21.73 32.11 -28.78
CA ARG B 333 -21.14 30.86 -28.35
C ARG B 333 -20.45 31.02 -27.00
N ASN B 334 -19.63 32.05 -26.86
CA ASN B 334 -18.85 32.25 -25.64
C ASN B 334 -19.79 32.53 -24.47
N LEU B 335 -20.88 33.23 -24.75
CA LEU B 335 -21.95 33.41 -23.76
C LEU B 335 -22.64 32.11 -23.38
N ILE B 336 -22.87 31.25 -24.36
CA ILE B 336 -23.59 29.99 -24.10
C ILE B 336 -22.77 29.14 -23.13
N ILE B 337 -21.46 29.06 -23.40
CA ILE B 337 -20.55 28.30 -22.57
C ILE B 337 -20.58 28.83 -21.12
N GLN B 338 -20.62 30.14 -20.92
CA GLN B 338 -20.62 30.70 -19.56
C GLN B 338 -21.97 30.50 -18.89
N GLU B 339 -23.04 30.60 -19.66
CA GLU B 339 -24.35 30.17 -19.17
C GLU B 339 -24.44 28.68 -18.82
N LEU B 340 -23.77 27.83 -19.59
CA LEU B 340 -23.68 26.39 -19.23
C LEU B 340 -22.99 26.16 -17.85
N ALA B 341 -22.00 26.96 -17.54
CA ALA B 341 -21.20 26.78 -16.31
C ALA B 341 -22.02 27.31 -15.14
N LYS B 342 -22.75 28.40 -15.36
CA LYS B 342 -23.78 28.84 -14.36
C LYS B 342 -24.81 27.78 -13.99
N ALA B 343 -25.14 26.89 -14.92
CA ALA B 343 -26.03 25.72 -14.68
C ALA B 343 -25.33 24.49 -14.16
N GLY B 344 -24.05 24.63 -13.79
CA GLY B 344 -23.25 23.51 -13.35
C GLY B 344 -22.75 22.55 -14.43
N ILE B 345 -22.62 23.02 -15.68
CA ILE B 345 -22.15 22.19 -16.81
C ILE B 345 -20.86 22.75 -17.39
N ALA B 346 -19.78 22.02 -17.14
CA ALA B 346 -18.49 22.36 -17.74
C ALA B 346 -18.56 21.99 -19.26
N SER B 347 -17.87 22.77 -20.05
CA SER B 347 -17.88 22.60 -21.50
C SER B 347 -16.56 23.11 -22.02
N ASN B 348 -16.33 22.90 -23.32
CA ASN B 348 -15.04 23.21 -23.90
C ASN B 348 -15.18 23.54 -25.35
N VAL B 349 -14.07 23.96 -25.95
CA VAL B 349 -14.00 24.28 -27.36
C VAL B 349 -12.83 23.54 -27.94
N HIS B 350 -13.13 22.70 -28.92
CA HIS B 350 -12.16 22.02 -29.76
C HIS B 350 -12.44 22.39 -31.22
N TYR B 351 -11.69 23.31 -31.82
CA TYR B 351 -10.56 24.02 -31.27
C TYR B 351 -10.44 25.40 -31.87
N LYS B 352 -9.76 26.31 -31.20
CA LYS B 352 -9.23 27.49 -31.89
C LYS B 352 -8.41 27.04 -33.09
N PRO B 353 -8.74 27.54 -34.30
CA PRO B 353 -7.86 27.17 -35.43
C PRO B 353 -6.43 27.66 -35.17
N LEU B 354 -5.44 26.90 -35.62
CA LEU B 354 -4.07 27.19 -35.24
C LEU B 354 -3.69 28.64 -35.52
N PRO B 355 -4.14 29.22 -36.66
CA PRO B 355 -3.78 30.60 -36.94
C PRO B 355 -4.32 31.64 -36.01
N LEU B 356 -5.30 31.32 -35.16
CA LEU B 356 -5.65 32.23 -34.07
C LEU B 356 -4.60 32.31 -32.94
N LEU B 357 -3.71 31.33 -32.86
CA LEU B 357 -2.76 31.20 -31.73
C LEU B 357 -1.52 32.04 -32.03
N THR B 358 -1.06 32.78 -31.03
CA THR B 358 0.10 33.69 -31.13
C THR B 358 1.33 33.03 -31.79
N ALA B 359 1.61 31.79 -31.42
CA ALA B 359 2.75 31.04 -31.92
C ALA B 359 2.72 30.89 -33.44
N TYR B 360 1.54 30.61 -33.97
CA TYR B 360 1.37 30.36 -35.39
C TYR B 360 1.19 31.66 -36.21
N LYS B 361 0.62 32.71 -35.61
CA LYS B 361 0.64 34.03 -36.25
C LYS B 361 2.07 34.46 -36.42
N ASN B 362 2.84 34.38 -35.34
CA ASN B 362 4.28 34.75 -35.42
C ASN B 362 5.08 34.00 -36.46
N LEU B 363 4.60 32.83 -36.89
CA LEU B 363 5.24 32.10 -37.95
C LEU B 363 4.63 32.42 -39.32
N GLY B 364 3.79 33.45 -39.38
CA GLY B 364 3.20 33.92 -40.63
C GLY B 364 1.87 33.31 -41.07
N PHE B 365 1.26 32.45 -40.27
CA PHE B 365 -0.05 31.88 -40.64
C PHE B 365 -1.15 32.91 -40.35
N ASP B 366 -2.10 33.07 -41.27
CA ASP B 366 -3.15 34.04 -41.15
C ASP B 366 -4.52 33.41 -41.29
N MET B 367 -5.37 33.70 -40.31
CA MET B 367 -6.70 33.12 -40.17
C MET B 367 -7.59 33.28 -41.39
N THR B 368 -7.44 34.40 -42.09
CA THR B 368 -8.28 34.67 -43.27
C THR B 368 -8.04 33.68 -44.42
N ASN B 369 -6.89 33.02 -44.43
CA ASN B 369 -6.65 31.92 -45.39
C ASN B 369 -7.40 30.61 -45.11
N TYR B 370 -8.04 30.49 -43.97
CA TYR B 370 -8.69 29.23 -43.54
C TYR B 370 -10.06 29.58 -43.01
N PRO B 371 -10.91 30.15 -43.88
CA PRO B 371 -12.24 30.56 -43.46
C PRO B 371 -13.14 29.44 -42.95
N LYS B 372 -12.99 28.23 -43.47
CA LYS B 372 -13.85 27.11 -43.01
C LYS B 372 -13.49 26.64 -41.60
N ALA B 373 -12.18 26.59 -41.32
CA ALA B 373 -11.68 26.30 -39.99
C ALA B 373 -12.23 27.29 -38.96
N TYR B 374 -12.15 28.58 -39.29
CA TYR B 374 -12.70 29.62 -38.45
C TYR B 374 -14.21 29.47 -38.22
N ALA B 375 -14.93 29.16 -39.29
CA ALA B 375 -16.37 28.91 -39.21
C ALA B 375 -16.75 27.69 -38.35
N PHE B 376 -15.98 26.62 -38.41
CA PHE B 376 -16.18 25.46 -37.52
C PHE B 376 -16.05 25.89 -36.06
N PHE B 377 -14.95 26.59 -35.75
CA PHE B 377 -14.64 27.05 -34.37
C PHE B 377 -15.66 28.01 -33.78
N GLU B 378 -16.13 28.94 -34.60
CA GLU B 378 -16.99 30.03 -34.14
C GLU B 378 -18.20 29.60 -33.31
N ASN B 379 -18.86 28.55 -33.74
CA ASN B 379 -20.06 28.09 -33.05
C ASN B 379 -19.95 26.68 -32.43
N GLU B 380 -18.73 26.23 -32.19
CA GLU B 380 -18.52 24.87 -31.69
C GLU B 380 -18.57 24.86 -30.18
N ILE B 381 -19.22 23.86 -29.60
CA ILE B 381 -19.21 23.65 -28.18
C ILE B 381 -19.10 22.17 -27.92
N THR B 382 -18.20 21.81 -27.02
CA THR B 382 -17.97 20.40 -26.70
C THR B 382 -18.60 20.15 -25.33
N LEU B 383 -19.48 19.15 -25.25
CA LEU B 383 -20.14 18.77 -24.03
C LEU B 383 -19.37 17.64 -23.41
N PRO B 384 -19.49 17.48 -22.08
CA PRO B 384 -18.89 16.38 -21.38
C PRO B 384 -19.22 15.05 -22.00
N LEU B 385 -18.20 14.26 -22.24
CA LEU B 385 -18.39 12.91 -22.68
C LEU B 385 -17.31 12.07 -22.04
N HIS B 386 -17.66 11.51 -20.90
CA HIS B 386 -16.76 10.64 -20.11
C HIS B 386 -17.61 9.61 -19.34
N THR B 387 -16.94 8.59 -18.81
CA THR B 387 -17.61 7.43 -18.18
C THR B 387 -17.96 7.59 -16.70
N LYS B 388 -17.84 8.78 -16.13
CA LYS B 388 -18.41 9.09 -14.83
C LYS B 388 -19.73 9.86 -14.92
N LEU B 389 -20.24 10.16 -16.10
CA LEU B 389 -21.54 10.83 -16.26
C LEU B 389 -22.66 9.85 -16.04
N SER B 390 -23.68 10.28 -15.28
CA SER B 390 -24.88 9.47 -15.05
C SER B 390 -25.86 9.80 -16.16
N ASP B 391 -26.79 8.89 -16.47
CA ASP B 391 -27.87 9.20 -17.44
C ASP B 391 -28.69 10.45 -17.14
N GLU B 392 -28.91 10.72 -15.86
CA GLU B 392 -29.59 11.93 -15.39
C GLU B 392 -28.82 13.21 -15.65
N GLU B 393 -27.50 13.14 -15.50
CA GLU B 393 -26.65 14.28 -15.82
C GLU B 393 -26.71 14.56 -17.32
N VAL B 394 -26.69 13.51 -18.13
CA VAL B 394 -26.81 13.69 -19.61
C VAL B 394 -28.15 14.34 -19.94
N ASP B 395 -29.24 13.75 -19.42
CA ASP B 395 -30.60 14.34 -19.54
C ASP B 395 -30.58 15.81 -19.19
N TYR B 396 -29.98 16.16 -18.06
CA TYR B 396 -29.88 17.54 -17.62
C TYR B 396 -29.11 18.41 -18.61
N ILE B 397 -28.00 17.89 -19.13
CA ILE B 397 -27.19 18.62 -20.13
C ILE B 397 -27.97 18.90 -21.40
N ILE B 398 -28.58 17.85 -21.94
CA ILE B 398 -29.45 17.96 -23.10
C ILE B 398 -30.49 19.08 -22.93
N GLU B 399 -31.27 19.00 -21.86
CA GLU B 399 -32.28 20.03 -21.62
C GLU B 399 -31.73 21.46 -21.38
N THR B 400 -30.74 21.59 -20.51
CA THR B 400 -30.18 22.90 -20.23
C THR B 400 -29.55 23.52 -21.48
N PHE B 401 -28.76 22.74 -22.22
CA PHE B 401 -28.09 23.24 -23.42
C PHE B 401 -29.10 23.79 -24.42
N LYS B 402 -30.20 23.04 -24.59
CA LYS B 402 -31.32 23.48 -25.44
C LYS B 402 -31.96 24.76 -24.92
N THR B 403 -32.31 24.80 -23.64
CA THR B 403 -32.90 26.02 -23.06
C THR B 403 -31.94 27.22 -23.09
N VAL B 404 -30.66 27.01 -22.78
CA VAL B 404 -29.65 28.10 -22.76
C VAL B 404 -29.35 28.66 -24.12
N SER B 405 -29.23 27.79 -25.12
CA SER B 405 -29.05 28.23 -26.51
C SER B 405 -30.18 29.15 -27.01
N GLU B 406 -31.43 28.67 -26.87
CA GLU B 406 -32.62 29.45 -27.22
C GLU B 406 -32.63 30.78 -26.43
N LYS B 407 -32.35 30.70 -25.13
CA LYS B 407 -32.25 31.89 -24.27
C LYS B 407 -31.26 32.93 -24.76
N VAL B 408 -30.09 32.51 -25.23
CA VAL B 408 -29.13 33.44 -25.82
C VAL B 408 -29.77 34.07 -27.07
N LEU B 409 -30.30 35.27 -26.84
CA LEU B 409 -31.34 35.92 -27.72
C LEU B 409 -31.47 37.46 -27.51
N THR B 410 -31.88 38.18 -28.55
CA THR B 410 -32.10 39.64 -28.46
C THR B 410 -33.30 40.16 -29.27
N TYR C 10 12.93 16.90 27.84
CA TYR C 10 12.80 15.42 27.89
C TYR C 10 11.41 14.94 28.16
N ASN C 11 11.07 13.79 27.63
CA ASN C 11 9.79 13.18 27.91
C ASN C 11 9.75 11.74 27.52
N ILE C 12 10.23 10.93 28.41
CA ILE C 12 10.54 9.58 28.11
C ILE C 12 9.32 8.69 28.31
N PRO C 13 8.86 8.06 27.15
CA PRO C 13 7.81 7.05 27.41
C PRO C 13 8.38 5.76 28.02
N PHE C 14 7.51 5.00 28.69
CA PHE C 14 7.86 3.76 29.38
C PHE C 14 8.13 2.60 28.47
N SER C 15 7.33 2.44 27.43
CA SER C 15 7.43 1.30 26.52
C SER C 15 6.72 1.57 25.16
N PRO C 16 7.24 2.51 24.36
CA PRO C 16 6.70 2.65 23.01
C PRO C 16 7.11 1.45 22.15
N PRO C 17 6.30 1.12 21.13
CA PRO C 17 6.57 0.03 20.23
C PRO C 17 7.71 0.39 19.24
N ASP C 18 8.51 -0.58 18.87
CA ASP C 18 9.62 -0.40 17.95
C ASP C 18 9.29 -1.07 16.60
N ILE C 19 8.67 -0.28 15.72
CA ILE C 19 8.18 -0.76 14.43
C ILE C 19 8.89 0.04 13.36
N THR C 20 9.37 -0.67 12.35
CA THR C 20 10.03 -0.06 11.20
C THR C 20 9.27 -0.40 9.93
N GLU C 21 9.74 0.11 8.80
CA GLU C 21 9.15 -0.16 7.50
C GLU C 21 9.20 -1.64 7.10
N ALA C 22 10.21 -2.37 7.49
CA ALA C 22 10.26 -3.81 7.18
C ALA C 22 9.01 -4.55 7.68
N GLU C 23 8.54 -4.20 8.88
CA GLU C 23 7.33 -4.79 9.47
C GLU C 23 6.11 -4.44 8.71
N ILE C 24 6.06 -3.18 8.26
CA ILE C 24 4.94 -2.62 7.54
C ILE C 24 4.83 -3.28 6.15
N THR C 25 5.94 -3.41 5.44
CA THR C 25 5.97 -4.08 4.12
C THR C 25 5.56 -5.59 4.22
N GLU C 26 5.89 -6.25 5.33
CA GLU C 26 5.50 -7.65 5.53
C GLU C 26 3.97 -7.78 5.77
N VAL C 27 3.41 -6.85 6.56
CA VAL C 27 1.99 -6.79 6.78
C VAL C 27 1.23 -6.41 5.53
N VAL C 28 1.68 -5.38 4.83
CA VAL C 28 1.10 -5.05 3.52
C VAL C 28 1.08 -6.23 2.58
N ASP C 29 2.14 -7.04 2.59
CA ASP C 29 2.25 -8.24 1.72
C ASP C 29 1.18 -9.28 2.04
N THR C 30 0.96 -9.49 3.35
CA THR C 30 -0.16 -10.31 3.84
C THR C 30 -1.51 -9.75 3.40
N LEU C 31 -1.63 -8.44 3.40
CA LEU C 31 -2.86 -7.81 3.10
C LEU C 31 -3.16 -7.82 1.63
N ARG C 32 -2.18 -8.13 0.80
CA ARG C 32 -2.40 -8.29 -0.61
C ARG C 32 -2.51 -9.75 -0.95
N SER C 33 -2.46 -10.65 0.01
CA SER C 33 -2.55 -12.07 -0.24
C SER C 33 -3.96 -12.63 -0.05
N GLY C 34 -4.15 -13.93 -0.23
CA GLY C 34 -5.45 -14.56 0.09
C GLY C 34 -5.62 -15.00 1.53
N TRP C 35 -4.61 -14.73 2.37
CA TRP C 35 -4.62 -15.18 3.75
C TRP C 35 -4.40 -13.99 4.67
N ILE C 36 -5.46 -13.43 5.22
CA ILE C 36 -5.35 -12.34 6.19
C ILE C 36 -5.51 -12.80 7.66
N THR C 37 -6.23 -13.89 7.91
CA THR C 37 -6.19 -14.54 9.26
C THR C 37 -5.21 -15.70 9.15
N THR C 38 -5.28 -16.69 10.03
CA THR C 38 -4.32 -17.79 10.07
C THR C 38 -4.03 -18.45 8.73
N GLY C 39 -2.75 -18.54 8.41
CA GLY C 39 -2.30 -19.00 7.08
C GLY C 39 -0.82 -19.33 7.04
N PRO C 40 -0.18 -19.16 5.87
CA PRO C 40 1.24 -19.61 5.73
C PRO C 40 2.25 -18.91 6.63
N LYS C 41 2.10 -17.61 6.85
CA LYS C 41 3.06 -16.87 7.70
C LYS C 41 3.00 -17.22 9.19
N THR C 42 1.82 -17.59 9.69
CA THR C 42 1.70 -18.05 11.07
C THR C 42 2.44 -19.37 11.18
N LYS C 43 2.26 -20.29 10.23
CA LYS C 43 2.97 -21.58 10.27
C LYS C 43 4.49 -21.35 10.20
N GLU C 44 4.92 -20.46 9.31
CA GLU C 44 6.33 -20.11 9.21
C GLU C 44 6.85 -19.49 10.52
N LEU C 45 6.09 -18.57 11.14
CA LEU C 45 6.47 -17.99 12.42
C LEU C 45 6.67 -19.06 13.46
N GLU C 46 5.72 -19.97 13.55
CA GLU C 46 5.78 -21.07 14.54
C GLU C 46 7.05 -21.91 14.31
N ARG C 47 7.33 -22.28 13.06
CA ARG C 47 8.56 -22.99 12.69
C ARG C 47 9.79 -22.24 13.16
N ARG C 48 9.90 -20.96 12.78
CA ARG C 48 11.09 -20.16 13.16
C ARG C 48 11.24 -19.92 14.67
N LEU C 49 10.13 -19.76 15.40
CA LEU C 49 10.21 -19.58 16.85
C LEU C 49 10.67 -20.86 17.50
N SER C 50 10.17 -22.00 17.00
CA SER C 50 10.60 -23.34 17.48
C SER C 50 12.11 -23.49 17.41
N LEU C 51 12.71 -22.99 16.33
CA LEU C 51 14.17 -23.07 16.14
C LEU C 51 14.85 -22.15 17.15
N TYR C 52 14.30 -20.96 17.32
CA TYR C 52 14.84 -19.99 18.24
C TYR C 52 14.78 -20.40 19.71
N THR C 53 13.75 -21.12 20.09
CA THR C 53 13.52 -21.54 21.50
C THR C 53 13.96 -22.98 21.72
N GLN C 54 14.41 -23.67 20.67
CA GLN C 54 14.87 -25.06 20.75
C GLN C 54 13.77 -25.99 21.24
N THR C 55 12.61 -25.81 20.64
CA THR C 55 11.48 -26.68 20.92
C THR C 55 11.03 -27.27 19.59
N PRO C 56 10.36 -28.45 19.63
CA PRO C 56 9.95 -29.09 18.37
C PRO C 56 8.82 -28.35 17.69
N LYS C 57 7.89 -27.80 18.46
CA LYS C 57 6.72 -27.16 17.87
C LYS C 57 6.31 -25.98 18.71
N THR C 58 5.64 -25.05 18.05
CA THR C 58 5.14 -23.83 18.70
C THR C 58 3.76 -23.52 18.15
N VAL C 59 2.84 -23.18 19.03
CA VAL C 59 1.49 -22.80 18.64
C VAL C 59 1.38 -21.27 18.84
N CYS C 60 1.17 -20.58 17.76
CA CYS C 60 0.96 -19.18 17.77
C CYS C 60 -0.53 -18.83 17.95
N LEU C 61 -0.78 -17.94 18.89
CA LEU C 61 -2.09 -17.46 19.31
C LEU C 61 -2.24 -15.93 19.39
N ASN C 62 -3.40 -15.48 19.85
CA ASN C 62 -3.73 -14.07 20.05
C ASN C 62 -3.27 -13.40 21.36
N SER C 63 -2.84 -14.21 22.31
CA SER C 63 -2.23 -13.74 23.53
C SER C 63 -1.47 -14.74 24.35
N ALA C 64 -0.64 -14.24 25.22
CA ALA C 64 0.01 -15.03 26.21
C ALA C 64 -1.01 -15.62 27.15
N THR C 65 -2.02 -14.83 27.50
CA THR C 65 -3.12 -15.27 28.34
C THR C 65 -3.81 -16.43 27.68
N ALA C 66 -4.14 -16.33 26.39
CA ALA C 66 -4.68 -17.46 25.67
C ALA C 66 -3.82 -18.70 25.73
N ALA C 67 -2.52 -18.55 25.55
CA ALA C 67 -1.62 -19.68 25.53
C ALA C 67 -1.59 -20.40 26.84
N LEU C 68 -1.37 -19.63 27.89
CA LEU C 68 -1.26 -20.17 29.25
C LEU C 68 -2.54 -20.93 29.61
N GLU C 69 -3.70 -20.33 29.32
CA GLU C 69 -4.97 -21.01 29.57
C GLU C 69 -5.13 -22.28 28.76
N LEU C 70 -4.70 -22.25 27.49
CA LEU C 70 -4.82 -23.43 26.67
C LEU C 70 -3.90 -24.56 27.16
N ILE C 71 -2.69 -24.23 27.67
CA ILE C 71 -1.81 -25.19 28.30
C ILE C 71 -2.57 -25.89 29.44
N LEU C 72 -3.14 -25.08 30.29
CA LEU C 72 -3.98 -25.56 31.31
C LEU C 72 -5.13 -26.50 30.80
N ARG C 73 -5.83 -26.10 29.75
CA ARG C 73 -6.86 -26.88 29.06
C ARG C 73 -6.43 -28.20 28.45
N VAL C 74 -5.28 -28.26 27.83
CA VAL C 74 -4.66 -29.50 27.39
C VAL C 74 -4.28 -30.49 28.51
N LEU C 75 -3.76 -29.97 29.62
CA LEU C 75 -3.46 -30.81 30.74
C LEU C 75 -4.76 -31.19 31.46
N GLU C 76 -5.85 -30.56 31.05
CA GLU C 76 -7.20 -30.76 31.58
C GLU C 76 -7.29 -30.44 33.07
N VAL C 77 -6.49 -29.47 33.50
CA VAL C 77 -6.54 -28.92 34.85
C VAL C 77 -7.93 -28.28 35.01
N GLY C 78 -8.61 -28.58 36.11
CA GLY C 78 -10.00 -28.22 36.29
C GLY C 78 -10.44 -28.18 37.72
N PRO C 79 -11.77 -28.13 37.94
CA PRO C 79 -12.27 -28.02 39.33
C PRO C 79 -11.68 -29.08 40.29
N GLY C 80 -11.31 -28.63 41.48
CA GLY C 80 -10.68 -29.48 42.49
C GLY C 80 -9.18 -29.64 42.38
N ASP C 81 -8.60 -29.20 41.26
CA ASP C 81 -7.15 -29.22 41.12
C ASP C 81 -6.61 -27.92 41.69
N GLU C 82 -5.33 -27.92 42.02
CA GLU C 82 -4.62 -26.73 42.47
C GLU C 82 -3.46 -26.41 41.53
N VAL C 83 -3.21 -25.11 41.38
CA VAL C 83 -2.15 -24.63 40.53
C VAL C 83 -1.43 -23.61 41.34
N ILE C 84 -0.10 -23.76 41.42
CA ILE C 84 0.73 -22.86 42.22
C ILE C 84 1.28 -21.69 41.38
N VAL C 85 1.11 -20.47 41.87
CA VAL C 85 1.71 -19.28 41.29
C VAL C 85 2.34 -18.47 42.39
N PRO C 86 3.33 -17.64 42.04
CA PRO C 86 3.90 -16.77 43.04
C PRO C 86 2.95 -15.68 43.33
N ALA C 87 3.02 -15.15 44.54
CA ALA C 87 2.26 -13.97 44.99
C ALA C 87 2.69 -12.67 44.29
N MET C 88 3.94 -12.63 43.83
CA MET C 88 4.51 -11.52 43.07
C MET C 88 4.46 -11.85 41.56
N THR C 89 3.34 -11.56 40.90
CA THR C 89 3.29 -11.78 39.47
C THR C 89 2.20 -10.94 38.88
N TYR C 90 2.08 -10.97 37.56
CA TYR C 90 0.99 -10.28 36.86
C TYR C 90 -0.27 -11.13 36.99
N THR C 91 -1.41 -10.42 37.05
CA THR C 91 -2.71 -11.05 37.18
C THR C 91 -2.95 -12.15 36.16
N ALA C 92 -2.50 -11.95 34.91
CA ALA C 92 -2.68 -12.96 33.84
C ALA C 92 -2.19 -14.41 34.19
N SER C 93 -1.08 -14.53 34.92
CA SER C 93 -0.56 -15.85 35.36
C SER C 93 -1.54 -16.57 36.24
N CYS C 94 -2.26 -15.82 37.06
CA CYS C 94 -3.26 -16.36 37.99
C CYS C 94 -4.68 -16.47 37.45
N SER C 95 -5.13 -15.47 36.71
CA SER C 95 -6.53 -15.43 36.16
C SER C 95 -6.95 -16.72 35.42
N VAL C 96 -6.03 -17.22 34.59
CA VAL C 96 -6.26 -18.43 33.79
C VAL C 96 -6.56 -19.69 34.67
N ILE C 97 -6.03 -19.72 35.90
CA ILE C 97 -6.31 -20.80 36.81
C ILE C 97 -7.78 -20.78 37.11
N THR C 98 -8.29 -19.58 37.40
CA THR C 98 -9.72 -19.45 37.75
C THR C 98 -10.61 -19.71 36.53
N HIS C 99 -10.11 -19.43 35.31
CA HIS C 99 -10.88 -19.67 34.09
C HIS C 99 -11.17 -21.13 33.85
N VAL C 100 -10.23 -22.00 34.17
CA VAL C 100 -10.47 -23.45 34.05
C VAL C 100 -11.18 -24.07 35.26
N GLY C 101 -11.56 -23.27 36.26
CA GLY C 101 -12.22 -23.76 37.46
C GLY C 101 -11.30 -24.35 38.51
N ALA C 102 -9.98 -24.30 38.31
CA ALA C 102 -9.00 -24.73 39.29
C ALA C 102 -8.87 -23.71 40.41
N THR C 103 -8.16 -24.09 41.46
CA THR C 103 -7.96 -23.30 42.69
C THR C 103 -6.52 -22.77 42.69
N PRO C 104 -6.34 -21.44 42.75
CA PRO C 104 -4.96 -20.93 42.77
C PRO C 104 -4.39 -21.07 44.19
N VAL C 105 -3.11 -21.41 44.25
CA VAL C 105 -2.36 -21.45 45.49
C VAL C 105 -1.20 -20.47 45.29
N MET C 106 -1.11 -19.50 46.18
CA MET C 106 -0.09 -18.49 46.09
C MET C 106 1.10 -18.85 46.99
N VAL C 107 2.31 -18.66 46.50
CA VAL C 107 3.51 -18.91 47.26
C VAL C 107 4.32 -17.62 47.37
N ASP C 108 4.66 -17.26 48.61
CA ASP C 108 5.53 -16.09 48.86
C ASP C 108 6.96 -16.26 48.28
N ILE C 109 7.66 -15.12 48.17
CA ILE C 109 8.91 -15.06 47.47
C ILE C 109 10.11 -14.96 48.42
N GLN C 110 11.31 -15.04 47.85
CA GLN C 110 12.53 -14.92 48.63
C GLN C 110 12.79 -13.44 49.00
N ALA C 111 13.78 -13.23 49.85
CA ALA C 111 14.09 -11.88 50.41
C ALA C 111 14.82 -10.93 49.43
N ASP C 112 15.59 -11.51 48.52
CA ASP C 112 16.51 -10.79 47.67
C ASP C 112 16.24 -11.07 46.20
N THR C 113 15.08 -11.63 45.88
CA THR C 113 14.68 -11.83 44.50
C THR C 113 13.16 -12.07 44.41
N PHE C 114 12.65 -11.99 43.18
CA PHE C 114 11.25 -12.15 42.87
C PHE C 114 10.85 -13.61 42.92
N GLU C 115 11.82 -14.52 42.80
CA GLU C 115 11.54 -15.95 42.71
C GLU C 115 10.79 -16.48 43.94
N MET C 116 9.93 -17.46 43.76
CA MET C 116 9.26 -18.08 44.91
C MET C 116 10.27 -18.65 45.90
N ASP C 117 9.91 -18.62 47.18
CA ASP C 117 10.65 -19.35 48.21
C ASP C 117 10.32 -20.83 47.93
N TYR C 118 11.36 -21.55 47.50
CA TYR C 118 11.23 -22.92 47.09
C TYR C 118 11.03 -23.91 48.26
N ASP C 119 11.31 -23.48 49.48
CA ASP C 119 10.89 -24.25 50.66
C ASP C 119 9.39 -24.12 50.85
N LEU C 120 8.88 -22.89 50.82
CA LEU C 120 7.42 -22.63 50.91
C LEU C 120 6.65 -23.30 49.76
N LEU C 121 7.27 -23.39 48.60
CA LEU C 121 6.72 -24.10 47.46
C LEU C 121 6.52 -25.59 47.77
N GLU C 122 7.56 -26.25 48.28
CA GLU C 122 7.43 -27.64 48.73
C GLU C 122 6.24 -27.79 49.68
N GLN C 123 6.19 -26.91 50.67
CA GLN C 123 5.15 -26.91 51.71
C GLN C 123 3.74 -26.65 51.18
N ALA C 124 3.65 -25.87 50.10
CA ALA C 124 2.39 -25.61 49.42
C ALA C 124 1.82 -26.83 48.65
N ILE C 125 2.72 -27.71 48.18
CA ILE C 125 2.32 -28.82 47.30
C ILE C 125 1.37 -29.76 48.04
N THR C 126 0.31 -30.22 47.35
CA THR C 126 -0.60 -31.25 47.87
C THR C 126 -0.90 -32.29 46.82
N GLU C 127 -1.71 -33.27 47.19
CA GLU C 127 -2.30 -34.22 46.25
C GLU C 127 -3.16 -33.57 45.13
N LYS C 128 -3.75 -32.42 45.40
CA LYS C 128 -4.42 -31.63 44.36
C LYS C 128 -3.49 -30.88 43.34
N THR C 129 -2.22 -30.71 43.67
CA THR C 129 -1.30 -29.88 42.88
C THR C 129 -1.00 -30.48 41.51
N LYS C 130 -1.41 -29.78 40.45
CA LYS C 130 -1.17 -30.26 39.09
C LYS C 130 -0.12 -29.51 38.33
N VAL C 131 0.03 -28.21 38.60
CA VAL C 131 0.90 -27.33 37.81
C VAL C 131 1.54 -26.28 38.73
N ILE C 132 2.79 -25.93 38.43
CA ILE C 132 3.45 -24.73 38.98
C ILE C 132 3.70 -23.79 37.81
N ILE C 133 3.31 -22.54 37.98
CA ILE C 133 3.57 -21.47 37.01
C ILE C 133 4.53 -20.46 37.57
N PRO C 134 5.84 -20.69 37.43
CA PRO C 134 6.75 -19.60 37.79
C PRO C 134 6.70 -18.49 36.75
N VAL C 135 7.06 -17.27 37.14
CA VAL C 135 7.17 -16.13 36.18
C VAL C 135 8.60 -15.76 36.01
N GLU C 136 9.01 -15.55 34.76
CA GLU C 136 10.36 -15.15 34.45
C GLU C 136 10.40 -13.62 34.36
N LEU C 137 10.36 -13.00 35.54
CA LEU C 137 10.15 -11.55 35.68
C LEU C 137 11.30 -10.76 35.13
N ALA C 138 10.99 -9.74 34.35
CA ALA C 138 11.90 -8.86 33.66
C ALA C 138 12.77 -9.52 32.60
N GLY C 139 12.56 -10.82 32.40
CA GLY C 139 13.40 -11.64 31.54
C GLY C 139 14.29 -12.62 32.27
N ILE C 140 14.29 -12.52 33.59
CA ILE C 140 15.19 -13.29 34.42
C ILE C 140 14.53 -14.64 34.65
N VAL C 141 15.17 -15.71 34.15
CA VAL C 141 14.60 -17.05 34.26
C VAL C 141 14.83 -17.58 35.67
N CYS C 142 13.86 -18.35 36.15
CA CYS C 142 13.88 -18.95 37.47
C CYS C 142 14.89 -20.08 37.62
N ASP C 143 15.06 -20.46 38.88
CA ASP C 143 15.96 -21.50 39.31
C ASP C 143 15.27 -22.84 39.03
N TYR C 144 15.36 -23.29 37.75
CA TYR C 144 14.69 -24.51 37.28
C TYR C 144 15.32 -25.84 37.78
N ASP C 145 16.63 -25.87 38.03
CA ASP C 145 17.20 -27.06 38.68
C ASP C 145 16.46 -27.32 39.99
N ARG C 146 16.36 -26.28 40.82
CA ARG C 146 15.60 -26.35 42.03
C ARG C 146 14.13 -26.77 41.81
N LEU C 147 13.42 -26.05 40.95
CA LEU C 147 12.00 -26.39 40.70
C LEU C 147 11.75 -27.85 40.33
N PHE C 148 12.56 -28.39 39.42
CA PHE C 148 12.44 -29.79 38.99
C PHE C 148 12.78 -30.77 40.14
N GLN C 149 13.73 -30.41 40.99
CA GLN C 149 14.02 -31.16 42.23
C GLN C 149 12.81 -31.20 43.16
N VAL C 150 12.11 -30.09 43.30
CA VAL C 150 10.88 -30.05 44.11
C VAL C 150 9.79 -31.01 43.63
N VAL C 151 9.52 -31.05 42.32
CA VAL C 151 8.36 -31.82 41.82
C VAL C 151 8.65 -33.32 41.82
N GLU C 152 9.90 -33.68 41.50
CA GLU C 152 10.40 -35.05 41.70
C GLU C 152 10.33 -35.48 43.16
N LYS C 153 10.73 -34.58 44.05
CA LYS C 153 10.70 -34.82 45.50
C LYS C 153 9.28 -35.05 46.05
N LYS C 154 8.29 -34.33 45.52
CA LYS C 154 6.91 -34.48 45.94
C LYS C 154 6.07 -35.39 45.01
N ARG C 155 6.73 -36.18 44.17
CA ARG C 155 6.10 -36.96 43.11
C ARG C 155 5.07 -37.98 43.59
N ASP C 156 5.22 -38.45 44.82
CA ASP C 156 4.22 -39.38 45.41
C ASP C 156 2.91 -38.71 45.82
N PHE C 157 2.94 -37.40 46.09
CA PHE C 157 1.70 -36.63 46.23
C PHE C 157 0.83 -36.63 44.96
N PHE C 158 1.46 -36.70 43.79
CA PHE C 158 0.75 -36.60 42.52
C PHE C 158 -0.08 -37.84 42.13
N THR C 159 -1.29 -37.60 41.63
CA THR C 159 -2.10 -38.63 40.94
C THR C 159 -2.72 -38.06 39.65
N ALA C 160 -2.48 -38.75 38.54
CA ALA C 160 -2.81 -38.27 37.20
C ALA C 160 -4.28 -38.49 36.83
N SER C 161 -5.07 -37.41 36.77
CA SER C 161 -6.47 -37.50 36.36
C SER C 161 -6.76 -36.99 34.93
N SER C 162 -5.81 -37.13 34.01
CA SER C 162 -6.08 -36.90 32.60
C SER C 162 -5.01 -37.55 31.75
N LYS C 163 -5.29 -37.65 30.45
CA LYS C 163 -4.33 -38.19 29.48
C LYS C 163 -2.93 -37.60 29.71
N TRP C 164 -2.79 -36.29 29.52
CA TRP C 164 -1.46 -35.68 29.57
C TRP C 164 -0.87 -35.67 30.96
N GLN C 165 -1.70 -35.64 31.99
CA GLN C 165 -1.17 -35.80 33.33
C GLN C 165 -0.61 -37.20 33.61
N LYS C 166 -0.99 -38.21 32.82
CA LYS C 166 -0.37 -39.55 32.87
C LYS C 166 0.98 -39.56 32.20
N ALA C 167 1.09 -38.85 31.07
CA ALA C 167 2.34 -38.75 30.32
C ALA C 167 3.46 -38.30 31.26
N PHE C 168 3.22 -37.18 31.93
CA PHE C 168 4.08 -36.75 33.05
C PHE C 168 3.51 -37.53 34.17
N ASN C 169 4.27 -37.96 35.15
CA ASN C 169 3.60 -38.54 36.31
C ASN C 169 3.95 -37.70 37.50
N ARG C 170 3.82 -36.40 37.29
CA ARG C 170 4.31 -35.41 38.22
C ARG C 170 3.62 -34.06 37.99
N ILE C 171 3.89 -33.13 38.88
CA ILE C 171 3.47 -31.75 38.70
C ILE C 171 4.16 -31.26 37.44
N VAL C 172 3.36 -30.70 36.53
CA VAL C 172 3.87 -30.08 35.32
C VAL C 172 4.31 -28.64 35.65
N ILE C 173 5.49 -28.25 35.19
CA ILE C 173 5.99 -26.86 35.36
C ILE C 173 5.73 -26.10 34.05
N VAL C 174 4.97 -25.00 34.13
CA VAL C 174 4.57 -24.20 32.97
C VAL C 174 5.09 -22.79 33.15
N SER C 175 6.08 -22.43 32.34
CA SER C 175 6.70 -21.14 32.45
C SER C 175 5.85 -20.01 31.86
N ASP C 176 5.51 -19.03 32.70
CA ASP C 176 5.10 -17.71 32.21
C ASP C 176 6.34 -16.91 31.76
N SER C 177 6.71 -17.06 30.51
CA SER C 177 7.82 -16.29 29.92
C SER C 177 7.30 -15.13 29.05
N ALA C 178 6.28 -14.44 29.53
CA ALA C 178 5.80 -13.24 28.82
C ALA C 178 6.95 -12.24 28.58
N HIS C 179 7.89 -12.20 29.50
CA HIS C 179 8.95 -11.24 29.45
C HIS C 179 10.24 -11.86 28.93
N ALA C 180 10.23 -13.14 28.60
CA ALA C 180 11.48 -13.89 28.55
C ALA C 180 11.78 -14.63 27.23
N LEU C 181 11.10 -14.26 26.14
CA LEU C 181 11.57 -14.68 24.82
C LEU C 181 13.05 -14.20 24.62
N GLY C 182 13.95 -15.14 24.38
CA GLY C 182 15.36 -14.84 24.29
C GLY C 182 16.21 -14.95 25.53
N SER C 183 15.62 -15.10 26.71
CA SER C 183 16.36 -15.32 27.92
C SER C 183 16.90 -16.74 27.89
N THR C 184 17.93 -16.99 28.69
CA THR C 184 18.58 -18.31 28.77
C THR C 184 18.91 -18.66 30.20
N TYR C 185 18.82 -19.94 30.51
CA TYR C 185 19.14 -20.49 31.82
C TYR C 185 20.11 -21.64 31.55
N LYS C 186 21.34 -21.49 32.05
CA LYS C 186 22.46 -22.42 31.86
C LYS C 186 22.70 -22.69 30.36
N GLY C 187 22.64 -21.61 29.57
CA GLY C 187 22.78 -21.64 28.14
C GLY C 187 21.61 -22.09 27.28
N GLN C 188 20.54 -22.64 27.87
CA GLN C 188 19.40 -23.14 27.10
C GLN C 188 18.34 -22.02 26.90
N PRO C 189 17.66 -21.98 25.74
CA PRO C 189 16.66 -20.95 25.58
C PRO C 189 15.44 -21.15 26.43
N SER C 190 14.84 -20.04 26.83
CA SER C 190 13.52 -20.07 27.44
C SER C 190 12.57 -20.66 26.44
N GLY C 191 11.74 -21.60 26.92
CA GLY C 191 10.88 -22.43 26.12
C GLY C 191 11.27 -23.89 26.16
N SER C 192 12.58 -24.14 26.33
CA SER C 192 13.13 -25.47 26.35
C SER C 192 13.45 -25.93 27.80
N ILE C 193 13.05 -25.13 28.80
CA ILE C 193 13.46 -25.38 30.17
C ILE C 193 12.30 -26.01 30.93
N ALA C 194 11.18 -25.27 31.05
CA ALA C 194 9.99 -25.79 31.74
C ALA C 194 9.23 -26.81 30.88
N ASP C 195 8.24 -27.49 31.45
CA ASP C 195 7.50 -28.49 30.65
C ASP C 195 6.71 -27.79 29.53
N PHE C 196 5.98 -26.73 29.88
CA PHE C 196 5.37 -25.85 28.85
C PHE C 196 5.78 -24.44 29.08
N THR C 197 5.72 -23.64 28.05
CA THR C 197 6.05 -22.23 28.19
C THR C 197 5.13 -21.40 27.32
N SER C 198 4.60 -20.31 27.86
CA SER C 198 3.86 -19.31 27.08
C SER C 198 4.63 -18.04 26.95
N PHE C 199 4.58 -17.45 25.78
CA PHE C 199 5.25 -16.17 25.50
C PHE C 199 4.23 -15.08 25.11
N SER C 200 4.56 -13.81 25.33
CA SER C 200 3.71 -12.69 24.97
C SER C 200 4.38 -11.82 23.92
N PHE C 201 3.60 -11.46 22.89
CA PHE C 201 4.04 -10.54 21.86
C PHE C 201 3.17 -9.27 21.90
N HIS C 202 2.70 -8.94 23.09
CA HIS C 202 1.91 -7.74 23.28
C HIS C 202 2.73 -6.49 22.91
N ALA C 203 2.04 -5.40 22.55
CA ALA C 203 2.69 -4.12 22.20
C ALA C 203 3.90 -3.69 23.02
N VAL C 204 3.82 -3.78 24.35
CA VAL C 204 4.89 -3.35 25.31
C VAL C 204 6.00 -4.36 25.60
N LYS C 205 5.89 -5.56 25.03
CA LYS C 205 6.85 -6.65 25.27
C LYS C 205 8.11 -6.47 24.36
N ASN C 206 9.17 -7.23 24.62
CA ASN C 206 10.43 -7.15 23.81
C ASN C 206 10.25 -7.41 22.33
N PHE C 207 9.42 -8.40 22.05
CA PHE C 207 9.09 -8.90 20.72
C PHE C 207 7.60 -8.69 20.61
N THR C 208 7.15 -7.90 19.65
CA THR C 208 5.74 -7.55 19.58
C THR C 208 5.04 -7.86 18.25
N THR C 209 3.78 -8.29 18.36
CA THR C 209 2.86 -8.38 17.24
C THR C 209 1.66 -7.46 17.45
N ALA C 210 1.85 -6.43 18.31
CA ALA C 210 0.81 -5.63 18.96
C ALA C 210 -0.09 -6.40 19.95
N GLU C 211 -0.74 -7.46 19.49
CA GLU C 211 -1.34 -8.47 20.35
C GLU C 211 -0.94 -9.82 19.80
N GLY C 212 -0.49 -10.72 20.70
CA GLY C 212 -0.15 -12.06 20.32
C GLY C 212 0.56 -12.81 21.42
N GLY C 213 0.82 -14.07 21.12
CA GLY C 213 1.70 -14.92 21.95
C GLY C 213 1.81 -16.34 21.42
N SER C 214 2.39 -17.21 22.24
CA SER C 214 2.59 -18.60 21.80
C SER C 214 2.68 -19.55 22.98
N ALA C 215 2.34 -20.80 22.72
CA ALA C 215 2.56 -21.91 23.63
C ALA C 215 3.58 -22.83 22.95
N THR C 216 4.52 -23.36 23.76
CA THR C 216 5.49 -24.35 23.30
C THR C 216 5.79 -25.28 24.48
N TRP C 217 6.59 -26.29 24.22
CA TRP C 217 6.92 -27.29 25.22
C TRP C 217 8.27 -27.91 24.91
N LYS C 218 9.03 -28.27 25.93
CA LYS C 218 10.32 -28.88 25.64
C LYS C 218 10.16 -30.32 25.14
N ALA C 219 11.17 -30.76 24.40
CA ALA C 219 11.25 -32.12 23.88
C ALA C 219 11.18 -33.06 25.05
N ASN C 220 10.26 -34.02 24.95
CA ASN C 220 10.06 -35.02 25.98
C ASN C 220 9.62 -36.30 25.28
N PRO C 221 10.34 -37.42 25.47
CA PRO C 221 9.96 -38.71 24.82
C PRO C 221 8.47 -39.10 24.91
N VAL C 222 7.83 -38.76 26.04
CA VAL C 222 6.43 -39.10 26.30
C VAL C 222 5.38 -38.24 25.54
N ILE C 223 5.81 -37.20 24.83
CA ILE C 223 4.87 -36.37 24.04
C ILE C 223 5.03 -36.57 22.53
N ASP C 224 3.94 -36.96 21.90
CA ASP C 224 3.84 -36.94 20.48
C ASP C 224 3.60 -35.47 20.16
N ASP C 225 4.55 -34.85 19.45
CA ASP C 225 4.53 -33.40 19.22
C ASP C 225 3.46 -32.93 18.26
N GLU C 226 3.23 -33.70 17.20
CA GLU C 226 2.16 -33.44 16.24
C GLU C 226 0.80 -33.55 16.90
N GLU C 227 0.63 -34.56 17.74
CA GLU C 227 -0.64 -34.78 18.43
C GLU C 227 -0.91 -33.62 19.39
N MET C 228 0.09 -33.24 20.18
CA MET C 228 0.02 -32.06 21.05
C MET C 228 -0.28 -30.78 20.25
N TYR C 229 0.39 -30.58 19.12
CA TYR C 229 0.07 -29.40 18.27
C TYR C 229 -1.38 -29.43 17.83
N LYS C 230 -1.85 -30.56 17.32
CA LYS C 230 -3.22 -30.68 16.83
C LYS C 230 -4.21 -30.31 17.95
N GLU C 231 -3.95 -30.82 19.15
CA GLU C 231 -4.80 -30.53 20.29
C GLU C 231 -4.91 -29.03 20.64
N PHE C 232 -3.77 -28.31 20.66
CA PHE C 232 -3.75 -26.85 20.81
C PHE C 232 -4.57 -26.16 19.68
N GLN C 233 -4.36 -26.61 18.44
CA GLN C 233 -5.03 -26.03 17.28
C GLN C 233 -6.53 -26.16 17.37
N ILE C 234 -6.96 -27.38 17.68
CA ILE C 234 -8.36 -27.69 17.87
C ILE C 234 -9.00 -26.78 18.88
N LEU C 235 -8.37 -26.63 20.06
CA LEU C 235 -8.92 -25.76 21.09
C LEU C 235 -8.93 -24.27 20.72
N SER C 236 -8.03 -23.82 19.84
CA SER C 236 -7.90 -22.39 19.45
C SER C 236 -8.90 -21.95 18.39
N LEU C 237 -9.52 -22.94 17.72
CA LEU C 237 -10.34 -22.69 16.55
C LEU C 237 -11.63 -23.51 16.73
N HIS C 238 -12.35 -23.21 17.81
CA HIS C 238 -13.72 -23.69 18.06
C HIS C 238 -13.88 -25.19 18.18
N GLY C 239 -12.78 -25.94 18.29
CA GLY C 239 -12.85 -27.39 18.35
C GLY C 239 -12.97 -28.06 17.01
N GLN C 240 -12.74 -27.32 15.96
CA GLN C 240 -13.06 -27.82 14.63
C GLN C 240 -12.05 -28.85 14.17
N THR C 241 -12.49 -29.93 13.53
CA THR C 241 -11.61 -30.89 12.87
C THR C 241 -12.11 -31.27 11.53
N LYS C 242 -11.24 -31.81 10.70
CA LYS C 242 -11.63 -32.36 9.41
C LYS C 242 -10.84 -33.64 9.21
N ASP C 243 -11.55 -34.68 8.78
CA ASP C 243 -10.95 -35.97 8.59
C ASP C 243 -10.11 -36.00 7.31
N ALA C 244 -9.29 -37.04 7.20
CA ALA C 244 -8.42 -37.22 6.01
C ALA C 244 -9.22 -37.19 4.72
N LEU C 245 -10.36 -37.87 4.71
CA LEU C 245 -11.21 -37.90 3.53
C LEU C 245 -11.65 -36.52 3.04
N ALA C 246 -12.22 -35.71 3.92
CA ALA C 246 -12.80 -34.40 3.52
C ALA C 246 -11.69 -33.45 3.02
N LYS C 247 -10.56 -33.44 3.72
CA LYS C 247 -9.36 -32.70 3.28
C LYS C 247 -8.89 -33.07 1.89
N MET C 248 -8.97 -34.35 1.53
CA MET C 248 -8.54 -34.79 0.18
C MET C 248 -9.50 -34.38 -0.90
N GLN C 249 -10.79 -34.37 -0.58
CA GLN C 249 -11.81 -33.99 -1.55
C GLN C 249 -11.63 -32.57 -2.04
N LEU C 250 -12.04 -32.36 -3.27
CA LEU C 250 -11.85 -31.06 -3.93
C LEU C 250 -12.63 -29.92 -3.23
N GLY C 251 -13.90 -30.16 -2.92
CA GLY C 251 -14.64 -29.33 -2.00
C GLY C 251 -14.47 -29.90 -0.60
N SER C 252 -13.68 -29.25 0.26
CA SER C 252 -13.42 -29.77 1.61
C SER C 252 -14.31 -29.10 2.68
N TRP C 253 -15.61 -28.99 2.42
CA TRP C 253 -16.51 -28.30 3.36
C TRP C 253 -16.71 -29.00 4.72
N GLU C 254 -16.86 -30.32 4.70
CA GLU C 254 -17.27 -31.08 5.88
C GLU C 254 -16.26 -30.98 7.10
N TYR C 255 -16.79 -30.65 8.28
CA TYR C 255 -15.99 -30.59 9.50
C TYR C 255 -16.80 -31.10 10.66
N ASP C 256 -16.14 -31.51 11.74
CA ASP C 256 -16.83 -31.85 12.97
C ASP C 256 -16.35 -30.88 14.06
N ILE C 257 -17.09 -30.80 15.15
CA ILE C 257 -16.65 -30.01 16.30
C ILE C 257 -16.58 -31.00 17.44
N VAL C 258 -15.36 -31.29 17.94
CA VAL C 258 -15.17 -32.33 18.94
C VAL C 258 -15.39 -31.84 20.38
N THR C 259 -15.29 -30.52 20.60
CA THR C 259 -15.49 -29.96 21.93
C THR C 259 -15.83 -28.47 21.72
N PRO C 260 -16.75 -27.89 22.52
CA PRO C 260 -17.13 -26.52 22.22
C PRO C 260 -16.05 -25.58 22.74
N ALA C 261 -15.03 -25.37 21.90
CA ALA C 261 -13.76 -24.73 22.32
C ALA C 261 -13.71 -23.23 21.96
N TYR C 262 -12.50 -22.67 21.75
CA TYR C 262 -12.20 -21.28 21.98
C TYR C 262 -11.83 -20.65 20.67
N LYS C 263 -11.34 -19.41 20.71
CA LYS C 263 -11.15 -18.62 19.52
C LYS C 263 -10.03 -17.68 19.81
N CYS C 264 -8.82 -18.16 19.52
CA CYS C 264 -7.62 -17.43 19.88
C CYS C 264 -6.48 -17.71 18.97
N ASN C 265 -6.78 -17.96 17.71
CA ASN C 265 -5.78 -18.13 16.66
C ASN C 265 -5.09 -16.82 16.34
N MET C 266 -3.88 -16.90 15.80
CA MET C 266 -3.12 -15.70 15.35
C MET C 266 -3.32 -15.47 13.84
N THR C 267 -3.52 -14.21 13.45
CA THR C 267 -3.69 -13.86 12.07
C THR C 267 -2.34 -13.72 11.43
N ASP C 268 -2.29 -13.83 10.11
CA ASP C 268 -1.04 -13.66 9.37
C ASP C 268 -0.58 -12.20 9.34
N ILE C 269 -1.44 -11.31 9.75
CA ILE C 269 -1.13 -9.91 9.95
C ILE C 269 -0.16 -9.81 11.13
N MET C 270 -0.54 -10.39 12.26
CA MET C 270 0.26 -10.44 13.43
C MET C 270 1.54 -11.18 13.22
N ALA C 271 1.44 -12.35 12.58
CA ALA C 271 2.56 -13.17 12.21
C ALA C 271 3.56 -12.51 11.28
N SER C 272 3.10 -11.61 10.41
CA SER C 272 3.99 -10.80 9.57
C SER C 272 4.91 -9.97 10.43
N LEU C 273 4.31 -9.29 11.41
CA LEU C 273 5.06 -8.48 12.37
C LEU C 273 6.10 -9.33 13.02
N GLY C 274 5.66 -10.47 13.53
CA GLY C 274 6.53 -11.42 14.19
C GLY C 274 7.72 -11.90 13.36
N LEU C 275 7.49 -12.19 12.09
CA LEU C 275 8.59 -12.66 11.24
C LEU C 275 9.71 -11.66 11.20
N VAL C 276 9.36 -10.39 11.00
CA VAL C 276 10.32 -9.29 10.91
C VAL C 276 10.99 -8.96 12.27
N GLN C 277 10.19 -8.86 13.33
CA GLN C 277 10.68 -8.72 14.70
C GLN C 277 11.74 -9.77 15.04
N LEU C 278 11.47 -11.01 14.66
CA LEU C 278 12.36 -12.13 14.94
C LEU C 278 13.67 -11.99 14.18
N ASP C 279 13.62 -11.44 12.97
CA ASP C 279 14.86 -11.11 12.23
C ASP C 279 15.66 -10.04 12.97
N ARG C 280 14.96 -8.98 13.38
CA ARG C 280 15.61 -7.87 14.04
C ARG C 280 15.94 -8.20 15.49
N TYR C 281 15.54 -9.37 16.01
CA TYR C 281 15.52 -9.56 17.47
C TYR C 281 16.88 -9.58 18.15
N PRO C 282 17.87 -10.32 17.58
CA PRO C 282 19.23 -10.30 18.18
C PRO C 282 19.77 -8.89 18.33
N SER C 283 19.53 -8.05 17.33
CA SER C 283 19.90 -6.62 17.42
C SER C 283 19.12 -5.82 18.52
N LEU C 284 17.85 -6.15 18.74
CA LEU C 284 17.06 -5.46 19.77
C LEU C 284 17.54 -5.88 21.15
N LEU C 285 17.76 -7.17 21.31
CA LEU C 285 18.39 -7.71 22.51
C LEU C 285 19.74 -7.05 22.90
N GLN C 286 20.60 -6.89 21.89
CA GLN C 286 21.93 -6.24 22.08
C GLN C 286 21.79 -4.84 22.60
N ARG C 287 20.94 -4.05 21.95
CA ARG C 287 20.64 -2.70 22.41
C ARG C 287 20.12 -2.63 23.86
N ARG C 288 19.26 -3.58 24.23
CA ARG C 288 18.74 -3.66 25.59
C ARG C 288 19.87 -4.06 26.57
N LYS C 289 20.81 -4.89 26.11
CA LYS C 289 22.05 -5.17 26.87
C LYS C 289 22.84 -3.86 27.11
N ASP C 290 23.02 -3.05 26.07
CA ASP C 290 23.78 -1.82 26.19
C ASP C 290 23.13 -0.84 27.15
N ILE C 291 21.81 -0.64 27.03
CA ILE C 291 21.07 0.21 27.99
C ILE C 291 21.17 -0.33 29.43
N VAL C 292 20.98 -1.63 29.63
CA VAL C 292 21.05 -2.18 30.98
C VAL C 292 22.42 -1.97 31.60
N ASP C 293 23.49 -2.13 30.81
CA ASP C 293 24.84 -1.96 31.33
C ASP C 293 25.13 -0.50 31.72
N ARG C 294 24.67 0.46 30.91
CA ARG C 294 24.79 1.88 31.22
C ARG C 294 24.05 2.21 32.49
N TYR C 295 22.80 1.76 32.61
CA TYR C 295 22.07 1.88 33.85
C TYR C 295 22.83 1.26 35.02
N ASP C 296 23.38 0.06 34.81
CA ASP C 296 24.02 -0.68 35.87
C ASP C 296 25.22 0.11 36.43
N SER C 297 26.08 0.59 35.52
CA SER C 297 27.19 1.47 35.95
C SER C 297 26.66 2.68 36.67
N GLY C 298 25.63 3.32 36.12
CA GLY C 298 25.05 4.50 36.76
C GLY C 298 24.64 4.35 38.21
N PHE C 299 24.06 3.22 38.56
CA PHE C 299 23.50 3.01 39.91
C PHE C 299 24.45 2.32 40.87
N ALA C 300 25.61 1.91 40.40
CA ALA C 300 26.57 1.21 41.25
C ALA C 300 27.01 2.14 42.33
N GLY C 301 27.06 1.64 43.56
CA GLY C 301 27.35 2.49 44.73
C GLY C 301 26.19 3.30 45.32
N SER C 302 25.08 3.43 44.59
CA SER C 302 23.90 4.17 45.07
C SER C 302 22.93 3.28 45.83
N ARG C 303 21.85 3.90 46.31
CA ARG C 303 20.76 3.18 47.00
C ARG C 303 19.77 2.51 46.03
N ILE C 304 19.91 2.76 44.75
CA ILE C 304 19.07 2.15 43.72
C ILE C 304 19.70 0.79 43.39
N HIS C 305 18.95 -0.30 43.65
CA HIS C 305 19.42 -1.68 43.47
C HIS C 305 18.61 -2.38 42.37
N PRO C 306 19.20 -2.54 41.18
CA PRO C 306 18.45 -3.19 40.14
C PRO C 306 18.45 -4.71 40.28
N LEU C 307 17.42 -5.38 39.79
CA LEU C 307 17.52 -6.80 39.56
C LEU C 307 18.62 -6.98 38.51
N ALA C 308 19.33 -8.10 38.64
CA ALA C 308 20.51 -8.41 37.87
C ALA C 308 20.10 -9.19 36.64
N HIS C 309 20.44 -8.67 35.44
CA HIS C 309 20.02 -9.33 34.21
C HIS C 309 21.06 -10.30 33.72
N LYS C 310 22.20 -10.30 34.39
CA LYS C 310 23.25 -11.23 34.09
C LYS C 310 23.66 -11.86 35.42
N THR C 311 23.39 -13.18 35.56
CA THR C 311 23.86 -14.00 36.71
C THR C 311 24.75 -15.13 36.19
N GLU C 312 25.18 -16.01 37.09
CA GLU C 312 25.96 -17.21 36.73
C GLU C 312 25.16 -18.19 35.92
N THR C 313 23.85 -18.28 36.21
CA THR C 313 22.91 -19.15 35.47
C THR C 313 22.08 -18.44 34.38
N VAL C 314 21.87 -17.13 34.48
CA VAL C 314 20.91 -16.47 33.60
C VAL C 314 21.56 -15.37 32.79
N GLU C 315 21.16 -15.34 31.53
CA GLU C 315 21.30 -14.19 30.67
C GLU C 315 19.84 -13.78 30.32
N SER C 316 19.37 -12.71 30.95
CA SER C 316 18.05 -12.21 30.68
C SER C 316 17.85 -11.59 29.30
N SER C 317 16.63 -11.71 28.78
CA SER C 317 16.18 -10.90 27.65
C SER C 317 16.18 -9.40 27.90
N ARG C 318 16.16 -8.97 29.17
CA ARG C 318 16.30 -7.56 29.56
C ARG C 318 15.10 -6.77 29.10
N HIS C 319 13.96 -7.24 29.59
CA HIS C 319 12.67 -6.70 29.26
C HIS C 319 12.29 -5.49 30.11
N LEU C 320 12.48 -5.60 31.43
CA LEU C 320 12.16 -4.54 32.40
C LEU C 320 13.37 -4.20 33.27
N TYR C 321 13.60 -2.91 33.50
CA TYR C 321 14.65 -2.52 34.43
C TYR C 321 14.02 -2.35 35.80
N ILE C 322 13.82 -3.49 36.45
CA ILE C 322 13.25 -3.50 37.79
C ILE C 322 14.33 -3.06 38.77
N THR C 323 14.00 -2.07 39.63
CA THR C 323 14.90 -1.59 40.66
C THR C 323 14.17 -1.60 41.98
N ARG C 324 14.93 -1.66 43.07
CA ARG C 324 14.37 -1.34 44.39
C ARG C 324 15.22 -0.32 45.06
N VAL C 325 14.60 0.65 45.73
CA VAL C 325 15.33 1.74 46.40
C VAL C 325 15.50 1.46 47.90
N GLU C 326 16.74 1.23 48.33
CA GLU C 326 17.09 0.91 49.73
C GLU C 326 16.50 1.96 50.67
N GLY C 327 15.77 1.48 51.68
CA GLY C 327 15.26 2.34 52.76
C GLY C 327 14.05 3.21 52.41
N ALA C 328 13.37 2.91 51.30
CA ALA C 328 12.15 3.62 50.89
C ALA C 328 10.95 2.86 51.42
N SER C 329 10.02 3.60 52.02
CA SER C 329 8.71 3.10 52.38
C SER C 329 7.76 3.21 51.18
N LEU C 330 6.53 2.74 51.37
CA LEU C 330 5.49 2.76 50.34
C LEU C 330 5.21 4.15 49.84
N GLU C 331 5.09 5.07 50.79
CA GLU C 331 4.76 6.47 50.52
C GLU C 331 5.90 7.11 49.77
N GLU C 332 7.11 6.86 50.24
CA GLU C 332 8.29 7.45 49.64
C GLU C 332 8.49 7.00 48.20
N ARG C 333 8.24 5.71 47.94
CA ARG C 333 8.32 5.17 46.61
C ARG C 333 7.32 5.87 45.70
N ASN C 334 6.09 6.03 46.18
CA ASN C 334 5.03 6.58 45.35
C ASN C 334 5.34 8.01 45.02
N LEU C 335 5.94 8.71 45.99
CA LEU C 335 6.40 10.09 45.78
C LEU C 335 7.56 10.16 44.81
N ILE C 336 8.49 9.19 44.87
CA ILE C 336 9.61 9.15 43.90
C ILE C 336 9.13 9.04 42.45
N ILE C 337 8.22 8.11 42.23
CA ILE C 337 7.61 7.93 40.92
C ILE C 337 6.96 9.21 40.40
N GLN C 338 6.24 9.94 41.26
CA GLN C 338 5.58 11.19 40.80
C GLN C 338 6.61 12.26 40.54
N GLU C 339 7.65 12.32 41.37
CA GLU C 339 8.77 13.21 41.09
C GLU C 339 9.49 12.84 39.78
N LEU C 340 9.57 11.54 39.46
CA LEU C 340 10.16 11.12 38.18
C LEU C 340 9.34 11.63 36.98
N ALA C 341 8.03 11.69 37.13
CA ALA C 341 7.16 12.10 36.03
C ALA C 341 7.27 13.61 35.85
N LYS C 342 7.36 14.34 36.96
CA LYS C 342 7.65 15.77 36.92
C LYS C 342 8.90 16.12 36.17
N ALA C 343 9.90 15.24 36.22
CA ALA C 343 11.14 15.37 35.42
C ALA C 343 11.08 14.81 33.99
N GLY C 344 9.87 14.45 33.53
CA GLY C 344 9.68 13.86 32.21
C GLY C 344 10.06 12.38 32.09
N ILE C 345 10.07 11.65 33.21
CA ILE C 345 10.44 10.20 33.19
C ILE C 345 9.26 9.32 33.63
N ALA C 346 8.73 8.58 32.67
CA ALA C 346 7.68 7.64 32.95
C ALA C 346 8.34 6.46 33.70
N SER C 347 7.59 5.87 34.59
CA SER C 347 8.07 4.74 35.37
C SER C 347 6.89 3.87 35.73
N ASN C 348 7.16 2.73 36.33
CA ASN C 348 6.13 1.80 36.60
C ASN C 348 6.45 0.96 37.83
N VAL C 349 5.49 0.13 38.23
CA VAL C 349 5.65 -0.79 39.35
C VAL C 349 5.26 -2.16 38.87
N HIS C 350 6.21 -3.10 38.98
CA HIS C 350 5.99 -4.52 38.72
C HIS C 350 6.44 -5.28 39.97
N TYR C 351 5.52 -5.73 40.82
CA TYR C 351 4.06 -5.60 40.66
C TYR C 351 3.40 -5.49 42.00
N LYS C 352 2.19 -4.97 42.07
CA LYS C 352 1.35 -5.17 43.23
C LYS C 352 1.23 -6.66 43.46
N PRO C 353 1.55 -7.15 44.68
CA PRO C 353 1.34 -8.56 44.89
C PRO C 353 -0.12 -8.89 44.63
N LEU C 354 -0.39 -10.06 44.08
CA LEU C 354 -1.75 -10.41 43.73
C LEU C 354 -2.70 -10.13 44.87
N PRO C 355 -2.33 -10.45 46.14
CA PRO C 355 -3.33 -10.24 47.23
C PRO C 355 -3.72 -8.80 47.52
N LEU C 356 -2.99 -7.83 46.99
CA LEU C 356 -3.48 -6.46 47.04
C LEU C 356 -4.63 -6.16 46.10
N LEU C 357 -4.86 -7.02 45.11
CA LEU C 357 -5.84 -6.76 44.05
C LEU C 357 -7.22 -7.25 44.49
N THR C 358 -8.24 -6.44 44.23
CA THR C 358 -9.66 -6.74 44.69
C THR C 358 -10.16 -8.12 44.34
N ALA C 359 -9.85 -8.57 43.12
CA ALA C 359 -10.19 -9.87 42.60
C ALA C 359 -9.68 -11.01 43.47
N TYR C 360 -8.43 -10.90 43.93
CA TYR C 360 -7.80 -11.97 44.73
C TYR C 360 -8.10 -11.87 46.22
N LYS C 361 -8.34 -10.66 46.75
CA LYS C 361 -8.92 -10.52 48.11
C LYS C 361 -10.26 -11.19 48.15
N ASN C 362 -11.12 -10.86 47.18
CA ASN C 362 -12.44 -11.51 47.11
C ASN C 362 -12.43 -13.02 47.03
N LEU C 363 -11.32 -13.61 46.60
CA LEU C 363 -11.18 -15.06 46.61
C LEU C 363 -10.53 -15.55 47.90
N GLY C 364 -10.37 -14.68 48.91
CA GLY C 364 -9.79 -15.05 50.20
C GLY C 364 -8.28 -14.98 50.39
N PHE C 365 -7.53 -14.48 49.39
CA PHE C 365 -6.09 -14.32 49.57
C PHE C 365 -5.84 -13.09 50.44
N ASP C 366 -4.89 -13.18 51.35
CA ASP C 366 -4.57 -12.09 52.27
C ASP C 366 -3.11 -11.75 52.24
N MET C 367 -2.84 -10.47 52.04
CA MET C 367 -1.48 -9.95 51.89
C MET C 367 -0.49 -10.31 53.04
N THR C 368 -1.01 -10.39 54.26
CA THR C 368 -0.16 -10.67 55.41
C THR C 368 0.48 -12.06 55.35
N ASN C 369 -0.09 -12.97 54.56
CA ASN C 369 0.52 -14.29 54.34
C ASN C 369 1.73 -14.30 53.42
N TYR C 370 2.00 -13.19 52.73
CA TYR C 370 3.06 -13.09 51.74
C TYR C 370 3.85 -11.83 52.03
N PRO C 371 4.48 -11.76 53.22
CA PRO C 371 5.23 -10.58 53.59
C PRO C 371 6.42 -10.23 52.69
N LYS C 372 7.08 -11.23 52.12
CA LYS C 372 8.22 -10.95 51.26
C LYS C 372 7.79 -10.33 49.92
N ALA C 373 6.71 -10.84 49.35
CA ALA C 373 6.10 -10.27 48.15
C ALA C 373 5.76 -8.81 48.35
N TYR C 374 5.12 -8.50 49.50
CA TYR C 374 4.81 -7.15 49.86
C TYR C 374 6.09 -6.26 49.96
N ALA C 375 7.12 -6.78 50.62
CA ALA C 375 8.36 -6.08 50.79
C ALA C 375 9.08 -5.82 49.47
N PHE C 376 9.00 -6.76 48.51
CA PHE C 376 9.53 -6.51 47.17
C PHE C 376 8.81 -5.35 46.50
N PHE C 377 7.48 -5.40 46.50
CA PHE C 377 6.62 -4.35 45.93
C PHE C 377 6.85 -2.95 46.51
N GLU C 378 6.98 -2.87 47.84
CA GLU C 378 6.97 -1.59 48.57
C GLU C 378 7.95 -0.54 48.01
N ASN C 379 9.14 -0.97 47.65
CA ASN C 379 10.16 -0.05 47.22
C ASN C 379 10.62 -0.29 45.80
N GLU C 380 9.81 -0.95 44.99
CA GLU C 380 10.20 -1.31 43.65
C GLU C 380 9.84 -0.17 42.71
N ILE C 381 10.74 0.17 41.80
CA ILE C 381 10.45 1.11 40.73
C ILE C 381 11.05 0.58 39.43
N THR C 382 10.26 0.58 38.38
CA THR C 382 10.72 0.05 37.10
C THR C 382 10.98 1.24 36.21
N LEU C 383 12.17 1.29 35.62
CA LEU C 383 12.55 2.40 34.76
C LEU C 383 12.32 1.95 33.34
N PRO C 384 12.17 2.88 32.39
CA PRO C 384 12.08 2.57 31.00
C PRO C 384 13.21 1.70 30.51
N LEU C 385 12.86 0.64 29.81
CA LEU C 385 13.83 -0.19 29.16
C LEU C 385 13.22 -0.67 27.88
N HIS C 386 13.53 0.07 26.80
CA HIS C 386 13.08 -0.23 25.44
C HIS C 386 14.04 0.34 24.41
N THR C 387 13.90 -0.10 23.17
CA THR C 387 14.90 0.17 22.11
C THR C 387 14.70 1.46 21.37
N LYS C 388 13.78 2.32 21.81
CA LYS C 388 13.75 3.73 21.37
C LYS C 388 14.45 4.74 22.32
N LEU C 389 15.02 4.28 23.45
CA LEU C 389 15.73 5.16 24.37
C LEU C 389 17.10 5.50 23.77
N SER C 390 17.47 6.77 23.86
CA SER C 390 18.80 7.21 23.47
C SER C 390 19.73 7.07 24.69
N ASP C 391 21.03 6.95 24.46
CA ASP C 391 21.99 6.98 25.57
C ASP C 391 21.91 8.21 26.48
N GLU C 392 21.59 9.37 25.91
CA GLU C 392 21.42 10.63 26.64
C GLU C 392 20.17 10.65 27.52
N GLU C 393 19.10 9.98 27.06
CA GLU C 393 17.92 9.79 27.90
C GLU C 393 18.25 8.88 29.07
N VAL C 394 19.02 7.81 28.82
CA VAL C 394 19.41 6.90 29.91
C VAL C 394 20.23 7.68 30.96
N ASP C 395 21.26 8.37 30.46
CA ASP C 395 22.09 9.25 31.31
C ASP C 395 21.21 10.18 32.17
N TYR C 396 20.23 10.83 31.53
CA TYR C 396 19.28 11.68 32.24
C TYR C 396 18.47 10.95 33.30
N ILE C 397 18.00 9.74 32.99
CA ILE C 397 17.25 8.94 33.96
C ILE C 397 18.11 8.59 35.15
N ILE C 398 19.30 8.06 34.88
CA ILE C 398 20.26 7.70 35.95
C ILE C 398 20.43 8.87 36.92
N GLU C 399 20.78 10.03 36.39
CA GLU C 399 21.05 11.17 37.25
C GLU C 399 19.81 11.68 38.00
N THR C 400 18.72 11.85 37.29
CA THR C 400 17.48 12.32 37.92
C THR C 400 17.02 11.36 39.00
N PHE C 401 16.98 10.06 38.68
CA PHE C 401 16.50 9.06 39.65
C PHE C 401 17.32 9.13 40.95
N LYS C 402 18.64 9.25 40.80
CA LYS C 402 19.57 9.40 41.93
C LYS C 402 19.31 10.67 42.72
N THR C 403 19.21 11.80 42.03
CA THR C 403 18.89 13.05 42.70
C THR C 403 17.52 13.01 43.38
N VAL C 404 16.49 12.48 42.68
CA VAL C 404 15.10 12.49 43.20
C VAL C 404 14.98 11.63 44.43
N SER C 405 15.61 10.45 44.39
CA SER C 405 15.60 9.53 45.54
C SER C 405 16.18 10.17 46.81
N GLU C 406 17.39 10.73 46.67
CA GLU C 406 18.07 11.46 47.77
C GLU C 406 17.21 12.64 48.26
N LYS C 407 16.66 13.39 47.31
CA LYS C 407 15.72 14.46 47.61
C LYS C 407 14.54 13.98 48.48
N VAL C 408 13.93 12.84 48.16
CA VAL C 408 12.81 12.30 48.96
C VAL C 408 13.27 11.78 50.36
N LEU C 409 16.20 10.69 50.57
CA LEU C 409 15.65 10.32 51.84
C LEU C 409 16.25 11.24 52.90
N THR C 410 15.66 12.42 53.09
CA THR C 410 16.32 13.53 53.83
C THR C 410 15.50 14.30 54.86
N LEU C 411 15.82 14.13 56.15
CA LEU C 411 15.35 15.05 57.17
C LEU C 411 16.27 15.06 58.40
N ASN D 9 -10.80 -22.02 -17.64
CA ASN D 9 -10.60 -22.17 -16.21
C ASN D 9 -11.19 -21.06 -15.33
N TYR D 10 -12.39 -21.28 -14.85
CA TYR D 10 -12.87 -20.55 -13.73
C TYR D 10 -12.41 -21.34 -12.53
N ASN D 11 -11.90 -20.67 -11.51
CA ASN D 11 -11.73 -21.25 -10.21
C ASN D 11 -12.16 -20.25 -9.23
N ILE D 12 -13.40 -20.36 -8.86
CA ILE D 12 -14.05 -19.35 -8.09
C ILE D 12 -13.93 -19.69 -6.62
N PRO D 13 -13.30 -18.80 -5.84
CA PRO D 13 -13.25 -19.07 -4.41
C PRO D 13 -14.59 -18.72 -3.72
N PHE D 14 -14.81 -19.30 -2.55
CA PHE D 14 -16.02 -19.10 -1.77
C PHE D 14 -16.16 -17.77 -1.04
N SER D 15 -15.04 -17.25 -0.54
CA SER D 15 -15.06 -16.00 0.24
C SER D 15 -13.64 -15.41 0.40
N PRO D 16 -13.03 -14.97 -0.71
CA PRO D 16 -11.78 -14.29 -0.55
C PRO D 16 -12.02 -12.97 0.15
N PRO D 17 -11.02 -12.48 0.89
CA PRO D 17 -11.14 -11.14 1.46
C PRO D 17 -11.08 -10.00 0.39
N ASP D 18 -11.81 -8.92 0.62
CA ASP D 18 -11.81 -7.74 -0.28
C ASP D 18 -11.04 -6.60 0.40
N ILE D 19 -9.75 -6.56 0.13
CA ILE D 19 -8.79 -5.60 0.73
C ILE D 19 -8.14 -4.79 -0.41
N THR D 20 -8.13 -3.49 -0.24
CA THR D 20 -7.57 -2.59 -1.21
C THR D 20 -6.45 -1.83 -0.54
N GLU D 21 -5.81 -0.94 -1.32
CA GLU D 21 -4.71 -0.12 -0.80
C GLU D 21 -5.12 0.84 0.28
N ALA D 22 -6.33 1.37 0.21
CA ALA D 22 -6.80 2.25 1.29
C ALA D 22 -6.63 1.59 2.67
N GLU D 23 -7.00 0.30 2.77
CA GLU D 23 -6.91 -0.45 4.05
C GLU D 23 -5.50 -0.58 4.49
N ILE D 24 -4.61 -0.81 3.52
CA ILE D 24 -3.19 -1.04 3.74
C ILE D 24 -2.53 0.23 4.24
N THR D 25 -2.86 1.37 3.62
CA THR D 25 -2.32 2.66 4.04
C THR D 25 -2.82 3.07 5.48
N GLU D 26 -4.02 2.66 5.85
CA GLU D 26 -4.57 2.98 7.18
C GLU D 26 -3.88 2.13 8.26
N VAL D 27 -3.60 0.88 7.94
CA VAL D 27 -2.84 0.01 8.81
C VAL D 27 -1.43 0.48 8.91
N VAL D 28 -0.79 0.75 7.78
CA VAL D 28 0.59 1.30 7.82
C VAL D 28 0.68 2.53 8.73
N ASP D 29 -0.34 3.37 8.69
CA ASP D 29 -0.38 4.59 9.47
C ASP D 29 -0.39 4.31 10.96
N THR D 30 -1.22 3.32 11.34
CA THR D 30 -1.24 2.80 12.72
C THR D 30 0.15 2.23 13.12
N LEU D 31 0.80 1.53 12.20
CA LEU D 31 2.14 0.95 12.49
C LEU D 31 3.26 1.95 12.64
N ARG D 32 3.06 3.19 12.18
CA ARG D 32 3.96 4.31 12.45
C ARG D 32 3.56 5.15 13.64
N SER D 33 2.42 4.88 14.26
CA SER D 33 1.96 5.65 15.40
C SER D 33 2.52 5.03 16.68
N GLY D 34 2.18 5.66 17.80
CA GLY D 34 2.50 5.08 19.11
C GLY D 34 1.49 4.08 19.63
N TRP D 35 0.45 3.81 18.85
CA TRP D 35 -0.61 2.95 19.28
C TRP D 35 -0.77 1.82 18.27
N ILE D 36 -0.24 0.64 18.56
CA ILE D 36 -0.43 -0.55 17.70
C ILE D 36 -1.48 -1.56 18.25
N THR D 37 -1.71 -1.57 19.55
CA THR D 37 -2.88 -2.27 20.14
C THR D 37 -3.94 -1.22 20.42
N THR D 38 -4.89 -1.49 21.33
CA THR D 38 -6.07 -0.62 21.54
C THR D 38 -5.70 0.84 21.78
N GLY D 39 -6.34 1.73 21.02
CA GLY D 39 -5.93 3.15 21.01
C GLY D 39 -6.98 4.01 20.31
N PRO D 40 -6.55 5.16 19.75
CA PRO D 40 -7.53 6.11 19.15
C PRO D 40 -8.42 5.57 18.01
N LYS D 41 -7.88 4.74 17.11
CA LYS D 41 -8.67 4.22 15.99
C LYS D 41 -9.73 3.19 16.38
N THR D 42 -9.49 2.40 17.43
CA THR D 42 -10.50 1.52 17.93
C THR D 42 -11.63 2.37 18.49
N LYS D 43 -11.32 3.42 19.25
CA LYS D 43 -12.39 4.26 19.84
C LYS D 43 -13.19 4.91 18.71
N GLU D 44 -12.48 5.39 17.69
CA GLU D 44 -13.12 6.00 16.52
C GLU D 44 -13.98 4.97 15.79
N LEU D 45 -13.48 3.74 15.63
CA LEU D 45 -14.30 2.69 14.98
C LEU D 45 -15.59 2.46 15.75
N GLU D 46 -15.48 2.36 17.07
CA GLU D 46 -16.65 2.10 17.93
C GLU D 46 -17.68 3.21 17.78
N ARG D 47 -17.22 4.45 17.83
CA ARG D 47 -18.06 5.61 17.56
C ARG D 47 -18.78 5.47 16.22
N ARG D 48 -18.03 5.27 15.13
CA ARG D 48 -18.64 5.22 13.79
C ARG D 48 -19.56 4.03 13.61
N LEU D 49 -19.26 2.89 14.23
CA LEU D 49 -20.18 1.70 14.14
C LEU D 49 -21.45 1.92 14.90
N SER D 50 -21.35 2.55 16.07
CA SER D 50 -22.54 3.02 16.83
C SER D 50 -23.51 3.88 16.00
N LEU D 51 -22.97 4.81 15.22
CA LEU D 51 -23.79 5.65 14.33
C LEU D 51 -24.42 4.78 13.25
N TYR D 52 -23.63 3.90 12.67
CA TYR D 52 -24.13 3.00 11.61
C TYR D 52 -25.21 2.02 12.02
N THR D 53 -25.13 1.51 13.24
CA THR D 53 -26.10 0.53 13.76
C THR D 53 -27.19 1.20 14.62
N GLN D 54 -27.11 2.52 14.80
CA GLN D 54 -28.06 3.28 15.64
C GLN D 54 -28.12 2.76 17.08
N THR D 55 -26.92 2.63 17.65
CA THR D 55 -26.77 2.29 19.04
C THR D 55 -25.94 3.36 19.71
N PRO D 56 -26.10 3.55 21.05
CA PRO D 56 -25.33 4.57 21.75
C PRO D 56 -23.85 4.25 21.88
N LYS D 57 -23.53 2.98 22.08
CA LYS D 57 -22.12 2.58 22.27
C LYS D 57 -21.85 1.21 21.67
N THR D 58 -20.59 0.98 21.33
CA THR D 58 -20.15 -0.25 20.70
C THR D 58 -18.80 -0.59 21.29
N VAL D 59 -18.62 -1.85 21.66
CA VAL D 59 -17.35 -2.33 22.18
C VAL D 59 -16.72 -3.19 21.07
N CYS D 60 -15.57 -2.78 20.60
CA CYS D 60 -14.84 -3.52 19.56
C CYS D 60 -13.91 -4.52 20.25
N LEU D 61 -14.01 -5.79 19.81
CA LEU D 61 -13.27 -6.91 20.41
C LEU D 61 -12.56 -7.73 19.30
N ASN D 62 -11.93 -8.84 19.72
CA ASN D 62 -11.10 -9.64 18.81
C ASN D 62 -11.83 -10.72 18.06
N SER D 63 -13.09 -10.93 18.41
CA SER D 63 -13.96 -11.87 17.71
C SER D 63 -15.43 -11.66 18.10
N ALA D 64 -16.34 -12.04 17.22
CA ALA D 64 -17.75 -12.15 17.60
C ALA D 64 -17.99 -13.22 18.69
N THR D 65 -17.18 -14.29 18.66
CA THR D 65 -17.22 -15.24 19.79
C THR D 65 -16.90 -14.56 21.12
N ALA D 66 -15.85 -13.79 21.17
CA ALA D 66 -15.54 -13.00 22.35
C ALA D 66 -16.72 -12.09 22.77
N ALA D 67 -17.34 -11.39 21.82
CA ALA D 67 -18.41 -10.45 22.13
C ALA D 67 -19.58 -11.11 22.73
N LEU D 68 -20.02 -12.15 22.06
CA LEU D 68 -21.16 -12.93 22.48
C LEU D 68 -20.92 -13.48 23.92
N GLU D 69 -19.76 -14.05 24.17
CA GLU D 69 -19.46 -14.54 25.49
C GLU D 69 -19.44 -13.44 26.54
N LEU D 70 -18.92 -12.27 26.20
CA LEU D 70 -18.85 -11.15 27.11
C LEU D 70 -20.21 -10.58 27.40
N ILE D 71 -21.10 -10.63 26.43
CA ILE D 71 -22.49 -10.32 26.65
C ILE D 71 -23.06 -11.21 27.77
N LEU D 72 -22.88 -12.49 27.63
CA LEU D 72 -23.36 -13.42 28.59
C LEU D 72 -22.71 -13.14 29.95
N ARG D 73 -21.42 -12.86 29.96
CA ARG D 73 -20.74 -12.59 31.20
C ARG D 73 -21.15 -11.32 31.88
N VAL D 74 -21.60 -10.36 31.09
CA VAL D 74 -22.13 -9.13 31.61
C VAL D 74 -23.53 -9.36 32.21
N LEU D 75 -24.34 -10.17 31.59
CA LEU D 75 -25.61 -10.54 32.13
C LEU D 75 -25.43 -11.51 33.31
N GLU D 76 -24.20 -11.97 33.50
CA GLU D 76 -23.78 -12.91 34.56
C GLU D 76 -24.50 -14.25 34.47
N VAL D 77 -24.81 -14.64 33.24
CA VAL D 77 -25.41 -15.89 32.93
C VAL D 77 -24.36 -16.94 33.31
N GLY D 78 -24.79 -17.99 34.01
CA GLY D 78 -23.86 -18.93 34.61
C GLY D 78 -24.49 -20.28 34.95
N PRO D 79 -23.80 -21.08 35.79
CA PRO D 79 -24.31 -22.42 36.09
C PRO D 79 -25.75 -22.42 36.59
N GLY D 80 -26.53 -23.36 36.08
CA GLY D 80 -27.95 -23.47 36.40
C GLY D 80 -28.90 -22.61 35.56
N ASP D 81 -28.35 -21.69 34.77
CA ASP D 81 -29.17 -20.90 33.86
C ASP D 81 -29.29 -21.67 32.57
N GLU D 82 -30.30 -21.32 31.80
CA GLU D 82 -30.46 -21.84 30.45
C GLU D 82 -30.43 -20.72 29.42
N VAL D 83 -29.88 -21.07 28.25
CA VAL D 83 -29.80 -20.13 27.13
C VAL D 83 -30.26 -20.85 25.91
N ILE D 84 -31.19 -20.22 25.19
CA ILE D 84 -31.80 -20.84 24.04
C ILE D 84 -31.11 -20.43 22.75
N VAL D 85 -30.77 -21.42 21.94
CA VAL D 85 -30.24 -21.23 20.61
C VAL D 85 -31.00 -22.11 19.64
N PRO D 86 -31.00 -21.74 18.36
CA PRO D 86 -31.57 -22.64 17.36
C PRO D 86 -30.63 -23.78 17.12
N ALA D 87 -31.21 -24.91 16.74
CA ALA D 87 -30.47 -26.11 16.37
C ALA D 87 -29.67 -25.91 15.07
N MET D 88 -30.14 -24.98 14.21
CA MET D 88 -29.52 -24.62 12.95
C MET D 88 -28.71 -23.34 13.13
N THR D 89 -27.47 -23.48 13.55
CA THR D 89 -26.63 -22.30 13.70
C THR D 89 -25.19 -22.72 13.72
N TYR D 90 -24.30 -21.72 13.76
CA TYR D 90 -22.85 -21.99 13.86
C TYR D 90 -22.51 -22.33 15.30
N THR D 91 -21.54 -23.23 15.47
CA THR D 91 -21.09 -23.68 16.77
C THR D 91 -20.81 -22.54 17.74
N ALA D 92 -20.23 -21.45 17.24
CA ALA D 92 -19.88 -20.28 18.09
C ALA D 92 -21.07 -19.69 18.90
N SER D 93 -22.27 -19.62 18.32
CA SER D 93 -23.45 -19.16 19.05
C SER D 93 -23.73 -20.02 20.29
N CYS D 94 -23.45 -21.31 20.21
CA CYS D 94 -23.70 -22.24 21.30
C CYS D 94 -22.52 -22.46 22.27
N SER D 95 -21.30 -22.55 21.74
CA SER D 95 -20.08 -22.81 22.57
C SER D 95 -19.96 -21.87 23.78
N VAL D 96 -20.19 -20.59 23.54
CA VAL D 96 -20.10 -19.55 24.57
C VAL D 96 -21.07 -19.80 25.76
N ILE D 97 -22.19 -20.47 25.51
CA ILE D 97 -23.12 -20.87 26.59
C ILE D 97 -22.41 -21.84 27.54
N THR D 98 -21.71 -22.80 26.97
CA THR D 98 -20.94 -23.76 27.77
C THR D 98 -19.71 -23.11 28.46
N HIS D 99 -19.14 -22.06 27.87
CA HIS D 99 -18.00 -21.39 28.47
C HIS D 99 -18.35 -20.69 29.76
N VAL D 100 -19.55 -20.15 29.87
CA VAL D 100 -19.98 -19.52 31.12
C VAL D 100 -20.60 -20.49 32.11
N GLY D 101 -20.61 -21.77 31.79
CA GLY D 101 -21.17 -22.80 32.67
C GLY D 101 -22.68 -22.92 32.61
N ALA D 102 -23.35 -22.15 31.73
CA ALA D 102 -24.78 -22.30 31.50
C ALA D 102 -25.09 -23.54 30.69
N THR D 103 -26.39 -23.84 30.58
CA THR D 103 -26.91 -25.02 29.87
C THR D 103 -27.55 -24.54 28.57
N PRO D 104 -27.06 -25.04 27.44
CA PRO D 104 -27.77 -24.73 26.20
C PRO D 104 -29.09 -25.52 26.02
N VAL D 105 -30.08 -24.86 25.43
CA VAL D 105 -31.36 -25.46 25.07
C VAL D 105 -31.52 -25.17 23.58
N MET D 106 -31.68 -26.22 22.83
CA MET D 106 -31.79 -26.10 21.40
C MET D 106 -33.25 -26.09 21.00
N VAL D 107 -33.59 -25.22 20.04
CA VAL D 107 -34.94 -25.16 19.50
C VAL D 107 -34.92 -25.45 17.99
N ASP D 108 -35.76 -26.41 17.55
CA ASP D 108 -35.94 -26.68 16.13
C ASP D 108 -36.57 -25.51 15.35
N ILE D 109 -36.40 -25.59 14.04
CA ILE D 109 -36.70 -24.48 13.14
C ILE D 109 -38.00 -24.71 12.37
N GLN D 110 -38.43 -23.68 11.64
CA GLN D 110 -39.62 -23.78 10.80
C GLN D 110 -39.34 -24.60 9.54
N ALA D 111 -40.42 -24.89 8.80
CA ALA D 111 -40.35 -25.76 7.57
C ALA D 111 -39.76 -25.08 6.31
N ASP D 112 -39.93 -23.75 6.22
CA ASP D 112 -39.58 -22.99 5.06
C ASP D 112 -38.61 -21.86 5.37
N THR D 113 -37.95 -21.92 6.52
CA THR D 113 -36.92 -20.95 6.84
C THR D 113 -36.03 -21.48 7.96
N PHE D 114 -34.92 -20.77 8.16
CA PHE D 114 -33.92 -21.10 9.16
C PHE D 114 -34.36 -20.67 10.55
N GLU D 115 -35.31 -19.74 10.64
CA GLU D 115 -35.74 -19.17 11.90
C GLU D 115 -36.30 -20.23 12.84
N MET D 116 -36.09 -20.08 14.12
CA MET D 116 -36.68 -21.05 15.07
C MET D 116 -38.21 -21.11 14.87
N ASP D 117 -38.79 -22.28 15.13
CA ASP D 117 -40.23 -22.40 15.36
C ASP D 117 -40.56 -21.72 16.70
N TYR D 118 -41.26 -20.60 16.60
CA TYR D 118 -41.51 -19.75 17.72
C TYR D 118 -42.55 -20.31 18.70
N ASP D 119 -43.30 -21.31 18.25
CA ASP D 119 -44.14 -22.06 19.18
C ASP D 119 -43.27 -22.95 20.05
N LEU D 120 -42.36 -23.69 19.41
CA LEU D 120 -41.40 -24.53 20.14
C LEU D 120 -40.51 -23.73 21.07
N LEU D 121 -40.19 -22.51 20.68
CA LEU D 121 -39.45 -21.60 21.52
C LEU D 121 -40.22 -21.30 22.82
N GLU D 122 -41.50 -20.91 22.70
CA GLU D 122 -42.32 -20.69 23.90
C GLU D 122 -42.24 -21.90 24.80
N GLN D 123 -42.44 -23.07 24.20
CA GLN D 123 -42.44 -24.36 24.91
C GLN D 123 -41.09 -24.73 25.58
N ALA D 124 -39.99 -24.28 24.97
CA ALA D 124 -38.66 -24.46 25.51
C ALA D 124 -38.38 -23.57 26.75
N ILE D 125 -39.06 -22.43 26.86
CA ILE D 125 -38.76 -21.47 27.92
C ILE D 125 -39.08 -22.06 29.30
N THR D 126 -38.20 -21.80 30.27
CA THR D 126 -38.42 -22.18 31.67
C THR D 126 -38.01 -21.07 32.62
N GLU D 127 -38.18 -21.32 33.90
CA GLU D 127 -37.69 -20.43 34.99
C GLU D 127 -36.16 -20.26 34.99
N LYS D 128 -35.44 -21.24 34.45
CA LYS D 128 -33.99 -21.08 34.19
C LYS D 128 -33.59 -20.17 32.99
N THR D 129 -34.53 -19.87 32.09
CA THR D 129 -34.20 -19.23 30.81
C THR D 129 -33.80 -17.78 31.01
N LYS D 130 -32.55 -17.47 30.68
CA LYS D 130 -32.05 -16.11 30.81
C LYS D 130 -31.91 -15.34 29.52
N VAL D 131 -31.59 -16.05 28.43
CA VAL D 131 -31.22 -15.43 27.16
C VAL D 131 -31.73 -16.31 26.00
N ILE D 132 -32.18 -15.64 24.93
CA ILE D 132 -32.37 -16.27 23.60
C ILE D 132 -31.38 -15.65 22.60
N ILE D 133 -30.67 -16.51 21.87
CA ILE D 133 -29.69 -16.11 20.87
C ILE D 133 -30.13 -16.52 19.48
N PRO D 134 -30.92 -15.69 18.83
CA PRO D 134 -31.29 -16.00 17.44
C PRO D 134 -30.12 -15.68 16.56
N VAL D 135 -30.02 -16.35 15.43
CA VAL D 135 -28.98 -16.09 14.45
C VAL D 135 -29.58 -15.45 13.23
N GLU D 136 -28.95 -14.39 12.74
CA GLU D 136 -29.43 -13.67 11.56
C GLU D 136 -28.69 -14.25 10.36
N LEU D 137 -29.11 -15.45 9.98
CA LEU D 137 -28.40 -16.28 9.01
C LEU D 137 -28.41 -15.67 7.64
N ALA D 138 -27.27 -15.65 7.00
CA ALA D 138 -27.03 -15.06 5.70
C ALA D 138 -27.21 -13.55 5.58
N GLY D 139 -27.53 -12.94 6.71
CA GLY D 139 -27.87 -11.53 6.77
C GLY D 139 -29.35 -11.27 7.02
N ILE D 140 -30.13 -12.34 7.01
CA ILE D 140 -31.58 -12.23 7.09
C ILE D 140 -31.93 -12.13 8.57
N VAL D 141 -32.48 -10.99 8.99
CA VAL D 141 -32.81 -10.73 10.39
C VAL D 141 -34.10 -11.45 10.73
N CYS D 142 -34.13 -11.94 11.96
CA CYS D 142 -35.26 -12.72 12.45
C CYS D 142 -36.52 -11.90 12.69
N ASP D 143 -37.58 -12.64 12.93
CA ASP D 143 -38.91 -12.09 13.21
C ASP D 143 -38.95 -11.59 14.68
N TYR D 144 -38.41 -10.38 14.90
CA TYR D 144 -38.22 -9.82 16.24
C TYR D 144 -39.51 -9.36 16.92
N ASP D 145 -40.50 -8.93 16.13
CA ASP D 145 -41.81 -8.63 16.70
C ASP D 145 -42.32 -9.86 17.44
N ARG D 146 -42.33 -10.99 16.74
CA ARG D 146 -42.63 -12.26 17.38
C ARG D 146 -41.75 -12.59 18.63
N LEU D 147 -40.41 -12.55 18.48
CA LEU D 147 -39.49 -12.90 19.59
C LEU D 147 -39.72 -12.07 20.87
N PHE D 148 -39.92 -10.76 20.72
CA PHE D 148 -40.27 -9.88 21.84
C PHE D 148 -41.65 -10.17 22.43
N GLN D 149 -42.59 -10.58 21.60
CA GLN D 149 -43.89 -11.07 22.09
C GLN D 149 -43.74 -12.33 22.97
N VAL D 150 -42.88 -13.25 22.55
CA VAL D 150 -42.64 -14.47 23.31
C VAL D 150 -42.09 -14.20 24.71
N VAL D 151 -41.12 -13.30 24.84
CA VAL D 151 -40.45 -13.11 26.13
C VAL D 151 -41.32 -12.32 27.12
N GLU D 152 -42.06 -11.33 26.61
CA GLU D 152 -43.13 -10.65 27.37
C GLU D 152 -44.19 -11.65 27.83
N LYS D 153 -44.58 -12.56 26.93
CA LYS D 153 -45.59 -13.58 27.20
C LYS D 153 -45.18 -14.56 28.30
N LYS D 154 -43.90 -14.92 28.33
CA LYS D 154 -43.36 -15.81 29.35
C LYS D 154 -42.63 -15.07 30.50
N ARG D 155 -42.90 -13.78 30.65
CA ARG D 155 -42.23 -12.90 31.60
C ARG D 155 -42.36 -13.29 33.07
N ASP D 156 -43.44 -14.00 33.42
CA ASP D 156 -43.63 -14.52 34.79
C ASP D 156 -42.74 -15.71 35.12
N PHE D 157 -42.32 -16.48 34.12
CA PHE D 157 -41.28 -17.50 34.30
C PHE D 157 -39.94 -16.92 34.78
N PHE D 158 -39.63 -15.69 34.37
CA PHE D 158 -38.33 -15.07 34.66
C PHE D 158 -38.13 -14.59 36.10
N THR D 159 -36.94 -14.86 36.64
CA THR D 159 -36.49 -14.24 37.88
C THR D 159 -35.05 -13.78 37.72
N ALA D 160 -34.81 -12.52 38.08
CA ALA D 160 -33.51 -11.83 37.87
C ALA D 160 -32.44 -12.10 38.94
N SER D 161 -31.41 -12.88 38.60
CA SER D 161 -30.37 -13.23 39.54
C SER D 161 -29.07 -12.51 39.26
N SER D 162 -29.14 -11.30 38.71
CA SER D 162 -27.96 -10.44 38.65
C SER D 162 -28.38 -9.02 38.40
N LYS D 163 -27.43 -8.10 38.57
CA LYS D 163 -27.64 -6.68 38.33
C LYS D 163 -28.37 -6.44 37.01
N TRP D 164 -27.75 -6.81 35.90
CA TRP D 164 -28.33 -6.50 34.58
C TRP D 164 -29.55 -7.30 34.26
N GLN D 165 -29.68 -8.50 34.82
CA GLN D 165 -30.94 -9.21 34.70
C GLN D 165 -32.12 -8.53 35.44
N LYS D 166 -31.84 -7.65 36.41
CA LYS D 166 -32.88 -6.82 37.06
C LYS D 166 -33.31 -5.70 36.16
N ALA D 167 -32.34 -5.09 35.48
CA ALA D 167 -32.60 -3.98 34.57
C ALA D 167 -33.69 -4.37 33.57
N PHE D 168 -33.44 -5.47 32.89
CA PHE D 168 -34.48 -6.14 32.11
C PHE D 168 -35.20 -6.93 33.15
N ASN D 169 -36.50 -7.16 33.05
CA ASN D 169 -37.09 -8.12 33.99
C ASN D 169 -37.69 -9.20 33.17
N ARG D 170 -36.90 -9.65 32.23
CA ARG D 170 -37.33 -10.61 31.26
C ARG D 170 -36.12 -11.35 30.64
N ILE D 171 -36.42 -12.32 29.80
CA ILE D 171 -35.41 -12.98 28.99
C ILE D 171 -34.81 -11.88 28.12
N VAL D 172 -33.49 -11.77 28.16
CA VAL D 172 -32.73 -10.90 27.27
C VAL D 172 -32.55 -11.58 25.89
N ILE D 173 -32.86 -10.85 24.82
CA ILE D 173 -32.62 -11.37 23.46
C ILE D 173 -31.29 -10.82 22.96
N VAL D 174 -30.37 -11.73 22.58
CA VAL D 174 -28.99 -11.35 22.14
C VAL D 174 -28.78 -11.83 20.73
N SER D 175 -28.73 -10.89 19.78
CA SER D 175 -28.61 -11.25 18.38
C SER D 175 -27.18 -11.67 17.98
N ASP D 176 -27.06 -12.89 17.47
CA ASP D 176 -25.90 -13.30 16.71
C ASP D 176 -26.03 -12.73 15.29
N SER D 177 -25.54 -11.51 15.11
CA SER D 177 -25.49 -10.88 13.82
C SER D 177 -24.08 -10.97 13.21
N ALA D 178 -23.42 -12.11 13.35
CA ALA D 178 -22.14 -12.32 12.65
C ALA D 178 -22.21 -12.05 11.12
N HIS D 179 -23.37 -12.34 10.53
CA HIS D 179 -23.58 -12.18 9.12
C HIS D 179 -24.37 -10.91 8.75
N ALA D 180 -24.75 -10.09 9.74
CA ALA D 180 -25.83 -9.14 9.52
C ALA D 180 -25.50 -7.69 9.78
N LEU D 181 -24.22 -7.35 9.85
CA LEU D 181 -23.85 -5.91 9.86
C LEU D 181 -24.42 -5.26 8.60
N GLY D 182 -25.28 -4.26 8.76
CA GLY D 182 -25.98 -3.64 7.62
C GLY D 182 -27.35 -4.15 7.22
N SER D 183 -27.81 -5.27 7.75
CA SER D 183 -29.13 -5.75 7.55
C SER D 183 -30.10 -4.89 8.34
N THR D 184 -31.36 -4.90 7.93
CA THR D 184 -32.41 -4.07 8.52
C THR D 184 -33.69 -4.86 8.65
N TYR D 185 -34.42 -4.58 9.72
CA TYR D 185 -35.69 -5.23 10.01
C TYR D 185 -36.67 -4.11 10.30
N LYS D 186 -37.67 -3.99 9.42
CA LYS D 186 -38.64 -2.90 9.45
C LYS D 186 -37.98 -1.54 9.45
N GLY D 187 -36.96 -1.42 8.59
CA GLY D 187 -36.15 -0.20 8.44
C GLY D 187 -35.07 0.11 9.47
N GLN D 188 -34.99 -0.63 10.58
CA GLN D 188 -34.03 -0.34 11.67
C GLN D 188 -32.76 -1.14 11.44
N PRO D 189 -31.59 -0.57 11.73
CA PRO D 189 -30.37 -1.38 11.58
C PRO D 189 -30.24 -2.52 12.57
N SER D 190 -29.63 -3.60 12.10
CA SER D 190 -29.20 -4.66 12.99
C SER D 190 -28.26 -4.07 13.99
N GLY D 191 -28.46 -4.44 15.25
CA GLY D 191 -27.78 -3.86 16.38
C GLY D 191 -28.73 -3.06 17.28
N SER D 192 -29.77 -2.49 16.66
CA SER D 192 -30.74 -1.66 17.35
C SER D 192 -32.06 -2.41 17.57
N ILE D 193 -32.07 -3.70 17.26
CA ILE D 193 -33.29 -4.47 17.30
C ILE D 193 -33.32 -5.32 18.57
N ALA D 194 -32.37 -6.26 18.70
CA ALA D 194 -32.33 -7.16 19.87
C ALA D 194 -31.79 -6.41 21.09
N ASP D 195 -31.81 -7.04 22.26
CA ASP D 195 -31.30 -6.32 23.46
C ASP D 195 -29.79 -6.10 23.38
N PHE D 196 -29.06 -7.16 23.04
CA PHE D 196 -27.65 -7.06 22.70
C PHE D 196 -27.43 -7.65 21.32
N THR D 197 -26.38 -7.20 20.65
CA THR D 197 -26.02 -7.77 19.38
C THR D 197 -24.52 -7.89 19.30
N SER D 198 -24.02 -9.03 18.85
CA SER D 198 -22.62 -9.25 18.47
C SER D 198 -22.45 -9.34 16.97
N PHE D 199 -21.39 -8.73 16.48
CA PHE D 199 -21.03 -8.76 15.06
C PHE D 199 -19.66 -9.44 14.87
N SER D 200 -19.46 -10.03 13.71
CA SER D 200 -18.16 -10.60 13.34
C SER D 200 -17.51 -9.85 12.15
N PHE D 201 -16.21 -9.59 12.28
CA PHE D 201 -15.39 -8.98 11.25
C PHE D 201 -14.29 -9.96 10.86
N HIS D 202 -14.60 -11.26 10.98
CA HIS D 202 -13.72 -12.30 10.56
C HIS D 202 -13.43 -12.17 9.02
N ALA D 203 -12.28 -12.67 8.59
CA ALA D 203 -11.87 -12.65 7.19
C ALA D 203 -12.93 -12.91 6.14
N VAL D 204 -13.76 -13.93 6.33
CA VAL D 204 -14.81 -14.35 5.36
C VAL D 204 -16.17 -13.58 5.47
N LYS D 205 -16.31 -12.68 6.44
CA LYS D 205 -17.54 -11.94 6.69
C LYS D 205 -17.64 -10.70 5.73
N ASN D 206 -18.82 -10.08 5.67
CA ASN D 206 -19.03 -8.92 4.76
C ASN D 206 -18.08 -7.77 4.99
N PHE D 207 -17.86 -7.49 6.26
CA PHE D 207 -17.06 -6.40 6.78
C PHE D 207 -15.97 -7.14 7.53
N THR D 208 -14.72 -6.99 7.14
CA THR D 208 -13.65 -7.73 7.79
C THR D 208 -12.52 -6.87 8.39
N THR D 209 -11.98 -7.37 9.50
CA THR D 209 -10.76 -6.93 10.08
C THR D 209 -9.78 -8.09 10.18
N ALA D 210 -9.95 -9.08 9.32
CA ALA D 210 -9.33 -10.42 9.38
C ALA D 210 -9.75 -11.27 10.58
N GLU D 211 -9.49 -10.75 11.80
CA GLU D 211 -10.14 -11.25 13.03
C GLU D 211 -10.65 -10.05 13.82
N GLY D 212 -11.89 -10.15 14.26
CA GLY D 212 -12.50 -9.09 15.04
C GLY D 212 -13.99 -9.25 15.20
N GLY D 213 -14.56 -8.34 15.99
CA GLY D 213 -15.99 -8.23 16.15
C GLY D 213 -16.39 -7.15 17.15
N SER D 214 -17.65 -7.12 17.50
CA SER D 214 -18.13 -6.10 18.40
C SER D 214 -19.34 -6.52 19.15
N ALA D 215 -19.53 -5.90 20.32
CA ALA D 215 -20.76 -6.03 21.07
C ALA D 215 -21.39 -4.65 21.09
N THR D 216 -22.73 -4.60 20.95
CA THR D 216 -23.51 -3.38 21.11
C THR D 216 -24.86 -3.75 21.70
N TRP D 217 -25.69 -2.74 21.95
CA TRP D 217 -26.98 -2.94 22.60
C TRP D 217 -27.90 -1.79 22.23
N LYS D 218 -29.20 -2.05 22.10
CA LYS D 218 -30.08 -0.96 21.73
C LYS D 218 -30.27 -0.02 22.90
N ALA D 219 -30.66 1.21 22.56
CA ALA D 219 -31.02 2.24 23.53
C ALA D 219 -32.15 1.72 24.37
N ASN D 220 -31.95 1.82 25.68
CA ASN D 220 -32.93 1.36 26.65
C ASN D 220 -32.78 2.24 27.88
N PRO D 221 -33.87 2.92 28.30
CA PRO D 221 -33.80 3.81 29.48
C PRO D 221 -33.14 3.21 30.74
N VAL D 222 -33.31 1.91 30.95
CA VAL D 222 -32.76 1.19 32.10
C VAL D 222 -31.24 0.92 32.06
N ILE D 223 -30.57 1.21 30.96
CA ILE D 223 -29.11 1.01 30.87
C ILE D 223 -28.36 2.35 30.87
N ASP D 224 -27.48 2.51 31.83
CA ASP D 224 -26.45 3.55 31.78
C ASP D 224 -25.38 3.05 30.78
N ASP D 225 -25.23 3.75 29.67
CA ASP D 225 -24.45 3.26 28.51
C ASP D 225 -22.95 3.28 28.77
N GLU D 226 -22.49 4.33 29.45
CA GLU D 226 -21.12 4.45 29.86
C GLU D 226 -20.76 3.34 30.83
N GLU D 227 -21.64 3.06 31.76
CA GLU D 227 -21.39 2.07 32.79
C GLU D 227 -21.33 0.68 32.14
N MET D 228 -22.27 0.37 31.24
CA MET D 228 -22.23 -0.85 30.38
C MET D 228 -20.95 -0.95 29.50
N TYR D 229 -20.55 0.13 28.86
CA TYR D 229 -19.27 0.16 28.14
C TYR D 229 -18.06 -0.13 29.05
N LYS D 230 -17.96 0.54 30.20
CA LYS D 230 -16.87 0.31 31.14
C LYS D 230 -16.83 -1.17 31.55
N GLU D 231 -17.99 -1.76 31.82
CA GLU D 231 -18.06 -3.19 32.20
C GLU D 231 -17.47 -4.14 31.14
N PHE D 232 -17.86 -3.92 29.88
CA PHE D 232 -17.31 -4.66 28.75
C PHE D 232 -15.79 -4.48 28.71
N GLN D 233 -15.33 -3.23 28.86
CA GLN D 233 -13.91 -2.90 28.77
C GLN D 233 -13.08 -3.58 29.81
N ILE D 234 -13.58 -3.49 31.06
CA ILE D 234 -13.01 -4.21 32.20
C ILE D 234 -12.85 -5.71 31.97
N LEU D 235 -13.89 -6.37 31.49
CA LEU D 235 -13.82 -7.79 31.18
C LEU D 235 -12.91 -8.18 30.00
N SER D 236 -12.69 -7.25 29.07
CA SER D 236 -11.88 -7.50 27.86
C SER D 236 -10.36 -7.31 28.09
N LEU D 237 -10.00 -6.67 29.20
CA LEU D 237 -8.63 -6.29 29.49
C LEU D 237 -8.27 -6.68 30.95
N HIS D 238 -8.38 -7.98 31.23
CA HIS D 238 -7.93 -8.63 32.50
C HIS D 238 -8.64 -8.16 33.76
N GLY D 239 -9.75 -7.41 33.64
CA GLY D 239 -10.41 -6.86 34.81
C GLY D 239 -9.79 -5.58 35.34
N GLN D 240 -8.93 -4.97 34.55
CA GLN D 240 -8.13 -3.85 35.06
C GLN D 240 -8.96 -2.59 35.18
N THR D 241 -8.81 -1.84 36.29
CA THR D 241 -9.41 -0.49 36.44
C THR D 241 -8.43 0.51 37.06
N GLY D 251 2.37 10.55 36.96
CA GLY D 251 2.55 9.09 37.06
C GLY D 251 1.31 8.27 37.46
N SER D 252 0.60 7.72 36.47
CA SER D 252 -0.66 7.00 36.73
C SER D 252 -0.45 5.48 36.77
N TRP D 253 0.55 5.02 37.51
CA TRP D 253 0.92 3.59 37.53
C TRP D 253 -0.14 2.68 38.16
N GLU D 254 -0.75 3.15 39.24
CA GLU D 254 -1.65 2.34 40.06
C GLU D 254 -2.93 1.83 39.33
N TYR D 255 -3.19 0.53 39.43
CA TYR D 255 -4.41 -0.05 38.91
C TYR D 255 -4.88 -1.14 39.84
N ASP D 256 -6.14 -1.53 39.75
CA ASP D 256 -6.67 -2.64 40.51
C ASP D 256 -7.19 -3.67 39.50
N ILE D 257 -7.37 -4.91 39.93
CA ILE D 257 -7.99 -5.91 39.11
C ILE D 257 -9.23 -6.32 39.89
N VAL D 258 -10.42 -6.02 39.37
CA VAL D 258 -11.66 -6.28 40.11
C VAL D 258 -12.16 -7.71 39.98
N THR D 259 -11.77 -8.40 38.91
CA THR D 259 -12.28 -9.75 38.64
C THR D 259 -11.28 -10.39 37.67
N PRO D 260 -10.91 -11.69 37.85
CA PRO D 260 -9.84 -12.22 37.02
C PRO D 260 -10.42 -12.49 35.64
N ALA D 261 -10.39 -11.45 34.81
CA ALA D 261 -11.13 -11.45 33.54
C ALA D 261 -10.27 -11.80 32.34
N TYR D 262 -10.65 -11.31 31.14
CA TYR D 262 -10.32 -11.96 29.86
C TYR D 262 -9.45 -11.04 29.07
N LYS D 263 -9.18 -11.39 27.81
CA LYS D 263 -8.16 -10.72 27.01
C LYS D 263 -8.65 -10.86 25.61
N CYS D 264 -9.46 -9.89 25.21
CA CYS D 264 -10.05 -9.91 23.88
C CYS D 264 -10.32 -8.54 23.32
N ASN D 265 -9.43 -7.62 23.65
CA ASN D 265 -9.45 -6.27 23.06
C ASN D 265 -9.08 -6.27 21.61
N MET D 266 -9.55 -5.27 20.89
CA MET D 266 -9.18 -5.10 19.48
C MET D 266 -7.96 -4.13 19.36
N THR D 267 -7.04 -4.45 18.45
CA THR D 267 -5.91 -3.60 18.19
C THR D 267 -6.28 -2.54 17.17
N ASP D 268 -5.51 -1.47 17.13
CA ASP D 268 -5.71 -0.37 16.19
C ASP D 268 -5.27 -0.78 14.80
N ILE D 269 -4.58 -1.92 14.75
CA ILE D 269 -4.34 -2.57 13.52
C ILE D 269 -5.65 -3.04 12.86
N MET D 270 -6.44 -3.78 13.60
CA MET D 270 -7.71 -4.27 13.13
C MET D 270 -8.67 -3.14 12.93
N ALA D 271 -8.75 -2.22 13.87
CA ALA D 271 -9.56 -1.04 13.75
C ALA D 271 -9.29 -0.21 12.45
N SER D 272 -8.05 -0.19 12.00
CA SER D 272 -7.61 0.48 10.79
C SER D 272 -8.32 -0.05 9.56
N LEU D 273 -8.29 -1.36 9.42
CA LEU D 273 -9.05 -2.11 8.47
C LEU D 273 -10.50 -1.75 8.55
N GLY D 274 -11.07 -1.86 9.75
CA GLY D 274 -12.47 -1.53 10.00
C GLY D 274 -12.91 -0.13 9.60
N LEU D 275 -12.09 0.87 9.88
CA LEU D 275 -12.44 2.21 9.48
C LEU D 275 -12.65 2.34 7.97
N VAL D 276 -11.71 1.77 7.21
CA VAL D 276 -11.75 1.82 5.77
C VAL D 276 -12.89 0.96 5.19
N GLN D 277 -13.06 -0.26 5.69
CA GLN D 277 -14.18 -1.14 5.29
C GLN D 277 -15.49 -0.45 5.45
N LEU D 278 -15.63 0.28 6.57
CA LEU D 278 -16.88 0.95 6.88
C LEU D 278 -17.15 2.06 5.88
N ASP D 279 -16.08 2.73 5.40
CA ASP D 279 -16.24 3.78 4.35
C ASP D 279 -16.67 3.15 3.07
N ARG D 280 -16.04 2.03 2.74
CA ARG D 280 -16.37 1.32 1.51
C ARG D 280 -17.68 0.51 1.64
N TYR D 281 -18.31 0.44 2.80
CA TYR D 281 -19.30 -0.61 3.05
C TYR D 281 -20.58 -0.47 2.25
N PRO D 282 -21.15 0.78 2.14
CA PRO D 282 -22.38 0.96 1.35
C PRO D 282 -22.18 0.47 -0.09
N SER D 283 -20.98 0.73 -0.65
CA SER D 283 -20.64 0.23 -1.99
C SER D 283 -20.51 -1.31 -2.05
N LEU D 284 -20.02 -1.94 -0.97
CA LEU D 284 -19.88 -3.40 -0.95
C LEU D 284 -21.25 -4.06 -0.86
N LEU D 285 -22.09 -3.53 0.02
CA LEU D 285 -23.49 -3.91 0.10
C LEU D 285 -24.25 -3.88 -1.25
N GLN D 286 -24.09 -2.76 -1.96
CA GLN D 286 -24.76 -2.55 -3.25
C GLN D 286 -24.34 -3.64 -4.25
N ARG D 287 -23.03 -3.87 -4.38
CA ARG D 287 -22.51 -4.96 -5.21
C ARG D 287 -23.07 -6.34 -4.86
N ARG D 288 -23.20 -6.61 -3.56
CA ARG D 288 -23.79 -7.86 -3.08
C ARG D 288 -25.33 -7.92 -3.39
N LYS D 289 -26.02 -6.78 -3.36
CA LYS D 289 -27.38 -6.66 -3.89
C LYS D 289 -27.45 -7.02 -5.40
N ASP D 290 -26.52 -6.48 -6.19
CA ASP D 290 -26.50 -6.77 -7.65
C ASP D 290 -26.26 -8.25 -7.93
N ILE D 291 -25.29 -8.85 -7.22
CA ILE D 291 -25.02 -10.30 -7.40
C ILE D 291 -26.27 -11.11 -6.99
N VAL D 292 -26.89 -10.77 -5.85
CA VAL D 292 -28.01 -11.59 -5.34
C VAL D 292 -29.18 -11.54 -6.31
N ASP D 293 -29.40 -10.38 -6.90
CA ASP D 293 -30.49 -10.24 -7.87
C ASP D 293 -30.25 -11.01 -9.18
N ARG D 294 -29.02 -10.99 -9.69
CA ARG D 294 -28.65 -11.80 -10.83
C ARG D 294 -28.87 -13.26 -10.51
N TYR D 295 -28.38 -13.72 -9.38
CA TYR D 295 -28.58 -15.12 -8.97
C TYR D 295 -30.07 -15.42 -8.92
N ASP D 296 -30.85 -14.50 -8.32
CA ASP D 296 -32.30 -14.71 -8.09
C ASP D 296 -33.01 -14.91 -9.41
N SER D 297 -32.72 -14.04 -10.35
CA SER D 297 -33.27 -14.24 -11.70
C SER D 297 -32.83 -15.57 -12.31
N GLY D 298 -31.55 -15.89 -12.22
CA GLY D 298 -31.05 -17.17 -12.74
C GLY D 298 -31.77 -18.42 -12.27
N PHE D 299 -32.14 -18.47 -10.99
CA PHE D 299 -32.71 -19.67 -10.42
C PHE D 299 -34.20 -19.70 -10.45
N ALA D 300 -34.84 -18.62 -10.85
CA ALA D 300 -36.31 -18.54 -10.86
C ALA D 300 -36.86 -19.60 -11.81
N GLY D 301 -37.89 -20.32 -11.38
CA GLY D 301 -38.42 -21.47 -12.14
C GLY D 301 -37.70 -22.81 -11.97
N SER D 302 -36.46 -22.80 -11.46
CA SER D 302 -35.67 -24.02 -11.28
C SER D 302 -35.94 -24.73 -9.93
N ARG D 303 -35.29 -25.85 -9.73
CA ARG D 303 -35.34 -26.58 -8.43
C ARG D 303 -34.42 -25.97 -7.33
N ILE D 304 -33.58 -24.99 -7.69
CA ILE D 304 -32.72 -24.33 -6.75
C ILE D 304 -33.49 -23.20 -6.09
N HIS D 305 -33.68 -23.28 -4.76
CA HIS D 305 -34.51 -22.32 -3.99
C HIS D 305 -33.67 -21.53 -3.00
N PRO D 306 -33.36 -20.27 -3.32
CA PRO D 306 -32.53 -19.51 -2.42
C PRO D 306 -33.34 -18.95 -1.25
N LEU D 307 -32.70 -18.77 -0.10
CA LEU D 307 -33.27 -17.92 0.92
C LEU D 307 -33.35 -16.51 0.33
N ALA D 308 -34.41 -15.80 0.73
CA ALA D 308 -34.79 -14.52 0.14
C ALA D 308 -34.10 -13.44 0.94
N HIS D 309 -33.33 -12.57 0.27
CA HIS D 309 -32.62 -11.53 0.96
C HIS D 309 -33.42 -10.27 1.03
N LYS D 310 -34.57 -10.26 0.35
CA LYS D 310 -35.47 -9.13 0.39
C LYS D 310 -36.85 -9.67 0.70
N THR D 311 -37.37 -9.32 1.89
CA THR D 311 -38.75 -9.63 2.30
C THR D 311 -39.48 -8.35 2.64
N GLU D 312 -40.73 -8.47 3.10
CA GLU D 312 -41.56 -7.31 3.49
C GLU D 312 -41.01 -6.61 4.72
N THR D 313 -40.40 -7.38 5.61
CA THR D 313 -39.74 -6.87 6.81
C THR D 313 -38.19 -6.72 6.73
N VAL D 314 -37.51 -7.49 5.89
CA VAL D 314 -36.08 -7.54 5.93
C VAL D 314 -35.46 -7.11 4.62
N GLU D 315 -34.38 -6.35 4.78
CA GLU D 315 -33.41 -6.11 3.74
C GLU D 315 -32.13 -6.68 4.30
N SER D 316 -31.77 -7.86 3.80
CA SER D 316 -30.52 -8.49 4.24
C SER D 316 -29.23 -7.73 3.82
N SER D 317 -28.19 -7.83 4.66
CA SER D 317 -26.84 -7.51 4.26
C SER D 317 -26.31 -8.34 3.09
N ARG D 318 -26.87 -9.53 2.87
CA ARG D 318 -26.56 -10.38 1.72
C ARG D 318 -25.14 -10.89 1.86
N HIS D 319 -24.96 -11.56 2.99
CA HIS D 319 -23.71 -12.19 3.33
C HIS D 319 -23.46 -13.56 2.65
N LEU D 320 -24.47 -14.44 2.67
CA LEU D 320 -24.40 -15.79 2.10
C LEU D 320 -25.54 -16.06 1.14
N TYR D 321 -25.21 -16.67 0.00
CA TYR D 321 -26.28 -17.10 -0.91
C TYR D 321 -26.68 -18.53 -0.56
N ILE D 322 -27.50 -18.64 0.46
CA ILE D 322 -27.98 -19.93 0.91
C ILE D 322 -29.06 -20.42 -0.06
N THR D 323 -28.90 -21.64 -0.57
CA THR D 323 -29.89 -22.28 -1.42
C THR D 323 -30.26 -23.63 -0.82
N ARG D 324 -31.47 -24.12 -1.15
CA ARG D 324 -31.77 -25.54 -1.00
C ARG D 324 -32.25 -26.08 -2.33
N VAL D 325 -31.80 -27.30 -2.67
CA VAL D 325 -32.17 -27.97 -3.93
C VAL D 325 -33.36 -28.92 -3.70
N GLU D 326 -34.51 -28.59 -4.28
CA GLU D 326 -35.71 -29.44 -4.19
C GLU D 326 -35.45 -30.88 -4.59
N GLY D 327 -35.86 -31.80 -3.72
CA GLY D 327 -35.81 -33.22 -4.03
C GLY D 327 -34.42 -33.85 -4.00
N ALA D 328 -33.44 -33.15 -3.40
CA ALA D 328 -32.09 -33.71 -3.17
C ALA D 328 -32.02 -34.37 -1.78
N SER D 329 -31.48 -35.57 -1.74
CA SER D 329 -31.12 -36.23 -0.50
C SER D 329 -29.72 -35.75 -0.04
N LEU D 330 -29.28 -36.24 1.13
CA LEU D 330 -27.96 -35.94 1.71
C LEU D 330 -26.81 -36.31 0.78
N GLU D 331 -26.88 -37.52 0.21
CA GLU D 331 -25.86 -38.03 -0.70
C GLU D 331 -25.82 -37.22 -1.98
N GLU D 332 -27.01 -36.90 -2.51
CA GLU D 332 -27.09 -36.13 -3.75
C GLU D 332 -26.53 -34.73 -3.61
N ARG D 333 -26.81 -34.10 -2.47
CA ARG D 333 -26.28 -32.78 -2.15
C ARG D 333 -24.76 -32.81 -2.08
N ASN D 334 -24.21 -33.79 -1.38
CA ASN D 334 -22.78 -33.90 -1.21
C ASN D 334 -22.11 -34.13 -2.53
N LEU D 335 -22.76 -34.91 -3.40
CA LEU D 335 -22.28 -35.11 -4.76
C LEU D 335 -22.33 -33.81 -5.58
N ILE D 336 -23.38 -33.01 -5.40
CA ILE D 336 -23.53 -31.77 -6.17
C ILE D 336 -22.39 -30.84 -5.86
N ILE D 337 -22.10 -30.69 -4.56
CA ILE D 337 -21.00 -29.86 -4.11
C ILE D 337 -19.66 -30.29 -4.72
N GLN D 338 -19.38 -31.61 -4.80
CA GLN D 338 -18.12 -32.11 -5.41
C GLN D 338 -18.12 -31.91 -6.91
N GLU D 339 -19.28 -32.11 -7.57
CA GLU D 339 -19.38 -31.73 -8.98
C GLU D 339 -19.19 -30.22 -9.22
N LEU D 340 -19.67 -29.38 -8.30
CA LEU D 340 -19.45 -27.92 -8.43
C LEU D 340 -17.94 -27.57 -8.39
N ALA D 341 -17.17 -28.30 -7.60
CA ALA D 341 -15.77 -28.01 -7.43
C ALA D 341 -15.03 -28.47 -8.68
N LYS D 342 -15.43 -29.62 -9.22
CA LYS D 342 -14.95 -30.07 -10.55
C LYS D 342 -15.15 -29.06 -11.67
N ALA D 343 -16.21 -28.26 -11.60
CA ALA D 343 -16.43 -27.15 -12.51
C ALA D 343 -15.77 -25.83 -12.10
N GLY D 344 -14.91 -25.86 -11.10
CA GLY D 344 -14.23 -24.69 -10.60
C GLY D 344 -15.07 -23.75 -9.71
N ILE D 345 -16.10 -24.28 -9.05
CA ILE D 345 -16.97 -23.49 -8.18
C ILE D 345 -16.92 -24.00 -6.75
N ALA D 346 -16.35 -23.17 -5.90
CA ALA D 346 -16.29 -23.48 -4.48
C ALA D 346 -17.71 -23.23 -3.89
N SER D 347 -18.06 -24.00 -2.89
CA SER D 347 -19.37 -23.93 -2.28
C SER D 347 -19.26 -24.41 -0.84
N ASN D 348 -20.35 -24.26 -0.08
CA ASN D 348 -20.30 -24.55 1.31
C ASN D 348 -21.63 -24.98 1.81
N VAL D 349 -21.68 -25.33 3.09
CA VAL D 349 -22.90 -25.77 3.74
C VAL D 349 -23.01 -25.00 5.03
N HIS D 350 -24.11 -24.27 5.17
CA HIS D 350 -24.49 -23.54 6.38
C HIS D 350 -25.89 -23.96 6.79
N TYR D 351 -26.04 -24.90 7.72
CA TYR D 351 -24.98 -25.53 8.51
C TYR D 351 -25.38 -26.96 8.90
N LYS D 352 -24.42 -27.79 9.27
CA LYS D 352 -24.73 -28.97 10.04
C LYS D 352 -25.51 -28.53 11.26
N PRO D 353 -26.69 -29.13 11.51
CA PRO D 353 -27.33 -28.79 12.77
C PRO D 353 -26.45 -29.16 13.93
N LEU D 354 -26.49 -28.35 14.99
CA LEU D 354 -25.56 -28.57 16.10
C LEU D 354 -25.54 -30.02 16.59
N PRO D 355 -26.71 -30.69 16.69
CA PRO D 355 -26.69 -32.06 17.17
C PRO D 355 -25.97 -33.06 16.32
N LEU D 356 -25.66 -32.74 15.05
CA LEU D 356 -24.77 -33.62 14.30
C LEU D 356 -23.32 -33.59 14.77
N LEU D 357 -22.94 -32.56 15.51
CA LEU D 357 -21.53 -32.32 15.87
C LEU D 357 -21.20 -33.11 17.15
N THR D 358 -20.04 -33.75 17.14
CA THR D 358 -19.60 -34.61 18.25
C THR D 358 -19.70 -33.93 19.63
N ALA D 359 -19.32 -32.65 19.69
CA ALA D 359 -19.35 -31.87 20.91
C ALA D 359 -20.77 -31.79 21.55
N TYR D 360 -21.78 -31.62 20.70
CA TYR D 360 -23.15 -31.46 21.17
C TYR D 360 -23.86 -32.83 21.39
N LYS D 361 -23.49 -33.88 20.64
CA LYS D 361 -23.97 -35.24 20.97
C LYS D 361 -23.46 -35.60 22.34
N ASN D 362 -22.16 -35.42 22.57
CA ASN D 362 -21.58 -35.70 23.91
C ASN D 362 -22.24 -34.97 25.07
N LEU D 363 -22.92 -33.87 24.79
CA LEU D 363 -23.65 -33.16 25.81
C LEU D 363 -25.12 -33.60 25.84
N GLY D 364 -25.46 -34.66 25.11
CA GLY D 364 -26.82 -35.23 25.13
C GLY D 364 -27.85 -34.72 24.12
N PHE D 365 -27.46 -33.83 23.21
CA PHE D 365 -28.38 -33.37 22.16
C PHE D 365 -28.51 -34.44 21.09
N ASP D 366 -29.72 -34.67 20.61
CA ASP D 366 -29.97 -35.72 19.63
C ASP D 366 -30.72 -35.17 18.44
N MET D 367 -30.17 -35.46 17.25
CA MET D 367 -30.67 -34.93 15.99
C MET D 367 -32.15 -35.21 15.74
N THR D 368 -32.65 -36.36 16.23
CA THR D 368 -34.02 -36.74 15.94
C THR D 368 -35.03 -35.79 16.59
N ASN D 369 -34.62 -35.06 17.61
CA ASN D 369 -35.48 -34.04 18.21
C ASN D 369 -35.62 -32.77 17.39
N TYR D 370 -34.83 -32.60 16.33
CA TYR D 370 -34.83 -31.37 15.53
C TYR D 370 -34.91 -31.78 14.05
N PRO D 371 -36.02 -32.43 13.67
CA PRO D 371 -36.16 -32.90 12.29
C PRO D 371 -36.18 -31.79 11.23
N LYS D 372 -36.72 -30.61 11.54
CA LYS D 372 -36.74 -29.51 10.55
C LYS D 372 -35.34 -28.95 10.28
N ALA D 373 -34.54 -28.83 11.34
CA ALA D 373 -33.16 -28.42 11.22
C ALA D 373 -32.39 -29.36 10.32
N TYR D 374 -32.56 -30.66 10.54
CA TYR D 374 -31.95 -31.69 9.72
C TYR D 374 -32.40 -31.57 8.28
N ALA D 375 -33.70 -31.37 8.08
CA ALA D 375 -34.24 -31.23 6.72
C ALA D 375 -33.71 -29.96 5.98
N PHE D 376 -33.52 -28.86 6.70
CA PHE D 376 -32.89 -27.66 6.11
C PHE D 376 -31.47 -28.00 5.63
N PHE D 377 -30.71 -28.65 6.49
CA PHE D 377 -29.32 -29.01 6.19
C PHE D 377 -29.14 -29.97 5.01
N GLU D 378 -30.00 -30.99 4.96
CA GLU D 378 -29.86 -32.10 4.02
C GLU D 378 -29.65 -31.68 2.57
N ASN D 379 -30.38 -30.69 2.13
CA ASN D 379 -30.31 -30.25 0.76
C ASN D 379 -29.82 -28.81 0.56
N GLU D 380 -29.14 -28.27 1.56
CA GLU D 380 -28.69 -26.88 1.51
C GLU D 380 -27.33 -26.78 0.82
N ILE D 381 -27.18 -25.79 -0.06
CA ILE D 381 -25.90 -25.51 -0.66
C ILE D 381 -25.73 -23.99 -0.69
N THR D 382 -24.56 -23.52 -0.27
CA THR D 382 -24.29 -22.11 -0.25
C THR D 382 -23.35 -21.82 -1.41
N LEU D 383 -23.74 -20.85 -2.24
CA LEU D 383 -22.94 -20.44 -3.36
C LEU D 383 -22.11 -19.24 -2.97
N PRO D 384 -20.99 -18.99 -3.69
CA PRO D 384 -20.16 -17.83 -3.45
C PRO D 384 -20.96 -16.55 -3.49
N LEU D 385 -20.81 -15.72 -2.47
CA LEU D 385 -21.40 -14.41 -2.48
C LEU D 385 -20.42 -13.50 -1.79
N HIS D 386 -19.59 -12.88 -2.62
CA HIS D 386 -18.61 -11.92 -2.18
C HIS D 386 -18.33 -10.90 -3.28
N THR D 387 -17.67 -9.80 -2.93
CA THR D 387 -17.49 -8.65 -3.84
C THR D 387 -16.29 -8.72 -4.80
N LYS D 388 -15.60 -9.87 -4.88
CA LYS D 388 -14.63 -10.13 -5.94
C LYS D 388 -15.21 -10.97 -7.09
N LEU D 389 -16.48 -11.36 -7.02
CA LEU D 389 -17.14 -12.11 -8.11
C LEU D 389 -17.46 -11.17 -9.26
N SER D 390 -17.17 -11.60 -10.48
CA SER D 390 -17.54 -10.86 -11.69
C SER D 390 -18.94 -11.32 -12.09
N ASP D 391 -19.67 -10.49 -12.83
CA ASP D 391 -20.97 -10.92 -13.39
C ASP D 391 -20.93 -12.18 -14.24
N GLU D 392 -19.84 -12.37 -15.00
CA GLU D 392 -19.61 -13.62 -15.77
C GLU D 392 -19.41 -14.87 -14.93
N GLU D 393 -18.73 -14.72 -13.79
CA GLU D 393 -18.59 -15.80 -12.85
C GLU D 393 -19.94 -16.16 -12.25
N VAL D 394 -20.75 -15.17 -11.91
CA VAL D 394 -22.13 -15.45 -11.40
C VAL D 394 -22.93 -16.19 -12.47
N ASP D 395 -22.95 -15.62 -13.68
CA ASP D 395 -23.60 -16.29 -14.85
C ASP D 395 -23.16 -17.75 -14.97
N TYR D 396 -21.86 -17.98 -14.90
CA TYR D 396 -21.31 -19.33 -14.94
C TYR D 396 -21.82 -20.20 -13.81
N ILE D 397 -21.87 -19.65 -12.59
CA ILE D 397 -22.36 -20.42 -11.41
C ILE D 397 -23.83 -20.81 -11.56
N ILE D 398 -24.66 -19.83 -11.90
CA ILE D 398 -26.06 -20.08 -12.22
C ILE D 398 -26.25 -21.22 -13.21
N GLU D 399 -25.61 -21.13 -14.37
CA GLU D 399 -25.75 -22.20 -15.37
C GLU D 399 -25.19 -23.58 -14.94
N THR D 400 -23.98 -23.60 -14.39
CA THR D 400 -23.38 -24.86 -13.96
C THR D 400 -24.19 -25.53 -12.85
N PHE D 401 -24.61 -24.75 -11.84
CA PHE D 401 -25.36 -25.27 -10.72
C PHE D 401 -26.65 -25.92 -11.17
N LYS D 402 -27.32 -25.25 -12.12
CA LYS D 402 -28.52 -25.80 -12.78
C LYS D 402 -28.22 -27.07 -13.56
N THR D 403 -27.22 -27.05 -14.41
CA THR D 403 -26.83 -28.29 -15.14
C THR D 403 -26.39 -29.44 -14.20
N VAL D 404 -25.59 -29.13 -13.17
CA VAL D 404 -25.04 -30.17 -12.26
C VAL D 404 -26.10 -30.81 -11.42
N SER D 405 -27.02 -29.99 -10.91
CA SER D 405 -28.15 -30.49 -10.16
C SER D 405 -29.01 -31.50 -10.97
N GLU D 406 -29.44 -31.09 -12.17
CA GLU D 406 -30.23 -31.94 -13.09
C GLU D 406 -29.43 -33.20 -13.42
N LYS D 407 -28.12 -33.04 -13.69
CA LYS D 407 -27.19 -34.17 -13.92
C LYS D 407 -27.10 -35.18 -12.78
N VAL D 408 -27.09 -34.71 -11.53
CA VAL D 408 -27.16 -35.62 -10.39
C VAL D 408 -28.53 -36.36 -10.42
N LEU D 409 -28.47 -37.60 -10.94
CA LEU D 409 -29.69 -38.31 -11.48
C LEU D 409 -29.73 -39.86 -11.53
N THR D 410 -30.97 -40.32 -11.44
CA THR D 410 -31.30 -41.60 -10.84
C THR D 410 -32.82 -41.82 -11.01
N LEU D 411 -32.17 -44.51 -12.78
CA LEU D 411 -30.93 -45.37 -12.75
C LEU D 411 -30.78 -46.17 -11.43
#